data_1BQS
# 
_entry.id   1BQS 
# 
_audit_conform.dict_name       mmcif_pdbx.dic 
_audit_conform.dict_version    5.398 
_audit_conform.dict_location   http://mmcif.pdb.org/dictionaries/ascii/mmcif_pdbx.dic 
# 
loop_
_database_2.database_id 
_database_2.database_code 
_database_2.pdbx_database_accession 
_database_2.pdbx_DOI 
PDB   1BQS         pdb_00001bqs 10.2210/pdb1bqs/pdb 
RCSB  RCSB007307   ?            ?                   
WWPDB D_1000007307 ?            ?                   
# 
loop_
_pdbx_audit_revision_history.ordinal 
_pdbx_audit_revision_history.data_content_type 
_pdbx_audit_revision_history.major_revision 
_pdbx_audit_revision_history.minor_revision 
_pdbx_audit_revision_history.revision_date 
1 'Structure model' 1 0 1999-08-13 
2 'Structure model' 1 1 2008-04-27 
3 'Structure model' 1 2 2011-07-13 
4 'Structure model' 2 0 2020-07-29 
5 'Structure model' 2 1 2023-12-27 
6 'Structure model' 2 2 2024-11-13 
# 
loop_
_pdbx_audit_revision_details.ordinal 
_pdbx_audit_revision_details.revision_ordinal 
_pdbx_audit_revision_details.data_content_type 
_pdbx_audit_revision_details.provider 
_pdbx_audit_revision_details.type 
_pdbx_audit_revision_details.description 
_pdbx_audit_revision_details.details 
1 1 'Structure model' repository 'Initial release' ?                          ? 
2 4 'Structure model' repository Remediation       'Carbohydrate remediation' ? 
# 
loop_
_pdbx_audit_revision_group.ordinal 
_pdbx_audit_revision_group.revision_ordinal 
_pdbx_audit_revision_group.data_content_type 
_pdbx_audit_revision_group.group 
1  2 'Structure model' 'Version format compliance' 
2  3 'Structure model' 'Version format compliance' 
3  4 'Structure model' Advisory                    
4  4 'Structure model' 'Atomic model'              
5  4 'Structure model' 'Data collection'           
6  4 'Structure model' 'Database references'       
7  4 'Structure model' 'Derived calculations'      
8  4 'Structure model' 'Non-polymer description'   
9  4 'Structure model' 'Structure summary'         
10 5 'Structure model' 'Data collection'           
11 5 'Structure model' 'Database references'       
12 5 'Structure model' 'Structure summary'         
13 6 'Structure model' 'Structure summary'         
# 
loop_
_pdbx_audit_revision_category.ordinal 
_pdbx_audit_revision_category.revision_ordinal 
_pdbx_audit_revision_category.data_content_type 
_pdbx_audit_revision_category.category 
1  4 'Structure model' atom_site                 
2  4 'Structure model' chem_comp                 
3  4 'Structure model' database_PDB_caveat       
4  4 'Structure model' entity                    
5  4 'Structure model' pdbx_chem_comp_identifier 
6  4 'Structure model' pdbx_entity_nonpoly       
7  4 'Structure model' pdbx_nonpoly_scheme       
8  4 'Structure model' pdbx_validate_chiral      
9  4 'Structure model' struct_conn               
10 4 'Structure model' struct_ref_seq_dif        
11 4 'Structure model' struct_site               
12 4 'Structure model' struct_site_gen           
13 5 'Structure model' chem_comp                 
14 5 'Structure model' chem_comp_atom            
15 5 'Structure model' chem_comp_bond            
16 5 'Structure model' database_2                
17 6 'Structure model' pdbx_entry_details        
18 6 'Structure model' pdbx_modification_feature 
# 
loop_
_pdbx_audit_revision_item.ordinal 
_pdbx_audit_revision_item.revision_ordinal 
_pdbx_audit_revision_item.data_content_type 
_pdbx_audit_revision_item.item 
1  4 'Structure model' '_atom_site.B_iso_or_equiv'                    
2  4 'Structure model' '_atom_site.Cartn_x'                           
3  4 'Structure model' '_atom_site.Cartn_y'                           
4  4 'Structure model' '_atom_site.Cartn_z'                           
5  4 'Structure model' '_atom_site.auth_atom_id'                      
6  4 'Structure model' '_atom_site.auth_comp_id'                      
7  4 'Structure model' '_atom_site.label_atom_id'                     
8  4 'Structure model' '_atom_site.label_comp_id'                     
9  4 'Structure model' '_atom_site.type_symbol'                       
10 4 'Structure model' '_chem_comp.id'                                
11 4 'Structure model' '_chem_comp.name'                              
12 4 'Structure model' '_chem_comp.type'                              
13 4 'Structure model' '_entity.pdbx_description'                     
14 4 'Structure model' '_pdbx_entity_nonpoly.comp_id'                 
15 4 'Structure model' '_pdbx_entity_nonpoly.name'                    
16 4 'Structure model' '_pdbx_nonpoly_scheme.mon_id'                  
17 4 'Structure model' '_pdbx_nonpoly_scheme.pdb_mon_id'              
18 4 'Structure model' '_struct_conn.pdbx_leaving_atom_flag'          
19 4 'Structure model' '_struct_conn.pdbx_role'                       
20 4 'Structure model' '_struct_conn.ptnr1_auth_comp_id'              
21 4 'Structure model' '_struct_conn.ptnr1_auth_seq_id'               
22 4 'Structure model' '_struct_conn.ptnr1_label_asym_id'             
23 4 'Structure model' '_struct_conn.ptnr1_label_atom_id'             
24 4 'Structure model' '_struct_conn.ptnr1_label_comp_id'             
25 4 'Structure model' '_struct_conn.ptnr1_label_seq_id'              
26 4 'Structure model' '_struct_conn.ptnr2_auth_comp_id'              
27 4 'Structure model' '_struct_conn.ptnr2_auth_seq_id'               
28 4 'Structure model' '_struct_conn.ptnr2_label_asym_id'             
29 4 'Structure model' '_struct_conn.ptnr2_label_atom_id'             
30 4 'Structure model' '_struct_conn.ptnr2_label_comp_id'             
31 4 'Structure model' '_struct_conn.ptnr2_label_seq_id'              
32 4 'Structure model' '_struct_ref_seq_dif.details'                  
33 5 'Structure model' '_chem_comp.pdbx_synonyms'                     
34 5 'Structure model' '_database_2.pdbx_DOI'                         
35 5 'Structure model' '_database_2.pdbx_database_accession'          
36 6 'Structure model' '_pdbx_entry_details.has_protein_modification' 
# 
_database_PDB_caveat.id     1 
_database_PDB_caveat.text   'NAG A 401 HAS WRONG CHIRALITY AT ATOM C1' 
# 
_pdbx_database_status.status_code                     REL 
_pdbx_database_status.entry_id                        1BQS 
_pdbx_database_status.recvd_initial_deposition_date   1998-08-18 
_pdbx_database_status.deposit_site                    BNL 
_pdbx_database_status.process_site                    RCSB 
_pdbx_database_status.status_code_sf                  REL 
_pdbx_database_status.SG_entry                        . 
_pdbx_database_status.pdb_format_compatible           Y 
_pdbx_database_status.status_code_mr                  ? 
_pdbx_database_status.status_code_cs                  ? 
_pdbx_database_status.status_code_nmr_data            ? 
_pdbx_database_status.methods_development_category    ? 
# 
loop_
_audit_author.name 
_audit_author.pdbx_ordinal 
'Tan, K.'          1 
'Casasnovas, J.M.' 2 
'Liu, J.H.'        3 
'Briskin, M.J.'    4 
'Springer, T.A.'   5 
'Wang, J.-H.'      6 
# 
loop_
_citation.id 
_citation.title 
_citation.journal_abbrev 
_citation.journal_volume 
_citation.page_first 
_citation.page_last 
_citation.year 
_citation.journal_id_ASTM 
_citation.country 
_citation.journal_id_ISSN 
_citation.journal_id_CSD 
_citation.book_publisher 
_citation.pdbx_database_id_PubMed 
_citation.pdbx_database_id_DOI 
primary 
'The structure of immunoglobulin superfamily domains 1 and 2 of MAdCAM-1 reveals novel features important for integrin recognition.' 
Structure               6   793  801  1998 STRUE6 UK 0969-2126 2005 ? 9655832 '10.1016/S0969-2126(98)00080-X' 
1       
;Human Mucosal Addressin Cell Adhesion Molecule-1(Ma Demonstrates Structural and Functional Similarities Alpha4Beta7-Integrin Binding Domains of Murine Madc But Extreme Divergence of Mucin-Like Sequence
;
J.Immunol.              156 2851 2857 1996 JOIMA3 US 0022-1767 0952 ? ?       ?                               
2       'Traffic Signals for Lymphocyte Recirculation and Le Emigration' 'Cell(Cambridge,Mass.)' 78  301  314  1994 CELLB5 US 
0092-8674 0998 ? ?       ?                               
# 
loop_
_citation_author.citation_id 
_citation_author.name 
_citation_author.ordinal 
_citation_author.identifier_ORCID 
primary 'Tan, K.'          1  ? 
primary 'Casasnovas, J.M.' 2  ? 
primary 'Liu, J.H.'        3  ? 
primary 'Briskin, M.J.'    4  ? 
primary 'Springer, T.A.'   5  ? 
primary 'Wang, J.H.'       6  ? 
1       'Shyjan, A.M.'     7  ? 
1       'Bertagnolli, M.'  8  ? 
1       'Kenney, C.J.'     9  ? 
1       'Briskin, M.J.'    10 ? 
2       'Springer, T.A.'   11 ? 
# 
loop_
_entity.id 
_entity.type 
_entity.src_method 
_entity.pdbx_description 
_entity.formula_weight 
_entity.pdbx_number_of_molecules 
_entity.pdbx_ec 
_entity.pdbx_mutation 
_entity.pdbx_fragment 
_entity.details 
1 polymer     nat 'PROTEIN (MUCOSAL ADDRESSIN CELL ADHESION MOLECULE-1)' 22118.039 1  ? ? 
'EXTRACELLULAR REGION WITH TWO IG-LIKE DOMAINS' ? 
2 non-polymer man 2-acetamido-2-deoxy-beta-D-glucopyranose               221.208   1  ? ? ? ? 
3 water       nat water                                                  18.015    79 ? ? ? ? 
# 
_entity_name_com.entity_id   1 
_entity_name_com.name        MADCAM-1 
# 
_entity_poly.entity_id                      1 
_entity_poly.type                           'polypeptide(L)' 
_entity_poly.nstd_linkage                   no 
_entity_poly.nstd_monomer                   no 
_entity_poly.pdbx_seq_one_letter_code       
;VKPLQVEPPEPVVAVALGASRQLTCRLACADRGASVQWRGLDTSLGAVQSDTGRSVLTVRNASLSAAGTRVCVGSCGGRT
FQHTVQLLVYAFPNQLTVSPAALVPGDPEVACTAHKVTPVDPNALSFSLLVGGQELEGAQALGPEVQEEEEEPQGDEDVL
FRVTERWRLPPLGTPVPPALYCQATMRLPGLELSHRQAIPVLHSPTSPE
;
_entity_poly.pdbx_seq_one_letter_code_can   
;VKPLQVEPPEPVVAVALGASRQLTCRLACADRGASVQWRGLDTSLGAVQSDTGRSVLTVRNASLSAAGTRVCVGSCGGRT
FQHTVQLLVYAFPNQLTVSPAALVPGDPEVACTAHKVTPVDPNALSFSLLVGGQELEGAQALGPEVQEEEEEPQGDEDVL
FRVTERWRLPPLGTPVPPALYCQATMRLPGLELSHRQAIPVLHSPTSPE
;
_entity_poly.pdbx_strand_id                 A 
_entity_poly.pdbx_target_identifier         ? 
# 
loop_
_pdbx_entity_nonpoly.entity_id 
_pdbx_entity_nonpoly.name 
_pdbx_entity_nonpoly.comp_id 
2 2-acetamido-2-deoxy-beta-D-glucopyranose NAG 
3 water                                    HOH 
# 
loop_
_entity_poly_seq.entity_id 
_entity_poly_seq.num 
_entity_poly_seq.mon_id 
_entity_poly_seq.hetero 
1 1   VAL n 
1 2   LYS n 
1 3   PRO n 
1 4   LEU n 
1 5   GLN n 
1 6   VAL n 
1 7   GLU n 
1 8   PRO n 
1 9   PRO n 
1 10  GLU n 
1 11  PRO n 
1 12  VAL n 
1 13  VAL n 
1 14  ALA n 
1 15  VAL n 
1 16  ALA n 
1 17  LEU n 
1 18  GLY n 
1 19  ALA n 
1 20  SER n 
1 21  ARG n 
1 22  GLN n 
1 23  LEU n 
1 24  THR n 
1 25  CYS n 
1 26  ARG n 
1 27  LEU n 
1 28  ALA n 
1 29  CYS n 
1 30  ALA n 
1 31  ASP n 
1 32  ARG n 
1 33  GLY n 
1 34  ALA n 
1 35  SER n 
1 36  VAL n 
1 37  GLN n 
1 38  TRP n 
1 39  ARG n 
1 40  GLY n 
1 41  LEU n 
1 42  ASP n 
1 43  THR n 
1 44  SER n 
1 45  LEU n 
1 46  GLY n 
1 47  ALA n 
1 48  VAL n 
1 49  GLN n 
1 50  SER n 
1 51  ASP n 
1 52  THR n 
1 53  GLY n 
1 54  ARG n 
1 55  SER n 
1 56  VAL n 
1 57  LEU n 
1 58  THR n 
1 59  VAL n 
1 60  ARG n 
1 61  ASN n 
1 62  ALA n 
1 63  SER n 
1 64  LEU n 
1 65  SER n 
1 66  ALA n 
1 67  ALA n 
1 68  GLY n 
1 69  THR n 
1 70  ARG n 
1 71  VAL n 
1 72  CYS n 
1 73  VAL n 
1 74  GLY n 
1 75  SER n 
1 76  CYS n 
1 77  GLY n 
1 78  GLY n 
1 79  ARG n 
1 80  THR n 
1 81  PHE n 
1 82  GLN n 
1 83  HIS n 
1 84  THR n 
1 85  VAL n 
1 86  GLN n 
1 87  LEU n 
1 88  LEU n 
1 89  VAL n 
1 90  TYR n 
1 91  ALA n 
1 92  PHE n 
1 93  PRO n 
1 94  ASN n 
1 95  GLN n 
1 96  LEU n 
1 97  THR n 
1 98  VAL n 
1 99  SER n 
1 100 PRO n 
1 101 ALA n 
1 102 ALA n 
1 103 LEU n 
1 104 VAL n 
1 105 PRO n 
1 106 GLY n 
1 107 ASP n 
1 108 PRO n 
1 109 GLU n 
1 110 VAL n 
1 111 ALA n 
1 112 CYS n 
1 113 THR n 
1 114 ALA n 
1 115 HIS n 
1 116 LYS n 
1 117 VAL n 
1 118 THR n 
1 119 PRO n 
1 120 VAL n 
1 121 ASP n 
1 122 PRO n 
1 123 ASN n 
1 124 ALA n 
1 125 LEU n 
1 126 SER n 
1 127 PHE n 
1 128 SER n 
1 129 LEU n 
1 130 LEU n 
1 131 VAL n 
1 132 GLY n 
1 133 GLY n 
1 134 GLN n 
1 135 GLU n 
1 136 LEU n 
1 137 GLU n 
1 138 GLY n 
1 139 ALA n 
1 140 GLN n 
1 141 ALA n 
1 142 LEU n 
1 143 GLY n 
1 144 PRO n 
1 145 GLU n 
1 146 VAL n 
1 147 GLN n 
1 148 GLU n 
1 149 GLU n 
1 150 GLU n 
1 151 GLU n 
1 152 GLU n 
1 153 PRO n 
1 154 GLN n 
1 155 GLY n 
1 156 ASP n 
1 157 GLU n 
1 158 ASP n 
1 159 VAL n 
1 160 LEU n 
1 161 PHE n 
1 162 ARG n 
1 163 VAL n 
1 164 THR n 
1 165 GLU n 
1 166 ARG n 
1 167 TRP n 
1 168 ARG n 
1 169 LEU n 
1 170 PRO n 
1 171 PRO n 
1 172 LEU n 
1 173 GLY n 
1 174 THR n 
1 175 PRO n 
1 176 VAL n 
1 177 PRO n 
1 178 PRO n 
1 179 ALA n 
1 180 LEU n 
1 181 TYR n 
1 182 CYS n 
1 183 GLN n 
1 184 ALA n 
1 185 THR n 
1 186 MET n 
1 187 ARG n 
1 188 LEU n 
1 189 PRO n 
1 190 GLY n 
1 191 LEU n 
1 192 GLU n 
1 193 LEU n 
1 194 SER n 
1 195 HIS n 
1 196 ARG n 
1 197 GLN n 
1 198 ALA n 
1 199 ILE n 
1 200 PRO n 
1 201 VAL n 
1 202 LEU n 
1 203 HIS n 
1 204 SER n 
1 205 PRO n 
1 206 THR n 
1 207 SER n 
1 208 PRO n 
1 209 GLU n 
# 
_entity_src_nat.entity_id                  1 
_entity_src_nat.pdbx_src_id                1 
_entity_src_nat.pdbx_alt_source_flag       sample 
_entity_src_nat.pdbx_beg_seq_num           ? 
_entity_src_nat.pdbx_end_seq_num           ? 
_entity_src_nat.common_name                human 
_entity_src_nat.pdbx_organism_scientific   'Homo sapiens' 
_entity_src_nat.pdbx_ncbi_taxonomy_id      9606 
_entity_src_nat.genus                      Homo 
_entity_src_nat.species                    ? 
_entity_src_nat.strain                     ? 
_entity_src_nat.tissue                     ? 
_entity_src_nat.tissue_fraction            ? 
_entity_src_nat.pdbx_secretion             ? 
_entity_src_nat.pdbx_fragment              ? 
_entity_src_nat.pdbx_variant               ? 
_entity_src_nat.pdbx_cell_line             ? 
_entity_src_nat.pdbx_atcc                  ? 
_entity_src_nat.pdbx_cellular_location     ? 
_entity_src_nat.pdbx_organ                 ? 
_entity_src_nat.pdbx_organelle             ? 
_entity_src_nat.pdbx_cell                  'HEMATOPOIETIC AND ENDOTHELIAL CELLS' 
_entity_src_nat.pdbx_plasmid_name          PBJ5-GS-MADCAM-1 
_entity_src_nat.pdbx_plasmid_details       ? 
_entity_src_nat.details                    ? 
# 
loop_
_chem_comp.id 
_chem_comp.type 
_chem_comp.mon_nstd_flag 
_chem_comp.name 
_chem_comp.pdbx_synonyms 
_chem_comp.formula 
_chem_comp.formula_weight 
ALA 'L-peptide linking'          y ALANINE                                  ? 'C3 H7 N O2'     89.093  
ARG 'L-peptide linking'          y ARGININE                                 ? 'C6 H15 N4 O2 1' 175.209 
ASN 'L-peptide linking'          y ASPARAGINE                               ? 'C4 H8 N2 O3'    132.118 
ASP 'L-peptide linking'          y 'ASPARTIC ACID'                          ? 'C4 H7 N O4'     133.103 
CYS 'L-peptide linking'          y CYSTEINE                                 ? 'C3 H7 N O2 S'   121.158 
GLN 'L-peptide linking'          y GLUTAMINE                                ? 'C5 H10 N2 O3'   146.144 
GLU 'L-peptide linking'          y 'GLUTAMIC ACID'                          ? 'C5 H9 N O4'     147.129 
GLY 'peptide linking'            y GLYCINE                                  ? 'C2 H5 N O2'     75.067  
HIS 'L-peptide linking'          y HISTIDINE                                ? 'C6 H10 N3 O2 1' 156.162 
HOH non-polymer                  . WATER                                    ? 'H2 O'           18.015  
ILE 'L-peptide linking'          y ISOLEUCINE                               ? 'C6 H13 N O2'    131.173 
LEU 'L-peptide linking'          y LEUCINE                                  ? 'C6 H13 N O2'    131.173 
LYS 'L-peptide linking'          y LYSINE                                   ? 'C6 H15 N2 O2 1' 147.195 
MET 'L-peptide linking'          y METHIONINE                               ? 'C5 H11 N O2 S'  149.211 
NAG 'D-saccharide, beta linking' . 2-acetamido-2-deoxy-beta-D-glucopyranose 
;N-acetyl-beta-D-glucosamine; 2-acetamido-2-deoxy-beta-D-glucose; 2-acetamido-2-deoxy-D-glucose; 2-acetamido-2-deoxy-glucose; N-ACETYL-D-GLUCOSAMINE
;
'C8 H15 N O6'    221.208 
PHE 'L-peptide linking'          y PHENYLALANINE                            ? 'C9 H11 N O2'    165.189 
PRO 'L-peptide linking'          y PROLINE                                  ? 'C5 H9 N O2'     115.130 
SER 'L-peptide linking'          y SERINE                                   ? 'C3 H7 N O3'     105.093 
THR 'L-peptide linking'          y THREONINE                                ? 'C4 H9 N O3'     119.119 
TRP 'L-peptide linking'          y TRYPTOPHAN                               ? 'C11 H12 N2 O2'  204.225 
TYR 'L-peptide linking'          y TYROSINE                                 ? 'C9 H11 N O3'    181.189 
VAL 'L-peptide linking'          y VALINE                                   ? 'C5 H11 N O2'    117.146 
# 
loop_
_pdbx_chem_comp_identifier.comp_id 
_pdbx_chem_comp_identifier.type 
_pdbx_chem_comp_identifier.program 
_pdbx_chem_comp_identifier.program_version 
_pdbx_chem_comp_identifier.identifier 
NAG 'CONDENSED IUPAC CARBOHYDRATE SYMBOL' GMML     1.0 DGlcpNAcb                      
NAG 'COMMON NAME'                         GMML     1.0 N-acetyl-b-D-glucopyranosamine 
NAG 'IUPAC CARBOHYDRATE SYMBOL'           PDB-CARE 1.0 b-D-GlcpNAc                    
NAG 'SNFG CARBOHYDRATE SYMBOL'            GMML     1.0 GlcNAc                         
# 
loop_
_pdbx_poly_seq_scheme.asym_id 
_pdbx_poly_seq_scheme.entity_id 
_pdbx_poly_seq_scheme.seq_id 
_pdbx_poly_seq_scheme.mon_id 
_pdbx_poly_seq_scheme.ndb_seq_num 
_pdbx_poly_seq_scheme.pdb_seq_num 
_pdbx_poly_seq_scheme.auth_seq_num 
_pdbx_poly_seq_scheme.pdb_mon_id 
_pdbx_poly_seq_scheme.auth_mon_id 
_pdbx_poly_seq_scheme.pdb_strand_id 
_pdbx_poly_seq_scheme.pdb_ins_code 
_pdbx_poly_seq_scheme.hetero 
A 1 1   VAL 1   1   1   VAL VAL A . n 
A 1 2   LYS 2   2   2   LYS LYS A . n 
A 1 3   PRO 3   3   3   PRO PRO A . n 
A 1 4   LEU 4   4   4   LEU LEU A . n 
A 1 5   GLN 5   5   5   GLN GLN A . n 
A 1 6   VAL 6   6   6   VAL VAL A . n 
A 1 7   GLU 7   7   7   GLU GLU A . n 
A 1 8   PRO 8   8   8   PRO PRO A . n 
A 1 9   PRO 9   9   9   PRO PRO A . n 
A 1 10  GLU 10  10  10  GLU GLU A . n 
A 1 11  PRO 11  11  11  PRO PRO A . n 
A 1 12  VAL 12  12  12  VAL VAL A . n 
A 1 13  VAL 13  13  13  VAL VAL A . n 
A 1 14  ALA 14  14  14  ALA ALA A . n 
A 1 15  VAL 15  15  15  VAL VAL A . n 
A 1 16  ALA 16  16  16  ALA ALA A . n 
A 1 17  LEU 17  17  17  LEU LEU A . n 
A 1 18  GLY 18  18  18  GLY GLY A . n 
A 1 19  ALA 19  19  19  ALA ALA A . n 
A 1 20  SER 20  20  20  SER SER A . n 
A 1 21  ARG 21  21  21  ARG ARG A . n 
A 1 22  GLN 22  22  22  GLN GLN A . n 
A 1 23  LEU 23  23  23  LEU LEU A . n 
A 1 24  THR 24  24  24  THR THR A . n 
A 1 25  CYS 25  25  25  CYS CYS A . n 
A 1 26  ARG 26  26  26  ARG ARG A . n 
A 1 27  LEU 27  27  27  LEU LEU A . n 
A 1 28  ALA 28  28  28  ALA ALA A . n 
A 1 29  CYS 29  29  29  CYS CYS A . n 
A 1 30  ALA 30  30  30  ALA ALA A . n 
A 1 31  ASP 31  31  31  ASP ASP A . n 
A 1 32  ARG 32  32  32  ARG ARG A . n 
A 1 33  GLY 33  33  33  GLY GLY A . n 
A 1 34  ALA 34  34  34  ALA ALA A . n 
A 1 35  SER 35  35  35  SER SER A . n 
A 1 36  VAL 36  36  36  VAL VAL A . n 
A 1 37  GLN 37  37  37  GLN GLN A . n 
A 1 38  TRP 38  38  38  TRP TRP A . n 
A 1 39  ARG 39  39  39  ARG ARG A . n 
A 1 40  GLY 40  40  40  GLY GLY A . n 
A 1 41  LEU 41  41  41  LEU LEU A . n 
A 1 42  ASP 42  42  42  ASP ASP A . n 
A 1 43  THR 43  43  43  THR THR A . n 
A 1 44  SER 44  44  44  SER SER A . n 
A 1 45  LEU 45  45  45  LEU LEU A . n 
A 1 46  GLY 46  46  46  GLY GLY A . n 
A 1 47  ALA 47  47  47  ALA ALA A . n 
A 1 48  VAL 48  48  48  VAL VAL A . n 
A 1 49  GLN 49  49  49  GLN GLN A . n 
A 1 50  SER 50  50  50  SER SER A . n 
A 1 51  ASP 51  51  51  ASP ASP A . n 
A 1 52  THR 52  52  52  THR THR A . n 
A 1 53  GLY 53  53  53  GLY GLY A . n 
A 1 54  ARG 54  54  54  ARG ARG A . n 
A 1 55  SER 55  55  55  SER SER A . n 
A 1 56  VAL 56  56  56  VAL VAL A . n 
A 1 57  LEU 57  57  57  LEU LEU A . n 
A 1 58  THR 58  58  58  THR THR A . n 
A 1 59  VAL 59  59  59  VAL VAL A . n 
A 1 60  ARG 60  60  60  ARG ARG A . n 
A 1 61  ASN 61  61  61  ASN ASN A . n 
A 1 62  ALA 62  62  62  ALA ALA A . n 
A 1 63  SER 63  63  63  SER SER A . n 
A 1 64  LEU 64  64  64  LEU LEU A . n 
A 1 65  SER 65  65  65  SER SER A . n 
A 1 66  ALA 66  66  66  ALA ALA A . n 
A 1 67  ALA 67  67  67  ALA ALA A . n 
A 1 68  GLY 68  68  68  GLY GLY A . n 
A 1 69  THR 69  69  69  THR THR A . n 
A 1 70  ARG 70  70  70  ARG ARG A . n 
A 1 71  VAL 71  71  71  VAL VAL A . n 
A 1 72  CYS 72  72  72  CYS CYS A . n 
A 1 73  VAL 73  73  73  VAL VAL A . n 
A 1 74  GLY 74  74  74  GLY GLY A . n 
A 1 75  SER 75  75  75  SER SER A . n 
A 1 76  CYS 76  76  76  CYS CYS A . n 
A 1 77  GLY 77  77  77  GLY GLY A . n 
A 1 78  GLY 78  78  78  GLY GLY A . n 
A 1 79  ARG 79  79  79  ARG ARG A . n 
A 1 80  THR 80  80  80  THR THR A . n 
A 1 81  PHE 81  81  81  PHE PHE A . n 
A 1 82  GLN 82  82  82  GLN GLN A . n 
A 1 83  HIS 83  83  83  HIS HIS A . n 
A 1 84  THR 84  84  84  THR THR A . n 
A 1 85  VAL 85  85  85  VAL VAL A . n 
A 1 86  GLN 86  86  86  GLN GLN A . n 
A 1 87  LEU 87  87  87  LEU LEU A . n 
A 1 88  LEU 88  88  88  LEU LEU A . n 
A 1 89  VAL 89  89  89  VAL VAL A . n 
A 1 90  TYR 90  90  90  TYR TYR A . n 
A 1 91  ALA 91  91  91  ALA ALA A . n 
A 1 92  PHE 92  92  92  PHE PHE A . n 
A 1 93  PRO 93  93  93  PRO PRO A . n 
A 1 94  ASN 94  94  94  ASN ASN A . n 
A 1 95  GLN 95  95  95  GLN GLN A . n 
A 1 96  LEU 96  96  96  LEU LEU A . n 
A 1 97  THR 97  97  97  THR THR A . n 
A 1 98  VAL 98  98  98  VAL VAL A . n 
A 1 99  SER 99  99  99  SER SER A . n 
A 1 100 PRO 100 100 100 PRO PRO A . n 
A 1 101 ALA 101 101 101 ALA ALA A . n 
A 1 102 ALA 102 102 102 ALA ALA A . n 
A 1 103 LEU 103 103 103 LEU LEU A . n 
A 1 104 VAL 104 104 104 VAL VAL A . n 
A 1 105 PRO 105 105 105 PRO PRO A . n 
A 1 106 GLY 106 106 106 GLY GLY A . n 
A 1 107 ASP 107 107 107 ASP ASP A . n 
A 1 108 PRO 108 108 108 PRO PRO A . n 
A 1 109 GLU 109 109 109 GLU GLU A . n 
A 1 110 VAL 110 110 110 VAL VAL A . n 
A 1 111 ALA 111 111 111 ALA ALA A . n 
A 1 112 CYS 112 112 112 CYS CYS A . n 
A 1 113 THR 113 113 113 THR THR A . n 
A 1 114 ALA 114 114 114 ALA ALA A . n 
A 1 115 HIS 115 115 115 HIS HIS A . n 
A 1 116 LYS 116 116 116 LYS LYS A . n 
A 1 117 VAL 117 117 117 VAL VAL A . n 
A 1 118 THR 118 118 118 THR THR A . n 
A 1 119 PRO 119 119 119 PRO PRO A . n 
A 1 120 VAL 120 120 120 VAL VAL A . n 
A 1 121 ASP 121 121 121 ASP ASP A . n 
A 1 122 PRO 122 122 122 PRO PRO A . n 
A 1 123 ASN 123 123 123 ASN ASN A . n 
A 1 124 ALA 124 124 124 ALA ALA A . n 
A 1 125 LEU 125 125 125 LEU LEU A . n 
A 1 126 SER 126 126 126 SER SER A . n 
A 1 127 PHE 127 127 127 PHE PHE A . n 
A 1 128 SER 128 128 128 SER SER A . n 
A 1 129 LEU 129 129 129 LEU LEU A . n 
A 1 130 LEU 130 130 130 LEU LEU A . n 
A 1 131 VAL 131 131 131 VAL VAL A . n 
A 1 132 GLY 132 132 132 GLY GLY A . n 
A 1 133 GLY 133 133 133 GLY GLY A . n 
A 1 134 GLN 134 134 134 GLN GLN A . n 
A 1 135 GLU 135 135 135 GLU GLU A . n 
A 1 136 LEU 136 136 136 LEU LEU A . n 
A 1 137 GLU 137 137 137 GLU GLU A . n 
A 1 138 GLY 138 138 138 GLY GLY A . n 
A 1 139 ALA 139 139 139 ALA ALA A . n 
A 1 140 GLN 140 140 140 GLN GLN A . n 
A 1 141 ALA 141 141 141 ALA ALA A . n 
A 1 142 LEU 142 142 142 LEU LEU A . n 
A 1 143 GLY 143 143 143 GLY GLY A . n 
A 1 144 PRO 144 144 144 PRO PRO A . n 
A 1 145 GLU 145 145 145 GLU GLU A . n 
A 1 146 VAL 146 146 146 VAL VAL A . n 
A 1 147 GLN 147 147 147 GLN GLN A . n 
A 1 148 GLU 148 148 148 GLU GLU A . n 
A 1 149 GLU 149 149 149 GLU GLU A . n 
A 1 150 GLU 150 150 150 GLU GLU A . n 
A 1 151 GLU 151 151 151 GLU GLU A . n 
A 1 152 GLU 152 152 152 GLU GLU A . n 
A 1 153 PRO 153 153 153 PRO PRO A . n 
A 1 154 GLN 154 154 154 GLN GLN A . n 
A 1 155 GLY 155 155 155 GLY GLY A . n 
A 1 156 ASP 156 156 156 ASP ASP A . n 
A 1 157 GLU 157 157 157 GLU GLU A . n 
A 1 158 ASP 158 158 158 ASP ASP A . n 
A 1 159 VAL 159 159 159 VAL VAL A . n 
A 1 160 LEU 160 160 160 LEU LEU A . n 
A 1 161 PHE 161 161 161 PHE PHE A . n 
A 1 162 ARG 162 162 162 ARG ARG A . n 
A 1 163 VAL 163 163 163 VAL VAL A . n 
A 1 164 THR 164 164 164 THR THR A . n 
A 1 165 GLU 165 165 165 GLU GLU A . n 
A 1 166 ARG 166 166 166 ARG ARG A . n 
A 1 167 TRP 167 167 167 TRP TRP A . n 
A 1 168 ARG 168 168 168 ARG ARG A . n 
A 1 169 LEU 169 169 169 LEU LEU A . n 
A 1 170 PRO 170 170 170 PRO PRO A . n 
A 1 171 PRO 171 171 171 PRO PRO A . n 
A 1 172 LEU 172 172 172 LEU LEU A . n 
A 1 173 GLY 173 173 173 GLY GLY A . n 
A 1 174 THR 174 174 174 THR THR A . n 
A 1 175 PRO 175 175 175 PRO PRO A . n 
A 1 176 VAL 176 176 176 VAL VAL A . n 
A 1 177 PRO 177 177 177 PRO PRO A . n 
A 1 178 PRO 178 178 178 PRO PRO A . n 
A 1 179 ALA 179 179 179 ALA ALA A . n 
A 1 180 LEU 180 180 180 LEU LEU A . n 
A 1 181 TYR 181 181 181 TYR TYR A . n 
A 1 182 CYS 182 182 182 CYS CYS A . n 
A 1 183 GLN 183 183 183 GLN GLN A . n 
A 1 184 ALA 184 184 184 ALA ALA A . n 
A 1 185 THR 185 185 185 THR THR A . n 
A 1 186 MET 186 186 186 MET MET A . n 
A 1 187 ARG 187 187 187 ARG ARG A . n 
A 1 188 LEU 188 188 188 LEU LEU A . n 
A 1 189 PRO 189 189 189 PRO PRO A . n 
A 1 190 GLY 190 190 190 GLY GLY A . n 
A 1 191 LEU 191 191 191 LEU LEU A . n 
A 1 192 GLU 192 192 192 GLU GLU A . n 
A 1 193 LEU 193 193 193 LEU LEU A . n 
A 1 194 SER 194 194 194 SER SER A . n 
A 1 195 HIS 195 195 195 HIS HIS A . n 
A 1 196 ARG 196 196 196 ARG ARG A . n 
A 1 197 GLN 197 197 197 GLN GLN A . n 
A 1 198 ALA 198 198 198 ALA ALA A . n 
A 1 199 ILE 199 199 199 ILE ILE A . n 
A 1 200 PRO 200 200 200 PRO PRO A . n 
A 1 201 VAL 201 201 201 VAL VAL A . n 
A 1 202 LEU 202 202 202 LEU LEU A . n 
A 1 203 HIS 203 203 203 HIS HIS A . n 
A 1 204 SER 204 204 204 SER SER A . n 
A 1 205 PRO 205 205 205 PRO PRO A . n 
A 1 206 THR 206 206 206 THR THR A . n 
A 1 207 SER 207 207 207 SER SER A . n 
A 1 208 PRO 208 208 208 PRO PRO A . n 
A 1 209 GLU 209 209 209 GLU GLU A . n 
# 
loop_
_pdbx_nonpoly_scheme.asym_id 
_pdbx_nonpoly_scheme.entity_id 
_pdbx_nonpoly_scheme.mon_id 
_pdbx_nonpoly_scheme.ndb_seq_num 
_pdbx_nonpoly_scheme.pdb_seq_num 
_pdbx_nonpoly_scheme.auth_seq_num 
_pdbx_nonpoly_scheme.pdb_mon_id 
_pdbx_nonpoly_scheme.auth_mon_id 
_pdbx_nonpoly_scheme.pdb_strand_id 
_pdbx_nonpoly_scheme.pdb_ins_code 
B 2 NAG 1  401 401 NAG NAG A . 
C 3 HOH 1  251 251 HOH HOH A . 
C 3 HOH 2  252 252 HOH HOH A . 
C 3 HOH 3  253 253 HOH HOH A . 
C 3 HOH 4  254 254 HOH HOH A . 
C 3 HOH 5  255 255 HOH HOH A . 
C 3 HOH 6  256 256 HOH HOH A . 
C 3 HOH 7  257 257 HOH HOH A . 
C 3 HOH 8  258 258 HOH HOH A . 
C 3 HOH 9  259 259 HOH HOH A . 
C 3 HOH 10 260 260 HOH HOH A . 
C 3 HOH 11 261 261 HOH HOH A . 
C 3 HOH 12 262 262 HOH HOH A . 
C 3 HOH 13 263 263 HOH HOH A . 
C 3 HOH 14 264 264 HOH HOH A . 
C 3 HOH 15 265 265 HOH HOH A . 
C 3 HOH 16 266 266 HOH HOH A . 
C 3 HOH 17 267 267 HOH HOH A . 
C 3 HOH 18 268 268 HOH HOH A . 
C 3 HOH 19 269 269 HOH HOH A . 
C 3 HOH 20 270 270 HOH HOH A . 
C 3 HOH 21 271 271 HOH HOH A . 
C 3 HOH 22 272 272 HOH HOH A . 
C 3 HOH 23 273 273 HOH HOH A . 
C 3 HOH 24 274 274 HOH HOH A . 
C 3 HOH 25 275 275 HOH HOH A . 
C 3 HOH 26 276 276 HOH HOH A . 
C 3 HOH 27 277 277 HOH HOH A . 
C 3 HOH 28 278 278 HOH HOH A . 
C 3 HOH 29 279 279 HOH HOH A . 
C 3 HOH 30 280 280 HOH HOH A . 
C 3 HOH 31 281 281 HOH HOH A . 
C 3 HOH 32 282 282 HOH HOH A . 
C 3 HOH 33 283 283 HOH HOH A . 
C 3 HOH 34 284 284 HOH HOH A . 
C 3 HOH 35 285 285 HOH HOH A . 
C 3 HOH 36 286 286 HOH HOH A . 
C 3 HOH 37 287 287 HOH HOH A . 
C 3 HOH 38 288 288 HOH HOH A . 
C 3 HOH 39 289 289 HOH HOH A . 
C 3 HOH 40 290 290 HOH HOH A . 
C 3 HOH 41 291 291 HOH HOH A . 
C 3 HOH 42 292 292 HOH HOH A . 
C 3 HOH 43 293 293 HOH HOH A . 
C 3 HOH 44 294 294 HOH HOH A . 
C 3 HOH 45 295 295 HOH HOH A . 
C 3 HOH 46 296 296 HOH HOH A . 
C 3 HOH 47 297 297 HOH HOH A . 
C 3 HOH 48 298 298 HOH HOH A . 
C 3 HOH 49 299 299 HOH HOH A . 
C 3 HOH 50 300 300 HOH HOH A . 
C 3 HOH 51 301 301 HOH HOH A . 
C 3 HOH 52 302 302 HOH HOH A . 
C 3 HOH 53 303 303 HOH HOH A . 
C 3 HOH 54 304 304 HOH HOH A . 
C 3 HOH 55 305 305 HOH HOH A . 
C 3 HOH 56 306 306 HOH HOH A . 
C 3 HOH 57 307 307 HOH HOH A . 
C 3 HOH 58 308 308 HOH HOH A . 
C 3 HOH 59 309 309 HOH HOH A . 
C 3 HOH 60 310 310 HOH HOH A . 
C 3 HOH 61 311 311 HOH HOH A . 
C 3 HOH 62 312 312 HOH HOH A . 
C 3 HOH 63 313 313 HOH HOH A . 
C 3 HOH 64 314 314 HOH HOH A . 
C 3 HOH 65 315 315 HOH HOH A . 
C 3 HOH 66 316 316 HOH HOH A . 
C 3 HOH 67 317 317 HOH HOH A . 
C 3 HOH 68 318 318 HOH HOH A . 
C 3 HOH 69 319 319 HOH HOH A . 
C 3 HOH 70 320 320 HOH HOH A . 
C 3 HOH 71 321 321 HOH HOH A . 
C 3 HOH 72 322 322 HOH HOH A . 
C 3 HOH 73 323 323 HOH HOH A . 
C 3 HOH 74 324 324 HOH HOH A . 
C 3 HOH 75 325 325 HOH HOH A . 
C 3 HOH 76 326 326 HOH HOH A . 
C 3 HOH 77 327 327 HOH HOH A . 
C 3 HOH 78 328 328 HOH HOH A . 
C 3 HOH 79 329 329 HOH HOH A . 
# 
loop_
_software.name 
_software.classification 
_software.version 
_software.citation_id 
_software.pdbx_ordinal 
DENZO     'data reduction' .   ? 1 
SCALEPACK 'data scaling'   .   ? 2 
CCP4      'model building' .   ? 3 
X-PLOR    refinement       3.1 ? 4 
CCP4      phasing          .   ? 5 
# 
_cell.entry_id           1BQS 
_cell.length_a           65.760 
_cell.length_b           101.100 
_cell.length_c           70.040 
_cell.angle_alpha        90.00 
_cell.angle_beta         90.00 
_cell.angle_gamma        90.00 
_cell.Z_PDB              8 
_cell.pdbx_unique_axis   ? 
# 
_symmetry.entry_id                         1BQS 
_symmetry.space_group_name_H-M             'C 2 2 21' 
_symmetry.pdbx_full_space_group_name_H-M   ? 
_symmetry.cell_setting                     ? 
_symmetry.Int_Tables_number                20 
# 
_exptl.entry_id          1BQS 
_exptl.method            'X-RAY DIFFRACTION' 
_exptl.crystals_number   1 
# 
_exptl_crystal.id                    1 
_exptl_crystal.density_meas          ? 
_exptl_crystal.density_Matthews      2.63 
_exptl_crystal.density_percent_sol   50 
_exptl_crystal.description           ? 
# 
_exptl_crystal_grow.crystal_id      1 
_exptl_crystal_grow.method          'VAPOR DIFFUSION, HANGING DROP' 
_exptl_crystal_grow.temp            ? 
_exptl_crystal_grow.temp_details    ? 
_exptl_crystal_grow.pH              ? 
_exptl_crystal_grow.pdbx_details    
;PROTEIN SOLUTION:17 MG/ML. CRYSTALLIZATION SOLUTION: 10% PEG 400, 
0.5M LI2SO4, PH 7.5-8.0., VAPOR DIFFUSION, HANGING DROP
;
_exptl_crystal_grow.pdbx_pH_range   ? 
# 
_diffrn.id                     1 
_diffrn.ambient_temp           293 
_diffrn.ambient_temp_details   ? 
_diffrn.crystal_id             1 
# 
_diffrn_detector.diffrn_id              1 
_diffrn_detector.detector               'IMAGE PLATE' 
_diffrn_detector.type                   MARRESEARCH 
_diffrn_detector.pdbx_collection_date   1997-02-10 
_diffrn_detector.details                'DOUBLE FOCUSED MIRROR' 
# 
_diffrn_radiation.diffrn_id                        1 
_diffrn_radiation.wavelength_id                    1 
_diffrn_radiation.pdbx_monochromatic_or_laue_m_l   M 
_diffrn_radiation.monochromator                    'NI FILTER' 
_diffrn_radiation.pdbx_diffrn_protocol             'SINGLE WAVELENGTH' 
_diffrn_radiation.pdbx_scattering_type             x-ray 
# 
_diffrn_radiation_wavelength.id           1 
_diffrn_radiation_wavelength.wavelength   1.5418 
_diffrn_radiation_wavelength.wt           1.0 
# 
_diffrn_source.diffrn_id                   1 
_diffrn_source.source                      'ROTATING ANODE' 
_diffrn_source.type                        'RIGAKU RU200' 
_diffrn_source.pdbx_synchrotron_site       ? 
_diffrn_source.pdbx_synchrotron_beamline   ? 
_diffrn_source.pdbx_wavelength             1.5418 
_diffrn_source.pdbx_wavelength_list        ? 
# 
_reflns.entry_id                     1BQS 
_reflns.observed_criterion_sigma_I   3 
_reflns.observed_criterion_sigma_F   ? 
_reflns.d_resolution_low             15 
_reflns.d_resolution_high            2.2 
_reflns.number_obs                   11229 
_reflns.number_all                   ? 
_reflns.percent_possible_obs         92.2 
_reflns.pdbx_Rmerge_I_obs            0.075 
_reflns.pdbx_Rsym_value              ? 
_reflns.pdbx_netI_over_sigmaI        22.3 
_reflns.B_iso_Wilson_estimate        ? 
_reflns.pdbx_redundancy              7.8 
_reflns.R_free_details               ? 
_reflns.pdbx_diffrn_id               1 
_reflns.pdbx_ordinal                 1 
# 
_reflns_shell.d_res_high             2.20 
_reflns_shell.d_res_low              2.28 
_reflns_shell.percent_possible_all   96.1 
_reflns_shell.Rmerge_I_obs           0.236 
_reflns_shell.pdbx_Rsym_value        ? 
_reflns_shell.meanI_over_sigI_obs    6.4 
_reflns_shell.pdbx_redundancy        4.3 
_reflns_shell.percent_possible_obs   ? 
_reflns_shell.number_unique_all      ? 
_reflns_shell.pdbx_diffrn_id         ? 
_reflns_shell.pdbx_ordinal           1 
# 
_refine.entry_id                                 1BQS 
_refine.ls_number_reflns_obs                     10955 
_refine.ls_number_reflns_all                     ? 
_refine.pdbx_ls_sigma_I                          ? 
_refine.pdbx_ls_sigma_F                          2.0 
_refine.pdbx_data_cutoff_high_absF               ? 
_refine.pdbx_data_cutoff_low_absF                ? 
_refine.pdbx_data_cutoff_high_rms_absF           ? 
_refine.ls_d_res_low                             15.0 
_refine.ls_d_res_high                            2.2 
_refine.ls_percent_reflns_obs                    92.2 
_refine.ls_R_factor_obs                          0.223 
_refine.ls_R_factor_all                          ? 
_refine.ls_R_factor_R_work                       0.223 
_refine.ls_R_factor_R_free                       0.28 
_refine.ls_R_factor_R_free_error                 ? 
_refine.ls_R_factor_R_free_error_details         ? 
_refine.ls_percent_reflns_R_free                 10.0 
_refine.ls_number_reflns_R_free                  ? 
_refine.ls_number_parameters                     ? 
_refine.ls_number_restraints                     ? 
_refine.occupancy_min                            ? 
_refine.occupancy_max                            ? 
_refine.B_iso_mean                               44.5 
_refine.aniso_B[1][1]                            ? 
_refine.aniso_B[2][2]                            ? 
_refine.aniso_B[3][3]                            ? 
_refine.aniso_B[1][2]                            ? 
_refine.aniso_B[1][3]                            ? 
_refine.aniso_B[2][3]                            ? 
_refine.solvent_model_details                    ? 
_refine.solvent_model_param_ksol                 ? 
_refine.solvent_model_param_bsol                 ? 
_refine.pdbx_ls_cross_valid_method               ? 
_refine.details                                  ? 
_refine.pdbx_starting_model                      ? 
_refine.pdbx_method_to_determine_struct          MIR 
_refine.pdbx_isotropic_thermal_model             ? 
_refine.pdbx_stereochemistry_target_values       ? 
_refine.pdbx_stereochem_target_val_spec_case     ? 
_refine.pdbx_R_Free_selection_details            RANDOM 
_refine.pdbx_overall_ESU_R                       ? 
_refine.pdbx_overall_ESU_R_Free                  ? 
_refine.overall_SU_ML                            ? 
_refine.overall_SU_B                             ? 
_refine.ls_redundancy_reflns_obs                 ? 
_refine.pdbx_refine_id                           'X-RAY DIFFRACTION' 
_refine.pdbx_diffrn_id                           1 
_refine.pdbx_TLS_residual_ADP_flag               ? 
_refine.correlation_coeff_Fo_to_Fc               ? 
_refine.correlation_coeff_Fo_to_Fc_free          ? 
_refine.pdbx_solvent_vdw_probe_radii             ? 
_refine.pdbx_solvent_ion_probe_radii             ? 
_refine.pdbx_solvent_shrinkage_radii             ? 
_refine.pdbx_overall_phase_error                 ? 
_refine.overall_SU_R_Cruickshank_DPI             ? 
_refine.pdbx_overall_SU_R_free_Cruickshank_DPI   ? 
_refine.pdbx_overall_SU_R_Blow_DPI               ? 
_refine.pdbx_overall_SU_R_free_Blow_DPI          ? 
# 
_refine_analyze.entry_id                        1BQS 
_refine_analyze.Luzzati_coordinate_error_obs    0.43 
_refine_analyze.Luzzati_sigma_a_obs             ? 
_refine_analyze.Luzzati_d_res_low_obs           ? 
_refine_analyze.Luzzati_coordinate_error_free   ? 
_refine_analyze.Luzzati_sigma_a_free            ? 
_refine_analyze.Luzzati_d_res_low_free          ? 
_refine_analyze.number_disordered_residues      ? 
_refine_analyze.occupancy_sum_hydrogen          ? 
_refine_analyze.occupancy_sum_non_hydrogen      ? 
_refine_analyze.pdbx_refine_id                  'X-RAY DIFFRACTION' 
# 
_refine_hist.pdbx_refine_id                   'X-RAY DIFFRACTION' 
_refine_hist.cycle_id                         LAST 
_refine_hist.pdbx_number_atoms_protein        1552 
_refine_hist.pdbx_number_atoms_nucleic_acid   0 
_refine_hist.pdbx_number_atoms_ligand         14 
_refine_hist.number_atoms_solvent             79 
_refine_hist.number_atoms_total               1645 
_refine_hist.d_res_high                       2.2 
_refine_hist.d_res_low                        15.0 
# 
loop_
_refine_ls_restr.type 
_refine_ls_restr.dev_ideal 
_refine_ls_restr.dev_ideal_target 
_refine_ls_restr.weight 
_refine_ls_restr.number 
_refine_ls_restr.pdbx_refine_id 
_refine_ls_restr.pdbx_restraint_function 
x_bond_d                0.012 ? ? ? 'X-RAY DIFFRACTION' ? 
x_bond_d_na             ?     ? ? ? 'X-RAY DIFFRACTION' ? 
x_bond_d_prot           ?     ? ? ? 'X-RAY DIFFRACTION' ? 
x_angle_d               ?     ? ? ? 'X-RAY DIFFRACTION' ? 
x_angle_d_na            ?     ? ? ? 'X-RAY DIFFRACTION' ? 
x_angle_d_prot          ?     ? ? ? 'X-RAY DIFFRACTION' ? 
x_angle_deg             2.087 ? ? ? 'X-RAY DIFFRACTION' ? 
x_angle_deg_na          ?     ? ? ? 'X-RAY DIFFRACTION' ? 
x_angle_deg_prot        ?     ? ? ? 'X-RAY DIFFRACTION' ? 
x_dihedral_angle_d      ?     ? ? ? 'X-RAY DIFFRACTION' ? 
x_dihedral_angle_d_na   ?     ? ? ? 'X-RAY DIFFRACTION' ? 
x_dihedral_angle_d_prot ?     ? ? ? 'X-RAY DIFFRACTION' ? 
x_improper_angle_d      ?     ? ? ? 'X-RAY DIFFRACTION' ? 
x_improper_angle_d_na   ?     ? ? ? 'X-RAY DIFFRACTION' ? 
x_improper_angle_d_prot ?     ? ? ? 'X-RAY DIFFRACTION' ? 
x_mcbond_it             1.5   ? ? ? 'X-RAY DIFFRACTION' ? 
x_mcangle_it            2.0   ? ? ? 'X-RAY DIFFRACTION' ? 
x_scbond_it             2.0   ? ? ? 'X-RAY DIFFRACTION' ? 
x_scangle_it            2.5   ? ? ? 'X-RAY DIFFRACTION' ? 
# 
_refine_ls_shell.pdbx_total_number_of_bins_used   8 
_refine_ls_shell.d_res_high                       2.2 
_refine_ls_shell.d_res_low                        2.3 
_refine_ls_shell.number_reflns_R_work             1092 
_refine_ls_shell.R_factor_R_work                  0.327 
_refine_ls_shell.percent_reflns_obs               95.5 
_refine_ls_shell.R_factor_R_free                  0.369 
_refine_ls_shell.R_factor_R_free_error            ? 
_refine_ls_shell.percent_reflns_R_free            10.0 
_refine_ls_shell.number_reflns_R_free             ? 
_refine_ls_shell.redundancy_reflns_obs            ? 
_refine_ls_shell.pdbx_refine_id                   'X-RAY DIFFRACTION' 
_refine_ls_shell.number_reflns_all                ? 
_refine_ls_shell.R_factor_all                     ? 
# 
loop_
_pdbx_xplor_file.serial_no 
_pdbx_xplor_file.param_file 
_pdbx_xplor_file.topol_file 
_pdbx_xplor_file.pdbx_refine_id 
1 PROTEIN_REP.PARAM TOPHCSDX.PRO 'X-RAY DIFFRACTION' 
2 PARAM3_MOD.CHO    TOPH19.SOL   'X-RAY DIFFRACTION' 
# 
_struct.entry_id                  1BQS 
_struct.title                     'THE CRYSTAL STRUCTURE OF MUCOSAL ADDRESSIN CELL ADHESION MOLECULE-1 (MADCAM-1)' 
_struct.pdbx_model_details        ? 
_struct.pdbx_CASP_flag            ? 
_struct.pdbx_model_type_details   ? 
# 
_struct_keywords.entry_id        1BQS 
_struct_keywords.pdbx_keywords   'MEMBRANE PROTEIN' 
_struct_keywords.text            
;CELL ADHESION PROTEIN, MADCAM-1, IMMUNOGLOBULIN FOLD, I-SET FOLD, CELL ADHESION GLYCOPROTEIN, INTEGRIN RECOGINITION, MEMBRANE PROTEIN
;
# 
loop_
_struct_asym.id 
_struct_asym.pdbx_blank_PDB_chainid_flag 
_struct_asym.pdbx_modified 
_struct_asym.entity_id 
_struct_asym.details 
A N N 1 ? 
B N N 2 ? 
C N N 3 ? 
# 
_struct_ref.id                         1 
_struct_ref.db_name                    UNP 
_struct_ref.db_code                    MADCA_HUMAN 
_struct_ref.entity_id                  1 
_struct_ref.pdbx_db_accession          Q13477 
_struct_ref.pdbx_db_isoform            ? 
_struct_ref.pdbx_seq_one_letter_code   ? 
_struct_ref.pdbx_align_begin           ? 
# 
_struct_ref_seq.align_id                      1 
_struct_ref_seq.ref_id                        1 
_struct_ref_seq.pdbx_PDB_id_code              1BQS 
_struct_ref_seq.pdbx_strand_id                A 
_struct_ref_seq.seq_align_beg                 1 
_struct_ref_seq.pdbx_seq_align_beg_ins_code   ? 
_struct_ref_seq.seq_align_end                 209 
_struct_ref_seq.pdbx_seq_align_end_ins_code   ? 
_struct_ref_seq.pdbx_db_accession             Q13477 
_struct_ref_seq.db_align_beg                  23 
_struct_ref_seq.pdbx_db_align_beg_ins_code    ? 
_struct_ref_seq.db_align_end                  231 
_struct_ref_seq.pdbx_db_align_end_ins_code    ? 
_struct_ref_seq.pdbx_auth_seq_align_beg       1 
_struct_ref_seq.pdbx_auth_seq_align_end       209 
# 
_struct_ref_seq_dif.align_id                     1 
_struct_ref_seq_dif.pdbx_pdb_id_code             1BQS 
_struct_ref_seq_dif.mon_id                       ASN 
_struct_ref_seq_dif.pdbx_pdb_strand_id           A 
_struct_ref_seq_dif.seq_num                      94 
_struct_ref_seq_dif.pdbx_pdb_ins_code            ? 
_struct_ref_seq_dif.pdbx_seq_db_name             UNP 
_struct_ref_seq_dif.pdbx_seq_db_accession_code   Q13477 
_struct_ref_seq_dif.db_mon_id                    ASP 
_struct_ref_seq_dif.pdbx_seq_db_seq_num          116 
_struct_ref_seq_dif.details                      conflict 
_struct_ref_seq_dif.pdbx_auth_seq_num            94 
_struct_ref_seq_dif.pdbx_ordinal                 1 
# 
_pdbx_struct_assembly.id                   1 
_pdbx_struct_assembly.details              author_defined_assembly 
_pdbx_struct_assembly.method_details       ? 
_pdbx_struct_assembly.oligomeric_details   monomeric 
_pdbx_struct_assembly.oligomeric_count     1 
# 
_pdbx_struct_assembly_gen.assembly_id       1 
_pdbx_struct_assembly_gen.oper_expression   1 
_pdbx_struct_assembly_gen.asym_id_list      A,B,C 
# 
_pdbx_struct_oper_list.id                   1 
_pdbx_struct_oper_list.type                 'identity operation' 
_pdbx_struct_oper_list.name                 1_555 
_pdbx_struct_oper_list.symmetry_operation   x,y,z 
_pdbx_struct_oper_list.matrix[1][1]         1.0000000000 
_pdbx_struct_oper_list.matrix[1][2]         0.0000000000 
_pdbx_struct_oper_list.matrix[1][3]         0.0000000000 
_pdbx_struct_oper_list.vector[1]            0.0000000000 
_pdbx_struct_oper_list.matrix[2][1]         0.0000000000 
_pdbx_struct_oper_list.matrix[2][2]         1.0000000000 
_pdbx_struct_oper_list.matrix[2][3]         0.0000000000 
_pdbx_struct_oper_list.vector[2]            0.0000000000 
_pdbx_struct_oper_list.matrix[3][1]         0.0000000000 
_pdbx_struct_oper_list.matrix[3][2]         0.0000000000 
_pdbx_struct_oper_list.matrix[3][3]         1.0000000000 
_pdbx_struct_oper_list.vector[3]            0.0000000000 
# 
_struct_biol.id   1 
# 
_struct_conf.conf_type_id            HELX_P 
_struct_conf.id                      HELX_P1 
_struct_conf.pdbx_PDB_helix_id       1 
_struct_conf.beg_label_comp_id       LEU 
_struct_conf.beg_label_asym_id       A 
_struct_conf.beg_label_seq_id        64 
_struct_conf.pdbx_beg_PDB_ins_code   ? 
_struct_conf.end_label_comp_id       ALA 
_struct_conf.end_label_asym_id       A 
_struct_conf.end_label_seq_id        66 
_struct_conf.pdbx_end_PDB_ins_code   ? 
_struct_conf.beg_auth_comp_id        LEU 
_struct_conf.beg_auth_asym_id        A 
_struct_conf.beg_auth_seq_id         64 
_struct_conf.end_auth_comp_id        ALA 
_struct_conf.end_auth_asym_id        A 
_struct_conf.end_auth_seq_id         66 
_struct_conf.pdbx_PDB_helix_class    5 
_struct_conf.details                 ? 
_struct_conf.pdbx_PDB_helix_length   3 
# 
_struct_conf_type.id          HELX_P 
_struct_conf_type.criteria    ? 
_struct_conf_type.reference   ? 
# 
loop_
_struct_conn.id 
_struct_conn.conn_type_id 
_struct_conn.pdbx_leaving_atom_flag 
_struct_conn.pdbx_PDB_id 
_struct_conn.ptnr1_label_asym_id 
_struct_conn.ptnr1_label_comp_id 
_struct_conn.ptnr1_label_seq_id 
_struct_conn.ptnr1_label_atom_id 
_struct_conn.pdbx_ptnr1_label_alt_id 
_struct_conn.pdbx_ptnr1_PDB_ins_code 
_struct_conn.pdbx_ptnr1_standard_comp_id 
_struct_conn.ptnr1_symmetry 
_struct_conn.ptnr2_label_asym_id 
_struct_conn.ptnr2_label_comp_id 
_struct_conn.ptnr2_label_seq_id 
_struct_conn.ptnr2_label_atom_id 
_struct_conn.pdbx_ptnr2_label_alt_id 
_struct_conn.pdbx_ptnr2_PDB_ins_code 
_struct_conn.ptnr1_auth_asym_id 
_struct_conn.ptnr1_auth_comp_id 
_struct_conn.ptnr1_auth_seq_id 
_struct_conn.ptnr2_auth_asym_id 
_struct_conn.ptnr2_auth_comp_id 
_struct_conn.ptnr2_auth_seq_id 
_struct_conn.ptnr2_symmetry 
_struct_conn.pdbx_ptnr3_label_atom_id 
_struct_conn.pdbx_ptnr3_label_seq_id 
_struct_conn.pdbx_ptnr3_label_comp_id 
_struct_conn.pdbx_ptnr3_label_asym_id 
_struct_conn.pdbx_ptnr3_label_alt_id 
_struct_conn.pdbx_ptnr3_PDB_ins_code 
_struct_conn.details 
_struct_conn.pdbx_dist_value 
_struct_conn.pdbx_value_order 
_struct_conn.pdbx_role 
disulf1 disulf ?   ? A CYS 25  SG  ? ? ? 1_555 A CYS 72  SG ? ? A CYS 25  A CYS 72  1_555 ? ? ? ? ? ? ? 2.022 ? ?               
disulf2 disulf ?   ? A CYS 29  SG  ? ? ? 1_555 A CYS 76  SG ? ? A CYS 29  A CYS 76  1_555 ? ? ? ? ? ? ? 2.031 ? ?               
disulf3 disulf ?   ? A CYS 112 SG  ? ? ? 1_555 A CYS 182 SG ? ? A CYS 112 A CYS 182 1_555 ? ? ? ? ? ? ? 2.033 ? ?               
covale1 covale one ? A ASN 61  ND2 ? ? ? 1_555 B NAG .   C1 ? ? A ASN 61  A NAG 401 1_555 ? ? ? ? ? ? ? 1.458 ? N-Glycosylation 
# 
loop_
_struct_conn_type.id 
_struct_conn_type.criteria 
_struct_conn_type.reference 
disulf ? ? 
covale ? ? 
# 
loop_
_pdbx_modification_feature.ordinal 
_pdbx_modification_feature.label_comp_id 
_pdbx_modification_feature.label_asym_id 
_pdbx_modification_feature.label_seq_id 
_pdbx_modification_feature.label_alt_id 
_pdbx_modification_feature.modified_residue_label_comp_id 
_pdbx_modification_feature.modified_residue_label_asym_id 
_pdbx_modification_feature.modified_residue_label_seq_id 
_pdbx_modification_feature.modified_residue_label_alt_id 
_pdbx_modification_feature.auth_comp_id 
_pdbx_modification_feature.auth_asym_id 
_pdbx_modification_feature.auth_seq_id 
_pdbx_modification_feature.PDB_ins_code 
_pdbx_modification_feature.symmetry 
_pdbx_modification_feature.modified_residue_auth_comp_id 
_pdbx_modification_feature.modified_residue_auth_asym_id 
_pdbx_modification_feature.modified_residue_auth_seq_id 
_pdbx_modification_feature.modified_residue_PDB_ins_code 
_pdbx_modification_feature.modified_residue_symmetry 
_pdbx_modification_feature.comp_id_linking_atom 
_pdbx_modification_feature.modified_residue_id_linking_atom 
_pdbx_modification_feature.modified_residue_id 
_pdbx_modification_feature.ref_pcm_id 
_pdbx_modification_feature.ref_comp_id 
_pdbx_modification_feature.type 
_pdbx_modification_feature.category 
1 NAG B .   ? ASN A 61  ? NAG A 401 ? 1_555 ASN A 61  ? 1_555 C1 ND2 ASN 1 NAG N-Glycosylation Carbohydrate       
2 CYS A 25  ? CYS A 72  ? CYS A 25  ? 1_555 CYS A 72  ? 1_555 SG SG  .   . .   None            'Disulfide bridge' 
3 CYS A 29  ? CYS A 76  ? CYS A 29  ? 1_555 CYS A 76  ? 1_555 SG SG  .   . .   None            'Disulfide bridge' 
4 CYS A 112 ? CYS A 182 ? CYS A 112 ? 1_555 CYS A 182 ? 1_555 SG SG  .   . .   None            'Disulfide bridge' 
# 
loop_
_struct_mon_prot_cis.pdbx_id 
_struct_mon_prot_cis.label_comp_id 
_struct_mon_prot_cis.label_seq_id 
_struct_mon_prot_cis.label_asym_id 
_struct_mon_prot_cis.label_alt_id 
_struct_mon_prot_cis.pdbx_PDB_ins_code 
_struct_mon_prot_cis.auth_comp_id 
_struct_mon_prot_cis.auth_seq_id 
_struct_mon_prot_cis.auth_asym_id 
_struct_mon_prot_cis.pdbx_label_comp_id_2 
_struct_mon_prot_cis.pdbx_label_seq_id_2 
_struct_mon_prot_cis.pdbx_label_asym_id_2 
_struct_mon_prot_cis.pdbx_PDB_ins_code_2 
_struct_mon_prot_cis.pdbx_auth_comp_id_2 
_struct_mon_prot_cis.pdbx_auth_seq_id_2 
_struct_mon_prot_cis.pdbx_auth_asym_id_2 
_struct_mon_prot_cis.pdbx_PDB_model_num 
_struct_mon_prot_cis.pdbx_omega_angle 
1 LYS 2   A . ? LYS 2   A PRO 3   A ? PRO 3   A 1 -0.55 
2 GLU 7   A . ? GLU 7   A PRO 8   A ? PRO 8   A 1 0.31  
3 SER 99  A . ? SER 99  A PRO 100 A ? PRO 100 A 1 0.42  
4 THR 118 A . ? THR 118 A PRO 119 A ? PRO 119 A 1 -0.04 
5 THR 174 A . ? THR 174 A PRO 175 A ? PRO 175 A 1 0.00  
# 
loop_
_struct_sheet.id 
_struct_sheet.type 
_struct_sheet.number_strands 
_struct_sheet.details 
A ? 4 ? 
B ? 4 ? 
C ? 3 ? 
D ? 4 ? 
E ? 2 ? 
# 
loop_
_struct_sheet_order.sheet_id 
_struct_sheet_order.range_id_1 
_struct_sheet_order.range_id_2 
_struct_sheet_order.offset 
_struct_sheet_order.sense 
A 1 2 ? anti-parallel 
A 2 3 ? anti-parallel 
A 3 4 ? anti-parallel 
B 1 2 ? parallel      
B 2 3 ? anti-parallel 
B 3 4 ? anti-parallel 
C 1 2 ? anti-parallel 
C 2 3 ? anti-parallel 
D 1 2 ? parallel      
D 2 3 ? anti-parallel 
D 3 4 ? anti-parallel 
E 1 2 ? anti-parallel 
# 
loop_
_struct_sheet_range.sheet_id 
_struct_sheet_range.id 
_struct_sheet_range.beg_label_comp_id 
_struct_sheet_range.beg_label_asym_id 
_struct_sheet_range.beg_label_seq_id 
_struct_sheet_range.pdbx_beg_PDB_ins_code 
_struct_sheet_range.end_label_comp_id 
_struct_sheet_range.end_label_asym_id 
_struct_sheet_range.end_label_seq_id 
_struct_sheet_range.pdbx_end_PDB_ins_code 
_struct_sheet_range.beg_auth_comp_id 
_struct_sheet_range.beg_auth_asym_id 
_struct_sheet_range.beg_auth_seq_id 
_struct_sheet_range.end_auth_comp_id 
_struct_sheet_range.end_auth_asym_id 
_struct_sheet_range.end_auth_seq_id 
A 1 LEU A 4   ? GLU A 7   ? LEU A 4   GLU A 7   
A 2 ARG A 21  ? LEU A 27  ? ARG A 21  LEU A 27  
A 3 SER A 55  ? VAL A 59  ? SER A 55  VAL A 59  
A 4 GLY A 46  ? SER A 50  ? GLY A 46  SER A 50  
B 1 VAL A 12  ? ALA A 16  ? VAL A 12  ALA A 16  
B 2 ARG A 79  ? TYR A 90  ? ARG A 79  TYR A 90  
B 3 GLY A 68  ? CYS A 76  ? GLY A 68  CYS A 76  
B 4 SER A 35  ? ARG A 39  ? SER A 35  ARG A 39  
C 1 LEU A 96  ? SER A 99  ? LEU A 96  SER A 99  
C 2 GLU A 109 ? ALA A 114 ? GLU A 109 ALA A 114 
C 3 VAL A 163 ? ARG A 168 ? VAL A 163 ARG A 168 
D 1 ALA A 102 ? VAL A 104 ? ALA A 102 VAL A 104 
D 2 LEU A 191 ? LEU A 202 ? LEU A 191 LEU A 202 
D 3 ALA A 179 ? LEU A 188 ? ALA A 179 LEU A 188 
D 4 SER A 126 ? VAL A 131 ? SER A 126 VAL A 131 
E 1 GLN A 147 ? GLU A 150 ? GLN A 147 GLU A 150 
E 2 ASP A 158 ? PHE A 161 ? ASP A 158 PHE A 161 
# 
loop_
_pdbx_struct_sheet_hbond.sheet_id 
_pdbx_struct_sheet_hbond.range_id_1 
_pdbx_struct_sheet_hbond.range_id_2 
_pdbx_struct_sheet_hbond.range_1_label_atom_id 
_pdbx_struct_sheet_hbond.range_1_label_comp_id 
_pdbx_struct_sheet_hbond.range_1_label_asym_id 
_pdbx_struct_sheet_hbond.range_1_label_seq_id 
_pdbx_struct_sheet_hbond.range_1_PDB_ins_code 
_pdbx_struct_sheet_hbond.range_1_auth_atom_id 
_pdbx_struct_sheet_hbond.range_1_auth_comp_id 
_pdbx_struct_sheet_hbond.range_1_auth_asym_id 
_pdbx_struct_sheet_hbond.range_1_auth_seq_id 
_pdbx_struct_sheet_hbond.range_2_label_atom_id 
_pdbx_struct_sheet_hbond.range_2_label_comp_id 
_pdbx_struct_sheet_hbond.range_2_label_asym_id 
_pdbx_struct_sheet_hbond.range_2_label_seq_id 
_pdbx_struct_sheet_hbond.range_2_PDB_ins_code 
_pdbx_struct_sheet_hbond.range_2_auth_atom_id 
_pdbx_struct_sheet_hbond.range_2_auth_comp_id 
_pdbx_struct_sheet_hbond.range_2_auth_asym_id 
_pdbx_struct_sheet_hbond.range_2_auth_seq_id 
A 1 2 O GLN A 5   ? O GLN A 5   N ARG A 26  ? N ARG A 26  
A 2 3 O ARG A 21  ? O ARG A 21  N VAL A 59  ? N VAL A 59  
A 3 4 O VAL A 56  ? O VAL A 56  N GLN A 49  ? N GLN A 49  
B 1 2 O VAL A 13  ? O VAL A 13  N GLN A 86  ? N GLN A 86  
B 2 3 O ARG A 79  ? O ARG A 79  N CYS A 76  ? N CYS A 76  
B 3 4 O VAL A 71  ? O VAL A 71  N ARG A 39  ? N ARG A 39  
C 1 2 O THR A 97  ? O THR A 97  N THR A 113 ? N THR A 113 
C 2 3 O VAL A 110 ? O VAL A 110 N TRP A 167 ? N TRP A 167 
D 1 2 O LEU A 103 ? O LEU A 103 N PRO A 200 ? N PRO A 200 
D 2 3 O LEU A 191 ? O LEU A 191 N LEU A 188 ? N LEU A 188 
D 3 4 O TYR A 181 ? O TYR A 181 N LEU A 130 ? N LEU A 130 
E 1 2 O GLU A 148 ? O GLU A 148 N LEU A 160 ? N LEU A 160 
# 
_pdbx_entry_details.entry_id                   1BQS 
_pdbx_entry_details.compound_details           
;MUCOSAL ADDRESSIN CELL ADHESION MOLECULE-1 (MADCAM-1) IS
IMPORTANT IN LYMPHOCYTE HOMING TO MUCOSAL TISSUES. HUMAN
MADCAM-1 CONTAINS TWO IG-LIKE DOMAINS, A MUCIN-LIKE REGION,
A TRANSMEMBRANE DOMAIN AND A CYTOPLASMIC DOMAIN. IT HAS A
UNIQUE DUAL FUNCTION AMONG ADHESION MOLECULES. IT BINDS THE
INTEGRIN ALPHA4BETA7IG-LIKE DOMAINS, AND WHEN APPROPRIATE,
O-GLYCOSYLATED MOLECULES BIND THROUGH ITS MUCIN-LIKE
REGION.

THE FIVE C-TERMINAL RESIDUES (PTSPE) FORM THE BEGINNING OF
THE MUCIN-LIKE DOMAIN.
;
_pdbx_entry_details.source_details             ? 
_pdbx_entry_details.nonpolymer_details         ? 
_pdbx_entry_details.sequence_details           ? 
_pdbx_entry_details.has_ligand_of_interest     ? 
_pdbx_entry_details.has_protein_modification   Y 
# 
_pdbx_validate_close_contact.id               1 
_pdbx_validate_close_contact.PDB_model_num    1 
_pdbx_validate_close_contact.auth_atom_id_1   O 
_pdbx_validate_close_contact.auth_asym_id_1   A 
_pdbx_validate_close_contact.auth_comp_id_1   VAL 
_pdbx_validate_close_contact.auth_seq_id_1    104 
_pdbx_validate_close_contact.PDB_ins_code_1   ? 
_pdbx_validate_close_contact.label_alt_id_1   ? 
_pdbx_validate_close_contact.auth_atom_id_2   N 
_pdbx_validate_close_contact.auth_asym_id_2   A 
_pdbx_validate_close_contact.auth_comp_id_2   GLY 
_pdbx_validate_close_contact.auth_seq_id_2    106 
_pdbx_validate_close_contact.PDB_ins_code_2   ? 
_pdbx_validate_close_contact.label_alt_id_2   ? 
_pdbx_validate_close_contact.dist             2.19 
# 
_pdbx_validate_rmsd_angle.id                         1 
_pdbx_validate_rmsd_angle.PDB_model_num              1 
_pdbx_validate_rmsd_angle.auth_atom_id_1             C 
_pdbx_validate_rmsd_angle.auth_asym_id_1             A 
_pdbx_validate_rmsd_angle.auth_comp_id_1             GLU 
_pdbx_validate_rmsd_angle.auth_seq_id_1              152 
_pdbx_validate_rmsd_angle.PDB_ins_code_1             ? 
_pdbx_validate_rmsd_angle.label_alt_id_1             ? 
_pdbx_validate_rmsd_angle.auth_atom_id_2             N 
_pdbx_validate_rmsd_angle.auth_asym_id_2             A 
_pdbx_validate_rmsd_angle.auth_comp_id_2             PRO 
_pdbx_validate_rmsd_angle.auth_seq_id_2              153 
_pdbx_validate_rmsd_angle.PDB_ins_code_2             ? 
_pdbx_validate_rmsd_angle.label_alt_id_2             ? 
_pdbx_validate_rmsd_angle.auth_atom_id_3             CA 
_pdbx_validate_rmsd_angle.auth_asym_id_3             A 
_pdbx_validate_rmsd_angle.auth_comp_id_3             PRO 
_pdbx_validate_rmsd_angle.auth_seq_id_3              153 
_pdbx_validate_rmsd_angle.PDB_ins_code_3             ? 
_pdbx_validate_rmsd_angle.label_alt_id_3             ? 
_pdbx_validate_rmsd_angle.angle_value                129.60 
_pdbx_validate_rmsd_angle.angle_target_value         119.30 
_pdbx_validate_rmsd_angle.angle_deviation            10.30 
_pdbx_validate_rmsd_angle.angle_standard_deviation   1.50 
_pdbx_validate_rmsd_angle.linker_flag                Y 
# 
loop_
_pdbx_validate_torsion.id 
_pdbx_validate_torsion.PDB_model_num 
_pdbx_validate_torsion.auth_comp_id 
_pdbx_validate_torsion.auth_asym_id 
_pdbx_validate_torsion.auth_seq_id 
_pdbx_validate_torsion.PDB_ins_code 
_pdbx_validate_torsion.label_alt_id 
_pdbx_validate_torsion.phi 
_pdbx_validate_torsion.psi 
1  1 LYS A 2   ? ? -134.70 -56.30  
2  1 GLU A 10  ? ? -34.06  132.33  
3  1 ALA A 34  ? ? -31.94  128.08  
4  1 LEU A 41  ? ? -159.27 -28.81  
5  1 ASP A 42  ? ? 102.27  -69.19  
6  1 THR A 43  ? ? -27.46  -171.17 
7  1 SER A 44  ? ? 134.91  -36.52  
8  1 LEU A 45  ? ? 117.29  38.64   
9  1 ASP A 51  ? ? 95.65   -10.17  
10 1 THR A 52  ? ? -118.08 54.96   
11 1 ARG A 54  ? ? 65.05   -98.44  
12 1 ASN A 61  ? ? 36.97   52.35   
13 1 ALA A 62  ? ? -37.43  143.29  
14 1 PRO A 105 ? ? -48.61  9.32    
15 1 ASP A 107 ? ? 169.04  -45.36  
16 1 PRO A 108 ? ? -25.99  -109.47 
17 1 LYS A 116 ? ? 45.40   76.71   
18 1 THR A 118 ? ? 179.94  126.57  
19 1 ASN A 123 ? ? 78.63   -18.55  
20 1 GLN A 140 ? ? -89.23  -132.25 
21 1 ALA A 141 ? ? 170.71  -178.28 
22 1 LEU A 142 ? ? 150.90  103.98  
23 1 GLU A 151 ? ? 159.22  82.44   
24 1 PRO A 153 ? ? -38.74  144.74  
25 1 ASP A 158 ? ? 141.39  178.65  
26 1 LEU A 160 ? ? -138.78 -154.93 
27 1 LEU A 172 ? ? 98.76   -104.45 
28 1 VAL A 176 ? ? -39.77  131.97  
29 1 HIS A 203 ? ? -68.65  70.28   
30 1 PRO A 205 ? ? -54.86  92.76   
31 1 THR A 206 ? ? -111.40 -156.79 
32 1 SER A 207 ? ? 88.23   -26.82  
33 1 PRO A 208 ? ? -94.90  -147.42 
# 
_pdbx_validate_chiral.id              1 
_pdbx_validate_chiral.PDB_model_num   1 
_pdbx_validate_chiral.auth_atom_id    C1 
_pdbx_validate_chiral.label_alt_id    ? 
_pdbx_validate_chiral.auth_asym_id    A 
_pdbx_validate_chiral.auth_comp_id    NAG 
_pdbx_validate_chiral.auth_seq_id     401 
_pdbx_validate_chiral.PDB_ins_code    ? 
_pdbx_validate_chiral.details         'WRONG HAND' 
_pdbx_validate_chiral.omega           . 
# 
_pdbx_struct_mod_residue.id               1 
_pdbx_struct_mod_residue.label_asym_id    A 
_pdbx_struct_mod_residue.label_comp_id    ASN 
_pdbx_struct_mod_residue.label_seq_id     61 
_pdbx_struct_mod_residue.auth_asym_id     A 
_pdbx_struct_mod_residue.auth_comp_id     ASN 
_pdbx_struct_mod_residue.auth_seq_id      61 
_pdbx_struct_mod_residue.PDB_ins_code     ? 
_pdbx_struct_mod_residue.parent_comp_id   ASN 
_pdbx_struct_mod_residue.details          'GLYCOSYLATION SITE' 
# 
loop_
_chem_comp_atom.comp_id 
_chem_comp_atom.atom_id 
_chem_comp_atom.type_symbol 
_chem_comp_atom.pdbx_aromatic_flag 
_chem_comp_atom.pdbx_stereo_config 
_chem_comp_atom.pdbx_ordinal 
ALA N    N N N 1   
ALA CA   C N S 2   
ALA C    C N N 3   
ALA O    O N N 4   
ALA CB   C N N 5   
ALA OXT  O N N 6   
ALA H    H N N 7   
ALA H2   H N N 8   
ALA HA   H N N 9   
ALA HB1  H N N 10  
ALA HB2  H N N 11  
ALA HB3  H N N 12  
ALA HXT  H N N 13  
ARG N    N N N 14  
ARG CA   C N S 15  
ARG C    C N N 16  
ARG O    O N N 17  
ARG CB   C N N 18  
ARG CG   C N N 19  
ARG CD   C N N 20  
ARG NE   N N N 21  
ARG CZ   C N N 22  
ARG NH1  N N N 23  
ARG NH2  N N N 24  
ARG OXT  O N N 25  
ARG H    H N N 26  
ARG H2   H N N 27  
ARG HA   H N N 28  
ARG HB2  H N N 29  
ARG HB3  H N N 30  
ARG HG2  H N N 31  
ARG HG3  H N N 32  
ARG HD2  H N N 33  
ARG HD3  H N N 34  
ARG HE   H N N 35  
ARG HH11 H N N 36  
ARG HH12 H N N 37  
ARG HH21 H N N 38  
ARG HH22 H N N 39  
ARG HXT  H N N 40  
ASN N    N N N 41  
ASN CA   C N S 42  
ASN C    C N N 43  
ASN O    O N N 44  
ASN CB   C N N 45  
ASN CG   C N N 46  
ASN OD1  O N N 47  
ASN ND2  N N N 48  
ASN OXT  O N N 49  
ASN H    H N N 50  
ASN H2   H N N 51  
ASN HA   H N N 52  
ASN HB2  H N N 53  
ASN HB3  H N N 54  
ASN HD21 H N N 55  
ASN HD22 H N N 56  
ASN HXT  H N N 57  
ASP N    N N N 58  
ASP CA   C N S 59  
ASP C    C N N 60  
ASP O    O N N 61  
ASP CB   C N N 62  
ASP CG   C N N 63  
ASP OD1  O N N 64  
ASP OD2  O N N 65  
ASP OXT  O N N 66  
ASP H    H N N 67  
ASP H2   H N N 68  
ASP HA   H N N 69  
ASP HB2  H N N 70  
ASP HB3  H N N 71  
ASP HD2  H N N 72  
ASP HXT  H N N 73  
CYS N    N N N 74  
CYS CA   C N R 75  
CYS C    C N N 76  
CYS O    O N N 77  
CYS CB   C N N 78  
CYS SG   S N N 79  
CYS OXT  O N N 80  
CYS H    H N N 81  
CYS H2   H N N 82  
CYS HA   H N N 83  
CYS HB2  H N N 84  
CYS HB3  H N N 85  
CYS HG   H N N 86  
CYS HXT  H N N 87  
GLN N    N N N 88  
GLN CA   C N S 89  
GLN C    C N N 90  
GLN O    O N N 91  
GLN CB   C N N 92  
GLN CG   C N N 93  
GLN CD   C N N 94  
GLN OE1  O N N 95  
GLN NE2  N N N 96  
GLN OXT  O N N 97  
GLN H    H N N 98  
GLN H2   H N N 99  
GLN HA   H N N 100 
GLN HB2  H N N 101 
GLN HB3  H N N 102 
GLN HG2  H N N 103 
GLN HG3  H N N 104 
GLN HE21 H N N 105 
GLN HE22 H N N 106 
GLN HXT  H N N 107 
GLU N    N N N 108 
GLU CA   C N S 109 
GLU C    C N N 110 
GLU O    O N N 111 
GLU CB   C N N 112 
GLU CG   C N N 113 
GLU CD   C N N 114 
GLU OE1  O N N 115 
GLU OE2  O N N 116 
GLU OXT  O N N 117 
GLU H    H N N 118 
GLU H2   H N N 119 
GLU HA   H N N 120 
GLU HB2  H N N 121 
GLU HB3  H N N 122 
GLU HG2  H N N 123 
GLU HG3  H N N 124 
GLU HE2  H N N 125 
GLU HXT  H N N 126 
GLY N    N N N 127 
GLY CA   C N N 128 
GLY C    C N N 129 
GLY O    O N N 130 
GLY OXT  O N N 131 
GLY H    H N N 132 
GLY H2   H N N 133 
GLY HA2  H N N 134 
GLY HA3  H N N 135 
GLY HXT  H N N 136 
HIS N    N N N 137 
HIS CA   C N S 138 
HIS C    C N N 139 
HIS O    O N N 140 
HIS CB   C N N 141 
HIS CG   C Y N 142 
HIS ND1  N Y N 143 
HIS CD2  C Y N 144 
HIS CE1  C Y N 145 
HIS NE2  N Y N 146 
HIS OXT  O N N 147 
HIS H    H N N 148 
HIS H2   H N N 149 
HIS HA   H N N 150 
HIS HB2  H N N 151 
HIS HB3  H N N 152 
HIS HD1  H N N 153 
HIS HD2  H N N 154 
HIS HE1  H N N 155 
HIS HE2  H N N 156 
HIS HXT  H N N 157 
HOH O    O N N 158 
HOH H1   H N N 159 
HOH H2   H N N 160 
ILE N    N N N 161 
ILE CA   C N S 162 
ILE C    C N N 163 
ILE O    O N N 164 
ILE CB   C N S 165 
ILE CG1  C N N 166 
ILE CG2  C N N 167 
ILE CD1  C N N 168 
ILE OXT  O N N 169 
ILE H    H N N 170 
ILE H2   H N N 171 
ILE HA   H N N 172 
ILE HB   H N N 173 
ILE HG12 H N N 174 
ILE HG13 H N N 175 
ILE HG21 H N N 176 
ILE HG22 H N N 177 
ILE HG23 H N N 178 
ILE HD11 H N N 179 
ILE HD12 H N N 180 
ILE HD13 H N N 181 
ILE HXT  H N N 182 
LEU N    N N N 183 
LEU CA   C N S 184 
LEU C    C N N 185 
LEU O    O N N 186 
LEU CB   C N N 187 
LEU CG   C N N 188 
LEU CD1  C N N 189 
LEU CD2  C N N 190 
LEU OXT  O N N 191 
LEU H    H N N 192 
LEU H2   H N N 193 
LEU HA   H N N 194 
LEU HB2  H N N 195 
LEU HB3  H N N 196 
LEU HG   H N N 197 
LEU HD11 H N N 198 
LEU HD12 H N N 199 
LEU HD13 H N N 200 
LEU HD21 H N N 201 
LEU HD22 H N N 202 
LEU HD23 H N N 203 
LEU HXT  H N N 204 
LYS N    N N N 205 
LYS CA   C N S 206 
LYS C    C N N 207 
LYS O    O N N 208 
LYS CB   C N N 209 
LYS CG   C N N 210 
LYS CD   C N N 211 
LYS CE   C N N 212 
LYS NZ   N N N 213 
LYS OXT  O N N 214 
LYS H    H N N 215 
LYS H2   H N N 216 
LYS HA   H N N 217 
LYS HB2  H N N 218 
LYS HB3  H N N 219 
LYS HG2  H N N 220 
LYS HG3  H N N 221 
LYS HD2  H N N 222 
LYS HD3  H N N 223 
LYS HE2  H N N 224 
LYS HE3  H N N 225 
LYS HZ1  H N N 226 
LYS HZ2  H N N 227 
LYS HZ3  H N N 228 
LYS HXT  H N N 229 
MET N    N N N 230 
MET CA   C N S 231 
MET C    C N N 232 
MET O    O N N 233 
MET CB   C N N 234 
MET CG   C N N 235 
MET SD   S N N 236 
MET CE   C N N 237 
MET OXT  O N N 238 
MET H    H N N 239 
MET H2   H N N 240 
MET HA   H N N 241 
MET HB2  H N N 242 
MET HB3  H N N 243 
MET HG2  H N N 244 
MET HG3  H N N 245 
MET HE1  H N N 246 
MET HE2  H N N 247 
MET HE3  H N N 248 
MET HXT  H N N 249 
NAG C1   C N R 250 
NAG C2   C N R 251 
NAG C3   C N R 252 
NAG C4   C N S 253 
NAG C5   C N R 254 
NAG C6   C N N 255 
NAG C7   C N N 256 
NAG C8   C N N 257 
NAG N2   N N N 258 
NAG O1   O N N 259 
NAG O3   O N N 260 
NAG O4   O N N 261 
NAG O5   O N N 262 
NAG O6   O N N 263 
NAG O7   O N N 264 
NAG H1   H N N 265 
NAG H2   H N N 266 
NAG H3   H N N 267 
NAG H4   H N N 268 
NAG H5   H N N 269 
NAG H61  H N N 270 
NAG H62  H N N 271 
NAG H81  H N N 272 
NAG H82  H N N 273 
NAG H83  H N N 274 
NAG HN2  H N N 275 
NAG HO1  H N N 276 
NAG HO3  H N N 277 
NAG HO4  H N N 278 
NAG HO6  H N N 279 
PHE N    N N N 280 
PHE CA   C N S 281 
PHE C    C N N 282 
PHE O    O N N 283 
PHE CB   C N N 284 
PHE CG   C Y N 285 
PHE CD1  C Y N 286 
PHE CD2  C Y N 287 
PHE CE1  C Y N 288 
PHE CE2  C Y N 289 
PHE CZ   C Y N 290 
PHE OXT  O N N 291 
PHE H    H N N 292 
PHE H2   H N N 293 
PHE HA   H N N 294 
PHE HB2  H N N 295 
PHE HB3  H N N 296 
PHE HD1  H N N 297 
PHE HD2  H N N 298 
PHE HE1  H N N 299 
PHE HE2  H N N 300 
PHE HZ   H N N 301 
PHE HXT  H N N 302 
PRO N    N N N 303 
PRO CA   C N S 304 
PRO C    C N N 305 
PRO O    O N N 306 
PRO CB   C N N 307 
PRO CG   C N N 308 
PRO CD   C N N 309 
PRO OXT  O N N 310 
PRO H    H N N 311 
PRO HA   H N N 312 
PRO HB2  H N N 313 
PRO HB3  H N N 314 
PRO HG2  H N N 315 
PRO HG3  H N N 316 
PRO HD2  H N N 317 
PRO HD3  H N N 318 
PRO HXT  H N N 319 
SER N    N N N 320 
SER CA   C N S 321 
SER C    C N N 322 
SER O    O N N 323 
SER CB   C N N 324 
SER OG   O N N 325 
SER OXT  O N N 326 
SER H    H N N 327 
SER H2   H N N 328 
SER HA   H N N 329 
SER HB2  H N N 330 
SER HB3  H N N 331 
SER HG   H N N 332 
SER HXT  H N N 333 
THR N    N N N 334 
THR CA   C N S 335 
THR C    C N N 336 
THR O    O N N 337 
THR CB   C N R 338 
THR OG1  O N N 339 
THR CG2  C N N 340 
THR OXT  O N N 341 
THR H    H N N 342 
THR H2   H N N 343 
THR HA   H N N 344 
THR HB   H N N 345 
THR HG1  H N N 346 
THR HG21 H N N 347 
THR HG22 H N N 348 
THR HG23 H N N 349 
THR HXT  H N N 350 
TRP N    N N N 351 
TRP CA   C N S 352 
TRP C    C N N 353 
TRP O    O N N 354 
TRP CB   C N N 355 
TRP CG   C Y N 356 
TRP CD1  C Y N 357 
TRP CD2  C Y N 358 
TRP NE1  N Y N 359 
TRP CE2  C Y N 360 
TRP CE3  C Y N 361 
TRP CZ2  C Y N 362 
TRP CZ3  C Y N 363 
TRP CH2  C Y N 364 
TRP OXT  O N N 365 
TRP H    H N N 366 
TRP H2   H N N 367 
TRP HA   H N N 368 
TRP HB2  H N N 369 
TRP HB3  H N N 370 
TRP HD1  H N N 371 
TRP HE1  H N N 372 
TRP HE3  H N N 373 
TRP HZ2  H N N 374 
TRP HZ3  H N N 375 
TRP HH2  H N N 376 
TRP HXT  H N N 377 
TYR N    N N N 378 
TYR CA   C N S 379 
TYR C    C N N 380 
TYR O    O N N 381 
TYR CB   C N N 382 
TYR CG   C Y N 383 
TYR CD1  C Y N 384 
TYR CD2  C Y N 385 
TYR CE1  C Y N 386 
TYR CE2  C Y N 387 
TYR CZ   C Y N 388 
TYR OH   O N N 389 
TYR OXT  O N N 390 
TYR H    H N N 391 
TYR H2   H N N 392 
TYR HA   H N N 393 
TYR HB2  H N N 394 
TYR HB3  H N N 395 
TYR HD1  H N N 396 
TYR HD2  H N N 397 
TYR HE1  H N N 398 
TYR HE2  H N N 399 
TYR HH   H N N 400 
TYR HXT  H N N 401 
VAL N    N N N 402 
VAL CA   C N S 403 
VAL C    C N N 404 
VAL O    O N N 405 
VAL CB   C N N 406 
VAL CG1  C N N 407 
VAL CG2  C N N 408 
VAL OXT  O N N 409 
VAL H    H N N 410 
VAL H2   H N N 411 
VAL HA   H N N 412 
VAL HB   H N N 413 
VAL HG11 H N N 414 
VAL HG12 H N N 415 
VAL HG13 H N N 416 
VAL HG21 H N N 417 
VAL HG22 H N N 418 
VAL HG23 H N N 419 
VAL HXT  H N N 420 
# 
loop_
_chem_comp_bond.comp_id 
_chem_comp_bond.atom_id_1 
_chem_comp_bond.atom_id_2 
_chem_comp_bond.value_order 
_chem_comp_bond.pdbx_aromatic_flag 
_chem_comp_bond.pdbx_stereo_config 
_chem_comp_bond.pdbx_ordinal 
ALA N   CA   sing N N 1   
ALA N   H    sing N N 2   
ALA N   H2   sing N N 3   
ALA CA  C    sing N N 4   
ALA CA  CB   sing N N 5   
ALA CA  HA   sing N N 6   
ALA C   O    doub N N 7   
ALA C   OXT  sing N N 8   
ALA CB  HB1  sing N N 9   
ALA CB  HB2  sing N N 10  
ALA CB  HB3  sing N N 11  
ALA OXT HXT  sing N N 12  
ARG N   CA   sing N N 13  
ARG N   H    sing N N 14  
ARG N   H2   sing N N 15  
ARG CA  C    sing N N 16  
ARG CA  CB   sing N N 17  
ARG CA  HA   sing N N 18  
ARG C   O    doub N N 19  
ARG C   OXT  sing N N 20  
ARG CB  CG   sing N N 21  
ARG CB  HB2  sing N N 22  
ARG CB  HB3  sing N N 23  
ARG CG  CD   sing N N 24  
ARG CG  HG2  sing N N 25  
ARG CG  HG3  sing N N 26  
ARG CD  NE   sing N N 27  
ARG CD  HD2  sing N N 28  
ARG CD  HD3  sing N N 29  
ARG NE  CZ   sing N N 30  
ARG NE  HE   sing N N 31  
ARG CZ  NH1  sing N N 32  
ARG CZ  NH2  doub N N 33  
ARG NH1 HH11 sing N N 34  
ARG NH1 HH12 sing N N 35  
ARG NH2 HH21 sing N N 36  
ARG NH2 HH22 sing N N 37  
ARG OXT HXT  sing N N 38  
ASN N   CA   sing N N 39  
ASN N   H    sing N N 40  
ASN N   H2   sing N N 41  
ASN CA  C    sing N N 42  
ASN CA  CB   sing N N 43  
ASN CA  HA   sing N N 44  
ASN C   O    doub N N 45  
ASN C   OXT  sing N N 46  
ASN CB  CG   sing N N 47  
ASN CB  HB2  sing N N 48  
ASN CB  HB3  sing N N 49  
ASN CG  OD1  doub N N 50  
ASN CG  ND2  sing N N 51  
ASN ND2 HD21 sing N N 52  
ASN ND2 HD22 sing N N 53  
ASN OXT HXT  sing N N 54  
ASP N   CA   sing N N 55  
ASP N   H    sing N N 56  
ASP N   H2   sing N N 57  
ASP CA  C    sing N N 58  
ASP CA  CB   sing N N 59  
ASP CA  HA   sing N N 60  
ASP C   O    doub N N 61  
ASP C   OXT  sing N N 62  
ASP CB  CG   sing N N 63  
ASP CB  HB2  sing N N 64  
ASP CB  HB3  sing N N 65  
ASP CG  OD1  doub N N 66  
ASP CG  OD2  sing N N 67  
ASP OD2 HD2  sing N N 68  
ASP OXT HXT  sing N N 69  
CYS N   CA   sing N N 70  
CYS N   H    sing N N 71  
CYS N   H2   sing N N 72  
CYS CA  C    sing N N 73  
CYS CA  CB   sing N N 74  
CYS CA  HA   sing N N 75  
CYS C   O    doub N N 76  
CYS C   OXT  sing N N 77  
CYS CB  SG   sing N N 78  
CYS CB  HB2  sing N N 79  
CYS CB  HB3  sing N N 80  
CYS SG  HG   sing N N 81  
CYS OXT HXT  sing N N 82  
GLN N   CA   sing N N 83  
GLN N   H    sing N N 84  
GLN N   H2   sing N N 85  
GLN CA  C    sing N N 86  
GLN CA  CB   sing N N 87  
GLN CA  HA   sing N N 88  
GLN C   O    doub N N 89  
GLN C   OXT  sing N N 90  
GLN CB  CG   sing N N 91  
GLN CB  HB2  sing N N 92  
GLN CB  HB3  sing N N 93  
GLN CG  CD   sing N N 94  
GLN CG  HG2  sing N N 95  
GLN CG  HG3  sing N N 96  
GLN CD  OE1  doub N N 97  
GLN CD  NE2  sing N N 98  
GLN NE2 HE21 sing N N 99  
GLN NE2 HE22 sing N N 100 
GLN OXT HXT  sing N N 101 
GLU N   CA   sing N N 102 
GLU N   H    sing N N 103 
GLU N   H2   sing N N 104 
GLU CA  C    sing N N 105 
GLU CA  CB   sing N N 106 
GLU CA  HA   sing N N 107 
GLU C   O    doub N N 108 
GLU C   OXT  sing N N 109 
GLU CB  CG   sing N N 110 
GLU CB  HB2  sing N N 111 
GLU CB  HB3  sing N N 112 
GLU CG  CD   sing N N 113 
GLU CG  HG2  sing N N 114 
GLU CG  HG3  sing N N 115 
GLU CD  OE1  doub N N 116 
GLU CD  OE2  sing N N 117 
GLU OE2 HE2  sing N N 118 
GLU OXT HXT  sing N N 119 
GLY N   CA   sing N N 120 
GLY N   H    sing N N 121 
GLY N   H2   sing N N 122 
GLY CA  C    sing N N 123 
GLY CA  HA2  sing N N 124 
GLY CA  HA3  sing N N 125 
GLY C   O    doub N N 126 
GLY C   OXT  sing N N 127 
GLY OXT HXT  sing N N 128 
HIS N   CA   sing N N 129 
HIS N   H    sing N N 130 
HIS N   H2   sing N N 131 
HIS CA  C    sing N N 132 
HIS CA  CB   sing N N 133 
HIS CA  HA   sing N N 134 
HIS C   O    doub N N 135 
HIS C   OXT  sing N N 136 
HIS CB  CG   sing N N 137 
HIS CB  HB2  sing N N 138 
HIS CB  HB3  sing N N 139 
HIS CG  ND1  sing Y N 140 
HIS CG  CD2  doub Y N 141 
HIS ND1 CE1  doub Y N 142 
HIS ND1 HD1  sing N N 143 
HIS CD2 NE2  sing Y N 144 
HIS CD2 HD2  sing N N 145 
HIS CE1 NE2  sing Y N 146 
HIS CE1 HE1  sing N N 147 
HIS NE2 HE2  sing N N 148 
HIS OXT HXT  sing N N 149 
HOH O   H1   sing N N 150 
HOH O   H2   sing N N 151 
ILE N   CA   sing N N 152 
ILE N   H    sing N N 153 
ILE N   H2   sing N N 154 
ILE CA  C    sing N N 155 
ILE CA  CB   sing N N 156 
ILE CA  HA   sing N N 157 
ILE C   O    doub N N 158 
ILE C   OXT  sing N N 159 
ILE CB  CG1  sing N N 160 
ILE CB  CG2  sing N N 161 
ILE CB  HB   sing N N 162 
ILE CG1 CD1  sing N N 163 
ILE CG1 HG12 sing N N 164 
ILE CG1 HG13 sing N N 165 
ILE CG2 HG21 sing N N 166 
ILE CG2 HG22 sing N N 167 
ILE CG2 HG23 sing N N 168 
ILE CD1 HD11 sing N N 169 
ILE CD1 HD12 sing N N 170 
ILE CD1 HD13 sing N N 171 
ILE OXT HXT  sing N N 172 
LEU N   CA   sing N N 173 
LEU N   H    sing N N 174 
LEU N   H2   sing N N 175 
LEU CA  C    sing N N 176 
LEU CA  CB   sing N N 177 
LEU CA  HA   sing N N 178 
LEU C   O    doub N N 179 
LEU C   OXT  sing N N 180 
LEU CB  CG   sing N N 181 
LEU CB  HB2  sing N N 182 
LEU CB  HB3  sing N N 183 
LEU CG  CD1  sing N N 184 
LEU CG  CD2  sing N N 185 
LEU CG  HG   sing N N 186 
LEU CD1 HD11 sing N N 187 
LEU CD1 HD12 sing N N 188 
LEU CD1 HD13 sing N N 189 
LEU CD2 HD21 sing N N 190 
LEU CD2 HD22 sing N N 191 
LEU CD2 HD23 sing N N 192 
LEU OXT HXT  sing N N 193 
LYS N   CA   sing N N 194 
LYS N   H    sing N N 195 
LYS N   H2   sing N N 196 
LYS CA  C    sing N N 197 
LYS CA  CB   sing N N 198 
LYS CA  HA   sing N N 199 
LYS C   O    doub N N 200 
LYS C   OXT  sing N N 201 
LYS CB  CG   sing N N 202 
LYS CB  HB2  sing N N 203 
LYS CB  HB3  sing N N 204 
LYS CG  CD   sing N N 205 
LYS CG  HG2  sing N N 206 
LYS CG  HG3  sing N N 207 
LYS CD  CE   sing N N 208 
LYS CD  HD2  sing N N 209 
LYS CD  HD3  sing N N 210 
LYS CE  NZ   sing N N 211 
LYS CE  HE2  sing N N 212 
LYS CE  HE3  sing N N 213 
LYS NZ  HZ1  sing N N 214 
LYS NZ  HZ2  sing N N 215 
LYS NZ  HZ3  sing N N 216 
LYS OXT HXT  sing N N 217 
MET N   CA   sing N N 218 
MET N   H    sing N N 219 
MET N   H2   sing N N 220 
MET CA  C    sing N N 221 
MET CA  CB   sing N N 222 
MET CA  HA   sing N N 223 
MET C   O    doub N N 224 
MET C   OXT  sing N N 225 
MET CB  CG   sing N N 226 
MET CB  HB2  sing N N 227 
MET CB  HB3  sing N N 228 
MET CG  SD   sing N N 229 
MET CG  HG2  sing N N 230 
MET CG  HG3  sing N N 231 
MET SD  CE   sing N N 232 
MET CE  HE1  sing N N 233 
MET CE  HE2  sing N N 234 
MET CE  HE3  sing N N 235 
MET OXT HXT  sing N N 236 
NAG C1  C2   sing N N 237 
NAG C1  O1   sing N N 238 
NAG C1  O5   sing N N 239 
NAG C1  H1   sing N N 240 
NAG C2  C3   sing N N 241 
NAG C2  N2   sing N N 242 
NAG C2  H2   sing N N 243 
NAG C3  C4   sing N N 244 
NAG C3  O3   sing N N 245 
NAG C3  H3   sing N N 246 
NAG C4  C5   sing N N 247 
NAG C4  O4   sing N N 248 
NAG C4  H4   sing N N 249 
NAG C5  C6   sing N N 250 
NAG C5  O5   sing N N 251 
NAG C5  H5   sing N N 252 
NAG C6  O6   sing N N 253 
NAG C6  H61  sing N N 254 
NAG C6  H62  sing N N 255 
NAG C7  C8   sing N N 256 
NAG C7  N2   sing N N 257 
NAG C7  O7   doub N N 258 
NAG C8  H81  sing N N 259 
NAG C8  H82  sing N N 260 
NAG C8  H83  sing N N 261 
NAG N2  HN2  sing N N 262 
NAG O1  HO1  sing N N 263 
NAG O3  HO3  sing N N 264 
NAG O4  HO4  sing N N 265 
NAG O6  HO6  sing N N 266 
PHE N   CA   sing N N 267 
PHE N   H    sing N N 268 
PHE N   H2   sing N N 269 
PHE CA  C    sing N N 270 
PHE CA  CB   sing N N 271 
PHE CA  HA   sing N N 272 
PHE C   O    doub N N 273 
PHE C   OXT  sing N N 274 
PHE CB  CG   sing N N 275 
PHE CB  HB2  sing N N 276 
PHE CB  HB3  sing N N 277 
PHE CG  CD1  doub Y N 278 
PHE CG  CD2  sing Y N 279 
PHE CD1 CE1  sing Y N 280 
PHE CD1 HD1  sing N N 281 
PHE CD2 CE2  doub Y N 282 
PHE CD2 HD2  sing N N 283 
PHE CE1 CZ   doub Y N 284 
PHE CE1 HE1  sing N N 285 
PHE CE2 CZ   sing Y N 286 
PHE CE2 HE2  sing N N 287 
PHE CZ  HZ   sing N N 288 
PHE OXT HXT  sing N N 289 
PRO N   CA   sing N N 290 
PRO N   CD   sing N N 291 
PRO N   H    sing N N 292 
PRO CA  C    sing N N 293 
PRO CA  CB   sing N N 294 
PRO CA  HA   sing N N 295 
PRO C   O    doub N N 296 
PRO C   OXT  sing N N 297 
PRO CB  CG   sing N N 298 
PRO CB  HB2  sing N N 299 
PRO CB  HB3  sing N N 300 
PRO CG  CD   sing N N 301 
PRO CG  HG2  sing N N 302 
PRO CG  HG3  sing N N 303 
PRO CD  HD2  sing N N 304 
PRO CD  HD3  sing N N 305 
PRO OXT HXT  sing N N 306 
SER N   CA   sing N N 307 
SER N   H    sing N N 308 
SER N   H2   sing N N 309 
SER CA  C    sing N N 310 
SER CA  CB   sing N N 311 
SER CA  HA   sing N N 312 
SER C   O    doub N N 313 
SER C   OXT  sing N N 314 
SER CB  OG   sing N N 315 
SER CB  HB2  sing N N 316 
SER CB  HB3  sing N N 317 
SER OG  HG   sing N N 318 
SER OXT HXT  sing N N 319 
THR N   CA   sing N N 320 
THR N   H    sing N N 321 
THR N   H2   sing N N 322 
THR CA  C    sing N N 323 
THR CA  CB   sing N N 324 
THR CA  HA   sing N N 325 
THR C   O    doub N N 326 
THR C   OXT  sing N N 327 
THR CB  OG1  sing N N 328 
THR CB  CG2  sing N N 329 
THR CB  HB   sing N N 330 
THR OG1 HG1  sing N N 331 
THR CG2 HG21 sing N N 332 
THR CG2 HG22 sing N N 333 
THR CG2 HG23 sing N N 334 
THR OXT HXT  sing N N 335 
TRP N   CA   sing N N 336 
TRP N   H    sing N N 337 
TRP N   H2   sing N N 338 
TRP CA  C    sing N N 339 
TRP CA  CB   sing N N 340 
TRP CA  HA   sing N N 341 
TRP C   O    doub N N 342 
TRP C   OXT  sing N N 343 
TRP CB  CG   sing N N 344 
TRP CB  HB2  sing N N 345 
TRP CB  HB3  sing N N 346 
TRP CG  CD1  doub Y N 347 
TRP CG  CD2  sing Y N 348 
TRP CD1 NE1  sing Y N 349 
TRP CD1 HD1  sing N N 350 
TRP CD2 CE2  doub Y N 351 
TRP CD2 CE3  sing Y N 352 
TRP NE1 CE2  sing Y N 353 
TRP NE1 HE1  sing N N 354 
TRP CE2 CZ2  sing Y N 355 
TRP CE3 CZ3  doub Y N 356 
TRP CE3 HE3  sing N N 357 
TRP CZ2 CH2  doub Y N 358 
TRP CZ2 HZ2  sing N N 359 
TRP CZ3 CH2  sing Y N 360 
TRP CZ3 HZ3  sing N N 361 
TRP CH2 HH2  sing N N 362 
TRP OXT HXT  sing N N 363 
TYR N   CA   sing N N 364 
TYR N   H    sing N N 365 
TYR N   H2   sing N N 366 
TYR CA  C    sing N N 367 
TYR CA  CB   sing N N 368 
TYR CA  HA   sing N N 369 
TYR C   O    doub N N 370 
TYR C   OXT  sing N N 371 
TYR CB  CG   sing N N 372 
TYR CB  HB2  sing N N 373 
TYR CB  HB3  sing N N 374 
TYR CG  CD1  doub Y N 375 
TYR CG  CD2  sing Y N 376 
TYR CD1 CE1  sing Y N 377 
TYR CD1 HD1  sing N N 378 
TYR CD2 CE2  doub Y N 379 
TYR CD2 HD2  sing N N 380 
TYR CE1 CZ   doub Y N 381 
TYR CE1 HE1  sing N N 382 
TYR CE2 CZ   sing Y N 383 
TYR CE2 HE2  sing N N 384 
TYR CZ  OH   sing N N 385 
TYR OH  HH   sing N N 386 
TYR OXT HXT  sing N N 387 
VAL N   CA   sing N N 388 
VAL N   H    sing N N 389 
VAL N   H2   sing N N 390 
VAL CA  C    sing N N 391 
VAL CA  CB   sing N N 392 
VAL CA  HA   sing N N 393 
VAL C   O    doub N N 394 
VAL C   OXT  sing N N 395 
VAL CB  CG1  sing N N 396 
VAL CB  CG2  sing N N 397 
VAL CB  HB   sing N N 398 
VAL CG1 HG11 sing N N 399 
VAL CG1 HG12 sing N N 400 
VAL CG1 HG13 sing N N 401 
VAL CG2 HG21 sing N N 402 
VAL CG2 HG22 sing N N 403 
VAL CG2 HG23 sing N N 404 
VAL OXT HXT  sing N N 405 
# 
_atom_sites.entry_id                    1BQS 
_atom_sites.fract_transf_matrix[1][1]   0.00818898 
_atom_sites.fract_transf_matrix[1][2]   0.00732070 
_atom_sites.fract_transf_matrix[1][3]   0.01051669 
_atom_sites.fract_transf_matrix[2][1]   -0.00800481 
_atom_sites.fract_transf_matrix[2][2]   0.00066234 
_atom_sites.fract_transf_matrix[2][3]   0.00577201 
_atom_sites.fract_transf_matrix[3][1]   0.00334989 
_atom_sites.fract_transf_matrix[3][2]   -0.01247808 
_atom_sites.fract_transf_matrix[3][3]   0.00607759 
_atom_sites.fract_transf_vector[1]      0.505121 
_atom_sites.fract_transf_vector[2]      0.670659 
_atom_sites.fract_transf_vector[3]      0.374193 
# 
loop_
_atom_type.symbol 
C 
N 
O 
S 
# 
loop_
_atom_site.group_PDB 
_atom_site.id 
_atom_site.type_symbol 
_atom_site.label_atom_id 
_atom_site.label_alt_id 
_atom_site.label_comp_id 
_atom_site.label_asym_id 
_atom_site.label_entity_id 
_atom_site.label_seq_id 
_atom_site.pdbx_PDB_ins_code 
_atom_site.Cartn_x 
_atom_site.Cartn_y 
_atom_site.Cartn_z 
_atom_site.occupancy 
_atom_site.B_iso_or_equiv 
_atom_site.pdbx_formal_charge 
_atom_site.auth_seq_id 
_atom_site.auth_comp_id 
_atom_site.auth_asym_id 
_atom_site.auth_atom_id 
_atom_site.pdbx_PDB_model_num 
ATOM   1    N N   . VAL A 1 1   ? 17.967  4.906   30.300  1.00 85.19  ? 1   VAL A N   1 
ATOM   2    C CA  . VAL A 1 1   ? 18.704  4.456   29.084  1.00 85.22  ? 1   VAL A CA  1 
ATOM   3    C C   . VAL A 1 1   ? 17.885  3.419   28.323  1.00 86.91  ? 1   VAL A C   1 
ATOM   4    O O   . VAL A 1 1   ? 16.699  3.235   28.603  1.00 87.23  ? 1   VAL A O   1 
ATOM   5    C CB  . VAL A 1 1   ? 20.049  3.821   29.456  1.00 82.74  ? 1   VAL A CB  1 
ATOM   6    C CG1 . VAL A 1 1   ? 21.177  4.607   28.834  1.00 84.60  ? 1   VAL A CG1 1 
ATOM   7    C CG2 . VAL A 1 1   ? 20.207  3.778   30.959  1.00 83.45  ? 1   VAL A CG2 1 
ATOM   8    N N   . LYS A 1 2   ? 18.529  2.749   27.365  1.00 88.12  ? 2   LYS A N   1 
ATOM   9    C CA  . LYS A 1 2   ? 17.883  1.707   26.561  1.00 84.82  ? 2   LYS A CA  1 
ATOM   10   C C   . LYS A 1 2   ? 18.785  0.467   26.433  1.00 80.37  ? 2   LYS A C   1 
ATOM   11   O O   . LYS A 1 2   ? 18.357  -0.641  26.770  1.00 82.67  ? 2   LYS A O   1 
ATOM   12   C CB  . LYS A 1 2   ? 17.518  2.247   25.175  1.00 87.57  ? 2   LYS A CB  1 
ATOM   13   C CG  . LYS A 1 2   ? 16.544  1.367   24.358  1.00 92.32  ? 2   LYS A CG  1 
ATOM   14   C CD  . LYS A 1 2   ? 15.588  0.540   25.223  1.00 91.72  ? 2   LYS A CD  1 
ATOM   15   C CE  . LYS A 1 2   ? 15.385  -0.862  24.636  1.00 92.50  ? 2   LYS A CE  1 
ATOM   16   N NZ  . LYS A 1 2   ? 14.152  -1.538  25.139  1.00 92.99  ? 2   LYS A NZ  1 
ATOM   17   N N   . PRO A 1 3   ? 20.029  0.623   25.929  1.00 71.27  ? 3   PRO A N   1 
ATOM   18   C CA  . PRO A 1 3   ? 20.723  1.815   25.443  1.00 62.74  ? 3   PRO A CA  1 
ATOM   19   C C   . PRO A 1 3   ? 20.902  1.836   23.912  1.00 56.45  ? 3   PRO A C   1 
ATOM   20   O O   . PRO A 1 3   ? 21.804  2.508   23.409  1.00 57.05  ? 3   PRO A O   1 
ATOM   21   C CB  . PRO A 1 3   ? 22.058  1.732   26.157  1.00 62.67  ? 3   PRO A CB  1 
ATOM   22   C CG  . PRO A 1 3   ? 22.310  0.223   26.276  1.00 65.55  ? 3   PRO A CG  1 
ATOM   23   C CD  . PRO A 1 3   ? 20.980  -0.496  25.986  1.00 68.00  ? 3   PRO A CD  1 
ATOM   24   N N   . LEU A 1 4   ? 20.070  1.088   23.183  1.00 45.18  ? 4   LEU A N   1 
ATOM   25   C CA  . LEU A 1 4   ? 20.121  1.080   21.723  1.00 37.94  ? 4   LEU A CA  1 
ATOM   26   C C   . LEU A 1 4   ? 18.770  1.542   21.225  1.00 37.58  ? 4   LEU A C   1 
ATOM   27   O O   . LEU A 1 4   ? 17.746  0.953   21.552  1.00 40.26  ? 4   LEU A O   1 
ATOM   28   C CB  . LEU A 1 4   ? 20.406  -0.314  21.161  1.00 33.26  ? 4   LEU A CB  1 
ATOM   29   C CG  . LEU A 1 4   ? 20.402  -0.378  19.619  1.00 35.67  ? 4   LEU A CG  1 
ATOM   30   C CD1 . LEU A 1 4   ? 21.733  -0.944  19.112  1.00 29.35  ? 4   LEU A CD1 1 
ATOM   31   C CD2 . LEU A 1 4   ? 19.221  -1.212  19.114  1.00 31.79  ? 4   LEU A CD2 1 
ATOM   32   N N   . GLN A 1 5   ? 18.767  2.604   20.433  1.00 38.63  ? 5   GLN A N   1 
ATOM   33   C CA  . GLN A 1 5   ? 17.519  3.143   19.899  1.00 35.68  ? 5   GLN A CA  1 
ATOM   34   C C   . GLN A 1 5   ? 17.496  3.284   18.379  1.00 37.00  ? 5   GLN A C   1 
ATOM   35   O O   . GLN A 1 5   ? 18.528  3.522   17.729  1.00 35.95  ? 5   GLN A O   1 
ATOM   36   C CB  . GLN A 1 5   ? 17.205  4.525   20.497  1.00 33.74  ? 5   GLN A CB  1 
ATOM   37   C CG  . GLN A 1 5   ? 17.702  4.752   21.895  1.00 40.03  ? 5   GLN A CG  1 
ATOM   38   C CD  . GLN A 1 5   ? 16.600  4.627   22.926  1.00 40.37  ? 5   GLN A CD  1 
ATOM   39   O OE1 . GLN A 1 5   ? 15.474  4.286   22.587  1.00 43.64  ? 5   GLN A OE1 1 
ATOM   40   N NE2 . GLN A 1 5   ? 16.926  4.888   24.194  1.00 37.97  ? 5   GLN A NE2 1 
ATOM   41   N N   . VAL A 1 6   ? 16.296  3.129   17.825  1.00 33.75  ? 6   VAL A N   1 
ATOM   42   C CA  . VAL A 1 6   ? 16.089  3.280   16.414  1.00 24.89  ? 6   VAL A CA  1 
ATOM   43   C C   . VAL A 1 6   ? 14.959  4.295   16.269  1.00 28.28  ? 6   VAL A C   1 
ATOM   44   O O   . VAL A 1 6   ? 13.957  4.257   16.984  1.00 26.65  ? 6   VAL A O   1 
ATOM   45   C CB  . VAL A 1 6   ? 15.729  1.944   15.770  1.00 24.08  ? 6   VAL A CB  1 
ATOM   46   C CG1 . VAL A 1 6   ? 15.531  2.130   14.262  1.00 21.84  ? 6   VAL A CG1 1 
ATOM   47   C CG2 . VAL A 1 6   ? 16.847  0.951   16.008  1.00 27.77  ? 6   VAL A CG2 1 
ATOM   48   N N   . GLU A 1 7   ? 15.169  5.232   15.361  1.00 28.86  ? 7   GLU A N   1 
ATOM   49   C CA  . GLU A 1 7   ? 14.219  6.286   15.065  1.00 30.96  ? 7   GLU A CA  1 
ATOM   50   C C   . GLU A 1 7   ? 14.015  6.133   13.572  1.00 30.60  ? 7   GLU A C   1 
ATOM   51   O O   . GLU A 1 7   ? 14.964  6.292   12.798  1.00 31.93  ? 7   GLU A O   1 
ATOM   52   C CB  . GLU A 1 7   ? 14.839  7.649   15.377  1.00 34.64  ? 7   GLU A CB  1 
ATOM   53   C CG  . GLU A 1 7   ? 16.135  7.565   16.186  1.00 50.08  ? 7   GLU A CG  1 
ATOM   54   C CD  . GLU A 1 7   ? 17.063  8.750   15.946  1.00 57.29  ? 7   GLU A CD  1 
ATOM   55   O OE1 . GLU A 1 7   ? 16.809  9.511   14.983  1.00 60.47  ? 7   GLU A OE1 1 
ATOM   56   O OE2 . GLU A 1 7   ? 18.043  8.922   16.715  1.00 54.13  ? 7   GLU A OE2 1 
ATOM   57   N N   . PRO A 1 8   ? 12.779  5.819   13.140  1.00 27.51  ? 8   PRO A N   1 
ATOM   58   C CA  . PRO A 1 8   ? 11.559  5.600   13.926  1.00 25.47  ? 8   PRO A CA  1 
ATOM   59   C C   . PRO A 1 8   ? 11.458  4.253   14.674  1.00 32.35  ? 8   PRO A C   1 
ATOM   60   O O   . PRO A 1 8   ? 12.030  3.240   14.252  1.00 33.22  ? 8   PRO A O   1 
ATOM   61   C CB  . PRO A 1 8   ? 10.458  5.764   12.898  1.00 25.84  ? 8   PRO A CB  1 
ATOM   62   C CG  . PRO A 1 8   ? 11.071  5.315   11.615  1.00 26.90  ? 8   PRO A CG  1 
ATOM   63   C CD  . PRO A 1 8   ? 12.549  5.614   11.700  1.00 29.30  ? 8   PRO A CD  1 
ATOM   64   N N   . PRO A 1 9   ? 10.704  4.226   15.789  1.00 31.19  ? 9   PRO A N   1 
ATOM   65   C CA  . PRO A 1 9   ? 10.503  3.043   16.636  1.00 32.83  ? 9   PRO A CA  1 
ATOM   66   C C   . PRO A 1 9   ? 9.602   1.946   16.087  1.00 37.91  ? 9   PRO A C   1 
ATOM   67   O O   . PRO A 1 9   ? 9.844   0.762   16.305  1.00 48.68  ? 9   PRO A O   1 
ATOM   68   C CB  . PRO A 1 9   ? 9.940   3.621   17.944  1.00 29.27  ? 9   PRO A CB  1 
ATOM   69   C CG  . PRO A 1 9   ? 9.276   4.892   17.539  1.00 25.11  ? 9   PRO A CG  1 
ATOM   70   C CD  . PRO A 1 9   ? 9.964   5.400   16.297  1.00 32.40  ? 9   PRO A CD  1 
ATOM   71   N N   . GLU A 1 10  ? 8.554   2.341   15.387  1.00 37.59  ? 10  GLU A N   1 
ATOM   72   C CA  . GLU A 1 10  ? 7.607   1.383   14.854  1.00 34.42  ? 10  GLU A CA  1 
ATOM   73   C C   . GLU A 1 10  ? 8.223   0.029   14.414  1.00 29.31  ? 10  GLU A C   1 
ATOM   74   O O   . GLU A 1 10  ? 9.288   -0.020  13.788  1.00 32.24  ? 10  GLU A O   1 
ATOM   75   C CB  . GLU A 1 10  ? 6.847   2.039   13.690  1.00 40.28  ? 10  GLU A CB  1 
ATOM   76   C CG  . GLU A 1 10  ? 5.414   1.574   13.539  1.00 51.06  ? 10  GLU A CG  1 
ATOM   77   C CD  . GLU A 1 10  ? 4.643   2.353   12.482  1.00 59.40  ? 10  GLU A CD  1 
ATOM   78   O OE1 . GLU A 1 10  ? 5.224   3.272   11.853  1.00 63.21  ? 10  GLU A OE1 1 
ATOM   79   O OE2 . GLU A 1 10  ? 3.445   2.048   12.287  1.00 59.19  ? 10  GLU A OE2 1 
ATOM   80   N N   . PRO A 1 11  ? 7.609   -1.086  14.831  1.00 26.06  ? 11  PRO A N   1 
ATOM   81   C CA  . PRO A 1 11  ? 8.078   -2.428  14.462  1.00 23.81  ? 11  PRO A CA  1 
ATOM   82   C C   . PRO A 1 11  ? 7.871   -2.673  12.960  1.00 26.45  ? 11  PRO A C   1 
ATOM   83   O O   . PRO A 1 11  ? 8.555   -3.494  12.350  1.00 25.92  ? 11  PRO A O   1 
ATOM   84   C CB  . PRO A 1 11  ? 7.228   -3.364  15.321  1.00 21.33  ? 11  PRO A CB  1 
ATOM   85   C CG  . PRO A 1 11  ? 6.039   -2.554  15.724  1.00 19.63  ? 11  PRO A CG  1 
ATOM   86   C CD  . PRO A 1 11  ? 6.527   -1.140  15.829  1.00 25.73  ? 11  PRO A CD  1 
ATOM   87   N N   . VAL A 1 12  ? 6.909   -1.963  12.372  1.00 27.52  ? 12  VAL A N   1 
ATOM   88   C CA  . VAL A 1 12  ? 6.637   -2.071  10.934  1.00 28.71  ? 12  VAL A CA  1 
ATOM   89   C C   . VAL A 1 12  ? 6.611   -0.652  10.377  1.00 27.73  ? 12  VAL A C   1 
ATOM   90   O O   . VAL A 1 12  ? 5.953   0.223   10.907  1.00 36.26  ? 12  VAL A O   1 
ATOM   91   C CB  . VAL A 1 12  ? 5.294   -2.746  10.635  1.00 25.92  ? 12  VAL A CB  1 
ATOM   92   C CG1 . VAL A 1 12  ? 5.153   -2.994  9.142   1.00 25.60  ? 12  VAL A CG1 1 
ATOM   93   C CG2 . VAL A 1 12  ? 5.207   -4.065  11.379  1.00 28.05  ? 12  VAL A CG2 1 
ATOM   94   N N   . VAL A 1 13  ? 7.359   -0.439  9.307   1.00 29.61  ? 13  VAL A N   1 
ATOM   95   C CA  . VAL A 1 13  ? 7.502   0.865   8.665   1.00 24.24  ? 13  VAL A CA  1 
ATOM   96   C C   . VAL A 1 13  ? 7.133   0.712   7.188   1.00 25.74  ? 13  VAL A C   1 
ATOM   97   O O   . VAL A 1 13  ? 7.787   -0.029  6.440   1.00 21.04  ? 13  VAL A O   1 
ATOM   98   C CB  . VAL A 1 13  ? 8.972   1.368   8.828   1.00 18.68  ? 13  VAL A CB  1 
ATOM   99   C CG1 . VAL A 1 13  ? 9.214   2.612   8.030   1.00 21.73  ? 13  VAL A CG1 1 
ATOM   100  C CG2 . VAL A 1 13  ? 9.240   1.632   10.285  1.00 15.25  ? 13  VAL A CG2 1 
ATOM   101  N N   . ALA A 1 14  ? 6.073   1.402   6.779   1.00 24.63  ? 14  ALA A N   1 
ATOM   102  C CA  . ALA A 1 14  ? 5.601   1.332   5.399   1.00 27.06  ? 14  ALA A CA  1 
ATOM   103  C C   . ALA A 1 14  ? 6.183   2.465   4.547   1.00 26.32  ? 14  ALA A C   1 
ATOM   104  O O   . ALA A 1 14  ? 6.220   3.628   4.999   1.00 29.00  ? 14  ALA A O   1 
ATOM   105  C CB  . ALA A 1 14  ? 4.068   1.372   5.367   1.00 26.45  ? 14  ALA A CB  1 
ATOM   106  N N   . VAL A 1 15  ? 6.656   2.103   3.343   1.00 24.58  ? 15  VAL A N   1 
ATOM   107  C CA  . VAL A 1 15  ? 7.245   3.047   2.394   1.00 24.64  ? 15  VAL A CA  1 
ATOM   108  C C   . VAL A 1 15  ? 6.701   2.799   0.978   1.00 25.46  ? 15  VAL A C   1 
ATOM   109  O O   . VAL A 1 15  ? 6.742   1.676   0.464   1.00 21.55  ? 15  VAL A O   1 
ATOM   110  C CB  . VAL A 1 15  ? 8.811   2.946   2.381   1.00 29.55  ? 15  VAL A CB  1 
ATOM   111  C CG1 . VAL A 1 15  ? 9.242   1.572   1.932   1.00 29.19  ? 15  VAL A CG1 1 
ATOM   112  C CG2 . VAL A 1 15  ? 9.418   4.044   1.467   1.00 24.22  ? 15  VAL A CG2 1 
ATOM   113  N N   . ALA A 1 16  ? 6.186   3.859   0.358   1.00 23.45  ? 16  ALA A N   1 
ATOM   114  C CA  . ALA A 1 16  ? 5.649   3.768   -0.988  1.00 22.66  ? 16  ALA A CA  1 
ATOM   115  C C   . ALA A 1 16  ? 6.763   3.487   -1.975  1.00 17.95  ? 16  ALA A C   1 
ATOM   116  O O   . ALA A 1 16  ? 7.883   3.950   -1.824  1.00 19.51  ? 16  ALA A O   1 
ATOM   117  C CB  . ALA A 1 16  ? 4.931   5.079   -1.370  1.00 14.41  ? 16  ALA A CB  1 
ATOM   118  N N   . LEU A 1 17  ? 6.438   2.693   -2.974  1.00 24.63  ? 17  LEU A N   1 
ATOM   119  C CA  . LEU A 1 17  ? 7.364   2.362   -4.037  1.00 27.19  ? 17  LEU A CA  1 
ATOM   120  C C   . LEU A 1 17  ? 7.942   3.685   -4.532  1.00 29.28  ? 17  LEU A C   1 
ATOM   121  O O   . LEU A 1 17  ? 7.227   4.675   -4.601  1.00 31.98  ? 17  LEU A O   1 
ATOM   122  C CB  . LEU A 1 17  ? 6.572   1.680   -5.155  1.00 25.65  ? 17  LEU A CB  1 
ATOM   123  C CG  . LEU A 1 17  ? 7.245   0.801   -6.202  1.00 34.71  ? 17  LEU A CG  1 
ATOM   124  C CD1 . LEU A 1 17  ? 6.327   0.766   -7.416  1.00 28.96  ? 17  LEU A CD1 1 
ATOM   125  C CD2 . LEU A 1 17  ? 8.622   1.343   -6.568  1.00 39.62  ? 17  LEU A CD2 1 
ATOM   126  N N   . GLY A 1 18  ? 9.229   3.722   -4.854  1.00 28.49  ? 18  GLY A N   1 
ATOM   127  C CA  . GLY A 1 18  ? 9.809   4.954   -5.358  1.00 26.16  ? 18  GLY A CA  1 
ATOM   128  C C   . GLY A 1 18  ? 10.064  6.090   -4.371  1.00 29.44  ? 18  GLY A C   1 
ATOM   129  O O   . GLY A 1 18  ? 10.676  7.097   -4.754  1.00 33.37  ? 18  GLY A O   1 
ATOM   130  N N   . ALA A 1 19  ? 9.609   5.955   -3.122  1.00 28.49  ? 19  ALA A N   1 
ATOM   131  C CA  . ALA A 1 19  ? 9.809   6.989   -2.101  1.00 22.25  ? 19  ALA A CA  1 
ATOM   132  C C   . ALA A 1 19  ? 11.078  6.686   -1.305  1.00 26.71  ? 19  ALA A C   1 
ATOM   133  O O   . ALA A 1 19  ? 11.912  5.904   -1.710  1.00 28.18  ? 19  ALA A O   1 
ATOM   134  C CB  . ALA A 1 19  ? 8.617   7.036   -1.162  1.00 19.15  ? 19  ALA A CB  1 
ATOM   135  N N   . SER A 1 20  ? 11.227  7.302   -0.152  1.00 27.52  ? 20  SER A N   1 
ATOM   136  C CA  . SER A 1 20  ? 12.416  7.054   0.640   1.00 30.54  ? 20  SER A CA  1 
ATOM   137  C C   . SER A 1 20  ? 12.115  7.077   2.126   1.00 33.30  ? 20  SER A C   1 
ATOM   138  O O   . SER A 1 20  ? 11.115  7.634   2.561   1.00 37.91  ? 20  SER A O   1 
ATOM   139  C CB  . SER A 1 20  ? 13.481  8.099   0.315   1.00 29.23  ? 20  SER A CB  1 
ATOM   140  O OG  . SER A 1 20  ? 13.251  8.671   -0.955  1.00 42.64  ? 20  SER A OG  1 
ATOM   141  N N   . ARG A 1 21  ? 12.990  6.455   2.902   1.00 31.73  ? 21  ARG A N   1 
ATOM   142  C CA  . ARG A 1 21  ? 12.851  6.389   4.355   1.00 29.00  ? 21  ARG A CA  1 
ATOM   143  C C   . ARG A 1 21  ? 14.221  6.130   4.983   1.00 27.76  ? 21  ARG A C   1 
ATOM   144  O O   . ARG A 1 21  ? 15.043  5.410   4.427   1.00 28.76  ? 21  ARG A O   1 
ATOM   145  C CB  . ARG A 1 21  ? 11.887  5.276   4.735   1.00 31.63  ? 21  ARG A CB  1 
ATOM   146  C CG  . ARG A 1 21  ? 10.953  5.665   5.850   1.00 40.45  ? 21  ARG A CG  1 
ATOM   147  C CD  . ARG A 1 21  ? 9.546   5.184   5.582   1.00 47.52  ? 21  ARG A CD  1 
ATOM   148  N NE  . ARG A 1 21  ? 8.569   6.173   6.011   1.00 48.89  ? 21  ARG A NE  1 
ATOM   149  C CZ  . ARG A 1 21  ? 8.599   6.776   7.195   1.00 57.60  ? 21  ARG A CZ  1 
ATOM   150  N NH1 . ARG A 1 21  ? 9.557   6.495   8.074   1.00 58.28  ? 21  ARG A NH1 1 
ATOM   151  N NH2 . ARG A 1 21  ? 7.671   7.670   7.505   1.00 68.85  ? 21  ARG A NH2 1 
ATOM   152  N N   . GLN A 1 22  ? 14.484  6.734   6.134   1.00 27.25  ? 22  GLN A N   1 
ATOM   153  C CA  . GLN A 1 22  ? 15.773  6.546   6.779   1.00 28.36  ? 22  GLN A CA  1 
ATOM   154  C C   . GLN A 1 22  ? 15.605  6.166   8.232   1.00 27.95  ? 22  GLN A C   1 
ATOM   155  O O   . GLN A 1 22  ? 14.806  6.748   8.968   1.00 26.41  ? 22  GLN A O   1 
ATOM   156  C CB  . GLN A 1 22  ? 16.646  7.804   6.598   1.00 32.99  ? 22  GLN A CB  1 
ATOM   157  C CG  . GLN A 1 22  ? 16.951  8.615   7.842   1.00 44.94  ? 22  GLN A CG  1 
ATOM   158  C CD  . GLN A 1 22  ? 17.849  9.807   7.539   1.00 49.70  ? 22  GLN A CD  1 
ATOM   159  O OE1 . GLN A 1 22  ? 18.263  10.021  6.391   1.00 49.95  ? 22  GLN A OE1 1 
ATOM   160  N NE2 . GLN A 1 22  ? 18.160  10.584  8.568   1.00 51.69  ? 22  GLN A NE2 1 
ATOM   161  N N   . LEU A 1 23  ? 16.348  5.147   8.628   1.00 26.05  ? 23  LEU A N   1 
ATOM   162  C CA  . LEU A 1 23  ? 16.268  4.647   9.969   1.00 20.82  ? 23  LEU A CA  1 
ATOM   163  C C   . LEU A 1 23  ? 17.575  4.920   10.643  1.00 24.81  ? 23  LEU A C   1 
ATOM   164  O O   . LEU A 1 23  ? 18.631  4.561   10.131  1.00 29.89  ? 23  LEU A O   1 
ATOM   165  C CB  . LEU A 1 23  ? 15.997  3.164   9.918   1.00 23.29  ? 23  LEU A CB  1 
ATOM   166  C CG  . LEU A 1 23  ? 14.721  2.884   9.138   1.00 30.50  ? 23  LEU A CG  1 
ATOM   167  C CD1 . LEU A 1 23  ? 14.909  1.630   8.340   1.00 39.65  ? 23  LEU A CD1 1 
ATOM   168  C CD2 . LEU A 1 23  ? 13.538  2.756   10.077  1.00 34.69  ? 23  LEU A CD2 1 
ATOM   169  N N   . THR A 1 24  ? 17.503  5.574   11.792  1.00 26.18  ? 24  THR A N   1 
ATOM   170  C CA  . THR A 1 24  ? 18.693  5.914   12.550  1.00 28.85  ? 24  THR A CA  1 
ATOM   171  C C   . THR A 1 24  ? 18.796  5.036   13.784  1.00 29.75  ? 24  THR A C   1 
ATOM   172  O O   . THR A 1 24  ? 17.921  5.007   14.645  1.00 30.38  ? 24  THR A O   1 
ATOM   173  C CB  . THR A 1 24  ? 18.676  7.374   12.957  1.00 23.07  ? 24  THR A CB  1 
ATOM   174  O OG1 . THR A 1 24  ? 18.590  8.168   11.771  1.00 31.70  ? 24  THR A OG1 1 
ATOM   175  C CG2 . THR A 1 24  ? 19.931  7.736   13.702  1.00 25.68  ? 24  THR A CG2 1 
ATOM   176  N N   . CYS A 1 25  ? 19.880  4.287   13.840  1.00 29.58  ? 25  CYS A N   1 
ATOM   177  C CA  . CYS A 1 25  ? 20.117  3.401   14.951  1.00 32.99  ? 25  CYS A CA  1 
ATOM   178  C C   . CYS A 1 25  ? 21.189  4.044   15.792  1.00 30.82  ? 25  CYS A C   1 
ATOM   179  O O   . CYS A 1 25  ? 22.282  4.312   15.324  1.00 30.19  ? 25  CYS A O   1 
ATOM   180  C CB  . CYS A 1 25  ? 20.579  2.047   14.445  1.00 33.43  ? 25  CYS A CB  1 
ATOM   181  S SG  . CYS A 1 25  ? 20.814  0.855   15.783  1.00 30.68  ? 25  CYS A SG  1 
ATOM   182  N N   . ARG A 1 26  ? 20.863  4.299   17.044  1.00 32.21  ? 26  ARG A N   1 
ATOM   183  C CA  . ARG A 1 26  ? 21.816  4.943   17.919  1.00 32.08  ? 26  ARG A CA  1 
ATOM   184  C C   . ARG A 1 26  ? 22.175  4.021   19.059  1.00 31.02  ? 26  ARG A C   1 
ATOM   185  O O   . ARG A 1 26  ? 21.347  3.239   19.517  1.00 32.14  ? 26  ARG A O   1 
ATOM   186  C CB  . ARG A 1 26  ? 21.227  6.247   18.465  1.00 33.60  ? 26  ARG A CB  1 
ATOM   187  C CG  . ARG A 1 26  ? 21.011  7.338   17.407  1.00 34.51  ? 26  ARG A CG  1 
ATOM   188  C CD  . ARG A 1 26  ? 20.762  8.685   18.072  1.00 44.43  ? 26  ARG A CD  1 
ATOM   189  N NE  . ARG A 1 26  ? 20.905  9.809   17.144  1.00 57.05  ? 26  ARG A NE  1 
ATOM   190  C CZ  . ARG A 1 26  ? 21.879  10.716  17.203  1.00 58.15  ? 26  ARG A CZ  1 
ATOM   191  N NH1 . ARG A 1 26  ? 22.804  10.634  18.152  1.00 64.45  ? 26  ARG A NH1 1 
ATOM   192  N NH2 . ARG A 1 26  ? 21.924  11.708  16.317  1.00 58.33  ? 26  ARG A NH2 1 
ATOM   193  N N   . LEU A 1 27  ? 23.420  4.113   19.509  1.00 32.31  ? 27  LEU A N   1 
ATOM   194  C CA  . LEU A 1 27  ? 23.901  3.303   20.620  1.00 34.76  ? 27  LEU A CA  1 
ATOM   195  C C   . LEU A 1 27  ? 24.616  4.158   21.650  1.00 35.43  ? 27  LEU A C   1 
ATOM   196  O O   . LEU A 1 27  ? 25.535  4.908   21.333  1.00 38.49  ? 27  LEU A O   1 
ATOM   197  C CB  . LEU A 1 27  ? 24.861  2.203   20.140  1.00 32.34  ? 27  LEU A CB  1 
ATOM   198  C CG  . LEU A 1 27  ? 25.452  1.278   21.222  1.00 31.78  ? 27  LEU A CG  1 
ATOM   199  C CD1 . LEU A 1 27  ? 24.457  0.139   21.494  1.00 32.27  ? 27  LEU A CD1 1 
ATOM   200  C CD2 . LEU A 1 27  ? 26.821  0.720   20.784  1.00 26.67  ? 27  LEU A CD2 1 
ATOM   201  N N   . ALA A 1 28  ? 24.169  4.041   22.889  1.00 40.50  ? 28  ALA A N   1 
ATOM   202  C CA  . ALA A 1 28  ? 24.778  4.755   23.983  1.00 43.24  ? 28  ALA A CA  1 
ATOM   203  C C   . ALA A 1 28  ? 25.815  3.788   24.532  1.00 46.15  ? 28  ALA A C   1 
ATOM   204  O O   . ALA A 1 28  ? 25.476  2.813   25.199  1.00 49.08  ? 28  ALA A O   1 
ATOM   205  C CB  . ALA A 1 28  ? 23.739  5.088   25.046  1.00 45.16  ? 28  ALA A CB  1 
ATOM   206  N N   . CYS A 1 29  ? 27.080  4.037   24.217  1.00 49.61  ? 29  CYS A N   1 
ATOM   207  C CA  . CYS A 1 29  ? 28.150  3.178   24.713  1.00 49.81  ? 29  CYS A CA  1 
ATOM   208  C C   . CYS A 1 29  ? 29.169  3.936   25.540  1.00 54.60  ? 29  CYS A C   1 
ATOM   209  O O   . CYS A 1 29  ? 29.746  4.931   25.088  1.00 56.07  ? 29  CYS A O   1 
ATOM   210  C CB  . CYS A 1 29  ? 28.891  2.469   23.589  1.00 45.83  ? 29  CYS A CB  1 
ATOM   211  S SG  . CYS A 1 29  ? 30.002  1.222   24.295  1.00 34.73  ? 29  CYS A SG  1 
ATOM   212  N N   . ALA A 1 30  ? 29.381  3.435   26.754  1.00 59.74  ? 30  ALA A N   1 
ATOM   213  C CA  . ALA A 1 30  ? 30.311  4.009   27.713  1.00 62.89  ? 30  ALA A CA  1 
ATOM   214  C C   . ALA A 1 30  ? 31.746  3.609   27.384  1.00 63.22  ? 30  ALA A C   1 
ATOM   215  O O   . ALA A 1 30  ? 32.699  4.233   27.853  1.00 64.11  ? 30  ALA A O   1 
ATOM   216  C CB  . ALA A 1 30  ? 29.946  3.529   29.126  1.00 59.65  ? 30  ALA A CB  1 
ATOM   217  N N   . ASP A 1 31  ? 31.889  2.570   26.569  1.00 64.81  ? 31  ASP A N   1 
ATOM   218  C CA  . ASP A 1 31  ? 33.205  2.066   26.206  1.00 62.65  ? 31  ASP A CA  1 
ATOM   219  C C   . ASP A 1 31  ? 33.720  2.394   24.815  1.00 61.79  ? 31  ASP A C   1 
ATOM   220  O O   . ASP A 1 31  ? 33.082  3.082   24.014  1.00 58.81  ? 31  ASP A O   1 
ATOM   221  C CB  . ASP A 1 31  ? 33.258  0.553   26.415  1.00 60.70  ? 31  ASP A CB  1 
ATOM   222  C CG  . ASP A 1 31  ? 32.709  0.146   27.755  1.00 60.61  ? 31  ASP A CG  1 
ATOM   223  O OD1 . ASP A 1 31  ? 33.174  0.690   28.775  1.00 58.41  ? 31  ASP A OD1 1 
ATOM   224  O OD2 . ASP A 1 31  ? 31.807  -0.712  27.792  1.00 63.13  ? 31  ASP A OD2 1 
ATOM   225  N N   . ARG A 1 32  ? 34.898  1.852   24.555  1.00 63.43  ? 32  ARG A N   1 
ATOM   226  C CA  . ARG A 1 32  ? 35.618  2.052   23.317  1.00 66.89  ? 32  ARG A CA  1 
ATOM   227  C C   . ARG A 1 32  ? 35.151  1.125   22.201  1.00 66.45  ? 32  ARG A C   1 
ATOM   228  O O   . ARG A 1 32  ? 34.892  1.562   21.078  1.00 69.12  ? 32  ARG A O   1 
ATOM   229  C CB  . ARG A 1 32  ? 37.096  1.816   23.599  1.00 72.32  ? 32  ARG A CB  1 
ATOM   230  C CG  . ARG A 1 32  ? 38.044  2.757   22.914  1.00 76.40  ? 32  ARG A CG  1 
ATOM   231  C CD  . ARG A 1 32  ? 39.453  2.290   23.187  1.00 81.34  ? 32  ARG A CD  1 
ATOM   232  N NE  . ARG A 1 32  ? 40.303  2.416   22.013  1.00 86.32  ? 32  ARG A NE  1 
ATOM   233  C CZ  . ARG A 1 32  ? 41.602  2.144   22.009  1.00 89.03  ? 32  ARG A CZ  1 
ATOM   234  N NH1 . ARG A 1 32  ? 42.193  1.732   23.125  1.00 91.61  ? 32  ARG A NH1 1 
ATOM   235  N NH2 . ARG A 1 32  ? 42.314  2.296   20.899  1.00 89.93  ? 32  ARG A NH2 1 
ATOM   236  N N   . GLY A 1 33  ? 35.048  -0.160  22.519  1.00 63.05  ? 33  GLY A N   1 
ATOM   237  C CA  . GLY A 1 33  ? 34.646  -1.140  21.527  1.00 59.62  ? 33  GLY A CA  1 
ATOM   238  C C   . GLY A 1 33  ? 33.325  -0.924  20.812  1.00 54.30  ? 33  GLY A C   1 
ATOM   239  O O   . GLY A 1 33  ? 33.082  -1.558  19.794  1.00 55.39  ? 33  GLY A O   1 
ATOM   240  N N   . ALA A 1 34  ? 32.475  -0.039  21.324  1.00 50.83  ? 34  ALA A N   1 
ATOM   241  C CA  . ALA A 1 34  ? 31.166  0.213   20.714  1.00 45.28  ? 34  ALA A CA  1 
ATOM   242  C C   . ALA A 1 34  ? 31.153  0.046   19.192  1.00 41.16  ? 34  ALA A C   1 
ATOM   243  O O   . ALA A 1 34  ? 31.959  0.616   18.471  1.00 42.11  ? 34  ALA A O   1 
ATOM   244  C CB  . ALA A 1 34  ? 30.676  1.603   21.078  1.00 42.71  ? 34  ALA A CB  1 
ATOM   245  N N   . SER A 1 35  ? 30.218  -0.746  18.703  1.00 33.61  ? 35  SER A N   1 
ATOM   246  C CA  . SER A 1 35  ? 30.099  -0.967  17.277  1.00 31.29  ? 35  SER A CA  1 
ATOM   247  C C   . SER A 1 35  ? 28.606  -1.134  16.937  1.00 31.78  ? 35  SER A C   1 
ATOM   248  O O   . SER A 1 35  ? 27.844  -1.677  17.715  1.00 33.36  ? 35  SER A O   1 
ATOM   249  C CB  . SER A 1 35  ? 30.950  -2.192  16.899  1.00 29.03  ? 35  SER A CB  1 
ATOM   250  O OG  . SER A 1 35  ? 30.223  -3.175  16.205  1.00 27.24  ? 35  SER A OG  1 
ATOM   251  N N   . VAL A 1 36  ? 28.176  -0.614  15.798  1.00 30.93  ? 36  VAL A N   1 
ATOM   252  C CA  . VAL A 1 36  ? 26.780  -0.730  15.398  1.00 26.67  ? 36  VAL A CA  1 
ATOM   253  C C   . VAL A 1 36  ? 26.713  -1.388  14.046  1.00 25.35  ? 36  VAL A C   1 
ATOM   254  O O   . VAL A 1 36  ? 27.514  -1.100  13.177  1.00 23.62  ? 36  VAL A O   1 
ATOM   255  C CB  . VAL A 1 36  ? 26.084  0.648   15.292  1.00 28.33  ? 36  VAL A CB  1 
ATOM   256  C CG1 . VAL A 1 36  ? 24.730  0.506   14.592  1.00 24.02  ? 36  VAL A CG1 1 
ATOM   257  C CG2 . VAL A 1 36  ? 25.882  1.216   16.667  1.00 30.00  ? 36  VAL A CG2 1 
ATOM   258  N N   . GLN A 1 37  ? 25.744  -2.265  13.851  1.00 26.32  ? 37  GLN A N   1 
ATOM   259  C CA  . GLN A 1 37  ? 25.644  -2.906  12.560  1.00 26.29  ? 37  GLN A CA  1 
ATOM   260  C C   . GLN A 1 37  ? 24.213  -3.044  12.073  1.00 22.98  ? 37  GLN A C   1 
ATOM   261  O O   . GLN A 1 37  ? 23.305  -3.311  12.856  1.00 19.98  ? 37  GLN A O   1 
ATOM   262  C CB  . GLN A 1 37  ? 26.356  -4.262  12.604  1.00 28.21  ? 37  GLN A CB  1 
ATOM   263  C CG  . GLN A 1 37  ? 25.857  -5.279  11.616  1.00 30.32  ? 37  GLN A CG  1 
ATOM   264  C CD  . GLN A 1 37  ? 25.929  -6.678  12.188  1.00 39.49  ? 37  GLN A CD  1 
ATOM   265  O OE1 . GLN A 1 37  ? 25.315  -7.613  11.662  1.00 39.62  ? 37  GLN A OE1 1 
ATOM   266  N NE2 . GLN A 1 37  ? 26.676  -6.829  13.287  1.00 38.31  ? 37  GLN A NE2 1 
ATOM   267  N N   . TRP A 1 38  ? 24.042  -2.823  10.768  1.00 23.85  ? 38  TRP A N   1 
ATOM   268  C CA  . TRP A 1 38  ? 22.758  -2.927  10.088  1.00 25.31  ? 38  TRP A CA  1 
ATOM   269  C C   . TRP A 1 38  ? 22.828  -4.164  9.200   1.00 25.82  ? 38  TRP A C   1 
ATOM   270  O O   . TRP A 1 38  ? 23.757  -4.303  8.391   1.00 27.75  ? 38  TRP A O   1 
ATOM   271  C CB  . TRP A 1 38  ? 22.497  -1.684  9.208   1.00 19.30  ? 38  TRP A CB  1 
ATOM   272  C CG  . TRP A 1 38  ? 21.781  -0.547  9.884   1.00 23.04  ? 38  TRP A CG  1 
ATOM   273  C CD1 . TRP A 1 38  ? 22.292  0.697   10.164  1.00 20.60  ? 38  TRP A CD1 1 
ATOM   274  C CD2 . TRP A 1 38  ? 20.417  -0.521  10.315  1.00 21.79  ? 38  TRP A CD2 1 
ATOM   275  N NE1 . TRP A 1 38  ? 21.325  1.493   10.734  1.00 22.16  ? 38  TRP A NE1 1 
ATOM   276  C CE2 . TRP A 1 38  ? 20.164  0.768   10.836  1.00 23.72  ? 38  TRP A CE2 1 
ATOM   277  C CE3 . TRP A 1 38  ? 19.379  -1.460  10.305  1.00 24.39  ? 38  TRP A CE3 1 
ATOM   278  C CZ2 . TRP A 1 38  ? 18.915  1.135   11.343  1.00 16.12  ? 38  TRP A CZ2 1 
ATOM   279  C CZ3 . TRP A 1 38  ? 18.131  -1.088  10.811  1.00 13.46  ? 38  TRP A CZ3 1 
ATOM   280  C CH2 . TRP A 1 38  ? 17.916  0.192   11.321  1.00 20.87  ? 38  TRP A CH2 1 
ATOM   281  N N   . ARG A 1 39  ? 21.858  -5.062  9.354   1.00 26.16  ? 39  ARG A N   1 
ATOM   282  C CA  . ARG A 1 39  ? 21.821  -6.265  8.545   1.00 30.45  ? 39  ARG A CA  1 
ATOM   283  C C   . ARG A 1 39  ? 20.418  -6.679  8.131   1.00 39.67  ? 39  ARG A C   1 
ATOM   284  O O   . ARG A 1 39  ? 19.420  -6.024  8.457   1.00 35.52  ? 39  ARG A O   1 
ATOM   285  C CB  . ARG A 1 39  ? 22.479  -7.423  9.282   1.00 28.42  ? 39  ARG A CB  1 
ATOM   286  C CG  . ARG A 1 39  ? 22.102  -7.543  10.731  1.00 34.88  ? 39  ARG A CG  1 
ATOM   287  C CD  . ARG A 1 39  ? 22.728  -8.780  11.346  1.00 32.62  ? 39  ARG A CD  1 
ATOM   288  N NE  . ARG A 1 39  ? 21.913  -9.942  11.045  1.00 39.57  ? 39  ARG A NE  1 
ATOM   289  C CZ  . ARG A 1 39  ? 21.411  -10.747 11.975  1.00 40.46  ? 39  ARG A CZ  1 
ATOM   290  N NH1 . ARG A 1 39  ? 21.648  -10.515 13.264  1.00 41.55  ? 39  ARG A NH1 1 
ATOM   291  N NH2 . ARG A 1 39  ? 20.655  -11.774 11.616  1.00 43.62  ? 39  ARG A NH2 1 
ATOM   292  N N   . GLY A 1 40  ? 20.370  -7.798  7.420   1.00 49.82  ? 40  GLY A N   1 
ATOM   293  C CA  . GLY A 1 40  ? 19.132  -8.356  6.920   1.00 60.69  ? 40  GLY A CA  1 
ATOM   294  C C   . GLY A 1 40  ? 19.521  -8.978  5.585   1.00 74.92  ? 40  GLY A C   1 
ATOM   295  O O   . GLY A 1 40  ? 19.597  -10.210 5.433   1.00 80.38  ? 40  GLY A O   1 
ATOM   296  N N   . LEU A 1 41  ? 19.769  -8.106  4.610   1.00 79.05  ? 41  LEU A N   1 
ATOM   297  C CA  . LEU A 1 41  ? 20.195  -8.489  3.270   1.00 81.89  ? 41  LEU A CA  1 
ATOM   298  C C   . LEU A 1 41  ? 20.834  -7.204  2.751   1.00 84.61  ? 41  LEU A C   1 
ATOM   299  O O   . LEU A 1 41  ? 21.748  -7.248  1.931   1.00 81.28  ? 41  LEU A O   1 
ATOM   300  C CB  . LEU A 1 41  ? 18.998  -8.895  2.404   1.00 80.97  ? 41  LEU A CB  1 
ATOM   301  C CG  . LEU A 1 41  ? 19.293  -10.010 1.391   1.00 81.87  ? 41  LEU A CG  1 
ATOM   302  C CD1 . LEU A 1 41  ? 18.075  -10.298 0.523   1.00 82.56  ? 41  LEU A CD1 1 
ATOM   303  C CD2 . LEU A 1 41  ? 20.447  -9.593  0.513   1.00 78.91  ? 41  LEU A CD2 1 
ATOM   304  N N   . ASP A 1 42  ? 20.330  -6.077  3.271   1.00 89.05  ? 42  ASP A N   1 
ATOM   305  C CA  . ASP A 1 42  ? 20.777  -4.707  2.985   1.00 92.04  ? 42  ASP A CA  1 
ATOM   306  C C   . ASP A 1 42  ? 19.920  -3.857  2.018   1.00 92.40  ? 42  ASP A C   1 
ATOM   307  O O   . ASP A 1 42  ? 19.285  -2.888  2.452   1.00 91.73  ? 42  ASP A O   1 
ATOM   308  C CB  . ASP A 1 42  ? 22.237  -4.708  2.502   1.00 98.17  ? 42  ASP A CB  1 
ATOM   309  C CG  . ASP A 1 42  ? 23.227  -4.263  3.587   1.00 100.00 ? 42  ASP A CG  1 
ATOM   310  O OD1 . ASP A 1 42  ? 22.789  -3.912  4.707   1.00 100.00 ? 42  ASP A OD1 1 
ATOM   311  O OD2 . ASP A 1 42  ? 24.454  -4.270  3.324   1.00 100.00 ? 42  ASP A OD2 1 
ATOM   312  N N   . THR A 1 43  ? 19.917  -4.228  0.727   1.00 91.70  ? 43  THR A N   1 
ATOM   313  C CA  . THR A 1 43  ? 19.224  -3.519  -0.379  1.00 88.19  ? 43  THR A CA  1 
ATOM   314  C C   . THR A 1 43  ? 17.971  -2.683  -0.084  1.00 89.43  ? 43  THR A C   1 
ATOM   315  O O   . THR A 1 43  ? 17.646  -2.413  1.071   1.00 90.41  ? 43  THR A O   1 
ATOM   316  C CB  . THR A 1 43  ? 18.945  -4.511  -1.572  1.00 83.89  ? 43  THR A CB  1 
ATOM   317  O OG1 . THR A 1 43  ? 19.823  -4.195  -2.656  1.00 72.54  ? 43  THR A OG1 1 
ATOM   318  C CG2 . THR A 1 43  ? 17.505  -4.438  -2.097  1.00 84.00  ? 43  THR A CG2 1 
ATOM   319  N N   . SER A 1 44  ? 17.320  -2.239  -1.158  1.00 89.93  ? 44  SER A N   1 
ATOM   320  C CA  . SER A 1 44  ? 16.106  -1.428  -1.134  1.00 90.79  ? 44  SER A CA  1 
ATOM   321  C C   . SER A 1 44  ? 16.304  -0.313  -2.147  1.00 88.03  ? 44  SER A C   1 
ATOM   322  O O   . SER A 1 44  ? 15.384  0.078   -2.876  1.00 85.13  ? 44  SER A O   1 
ATOM   323  C CB  . SER A 1 44  ? 15.856  -0.807  0.260   1.00 94.33  ? 44  SER A CB  1 
ATOM   324  O OG  . SER A 1 44  ? 17.021  -0.225  0.830   1.00 98.89  ? 44  SER A OG  1 
ATOM   325  N N   . LEU A 1 45  ? 17.559  0.128   -2.181  1.00 84.19  ? 45  LEU A N   1 
ATOM   326  C CA  . LEU A 1 45  ? 18.101  1.215   -2.983  1.00 77.38  ? 45  LEU A CA  1 
ATOM   327  C C   . LEU A 1 45  ? 18.510  2.090   -1.804  1.00 73.32  ? 45  LEU A C   1 
ATOM   328  O O   . LEU A 1 45  ? 18.380  3.317   -1.806  1.00 72.11  ? 45  LEU A O   1 
ATOM   329  C CB  . LEU A 1 45  ? 17.026  1.850   -3.872  1.00 74.11  ? 45  LEU A CB  1 
ATOM   330  C CG  . LEU A 1 45  ? 16.699  0.922   -5.056  1.00 74.31  ? 45  LEU A CG  1 
ATOM   331  C CD1 . LEU A 1 45  ? 15.345  1.252   -5.650  1.00 70.21  ? 45  LEU A CD1 1 
ATOM   332  C CD2 . LEU A 1 45  ? 17.793  1.034   -6.100  1.00 75.29  ? 45  LEU A CD2 1 
ATOM   333  N N   . GLY A 1 46  ? 19.006  1.381   -0.784  1.00 68.95  ? 46  GLY A N   1 
ATOM   334  C CA  . GLY A 1 46  ? 19.430  1.977   0.470   1.00 60.72  ? 46  GLY A CA  1 
ATOM   335  C C   . GLY A 1 46  ? 20.909  1.940   0.781   1.00 50.17  ? 46  GLY A C   1 
ATOM   336  O O   . GLY A 1 46  ? 21.668  1.191   0.177   1.00 47.57  ? 46  GLY A O   1 
ATOM   337  N N   . ALA A 1 47  ? 21.314  2.749   1.749   1.00 37.69  ? 47  ALA A N   1 
ATOM   338  C CA  . ALA A 1 47  ? 22.712  2.841   2.090   1.00 30.70  ? 47  ALA A CA  1 
ATOM   339  C C   . ALA A 1 47  ? 22.871  2.877   3.578   1.00 29.24  ? 47  ALA A C   1 
ATOM   340  O O   . ALA A 1 47  ? 21.886  2.736   4.307   1.00 33.50  ? 47  ALA A O   1 
ATOM   341  C CB  . ALA A 1 47  ? 23.285  4.092   1.484   1.00 26.43  ? 47  ALA A CB  1 
ATOM   342  N N   . VAL A 1 48  ? 24.108  3.093   4.023   1.00 21.97  ? 48  VAL A N   1 
ATOM   343  C CA  . VAL A 1 48  ? 24.411  3.151   5.449   1.00 19.89  ? 48  VAL A CA  1 
ATOM   344  C C   . VAL A 1 48  ? 25.502  4.182   5.741   1.00 22.63  ? 48  VAL A C   1 
ATOM   345  O O   . VAL A 1 48  ? 26.586  4.113   5.183   1.00 27.00  ? 48  VAL A O   1 
ATOM   346  C CB  . VAL A 1 48  ? 24.873  1.766   5.930   1.00 18.75  ? 48  VAL A CB  1 
ATOM   347  C CG1 . VAL A 1 48  ? 25.439  1.837   7.361   1.00 17.46  ? 48  VAL A CG1 1 
ATOM   348  C CG2 . VAL A 1 48  ? 23.711  0.774   5.814   1.00 19.71  ? 48  VAL A CG2 1 
ATOM   349  N N   . GLN A 1 49  ? 25.196  5.154   6.597   1.00 21.44  ? 49  GLN A N   1 
ATOM   350  C CA  . GLN A 1 49  ? 26.145  6.186   6.974   1.00 23.50  ? 49  GLN A CA  1 
ATOM   351  C C   . GLN A 1 49  ? 26.407  6.080   8.464   1.00 24.29  ? 49  GLN A C   1 
ATOM   352  O O   . GLN A 1 49  ? 25.496  5.812   9.223   1.00 23.96  ? 49  GLN A O   1 
ATOM   353  C CB  . GLN A 1 49  ? 25.580  7.565   6.647   1.00 33.00  ? 49  GLN A CB  1 
ATOM   354  C CG  . GLN A 1 49  ? 26.505  8.718   6.993   1.00 43.13  ? 49  GLN A CG  1 
ATOM   355  C CD  . GLN A 1 49  ? 26.310  9.880   6.049   1.00 47.03  ? 49  GLN A CD  1 
ATOM   356  O OE1 . GLN A 1 49  ? 25.213  10.089  5.529   1.00 55.90  ? 49  GLN A OE1 1 
ATOM   357  N NE2 . GLN A 1 49  ? 27.371  10.639  5.813   1.00 51.94  ? 49  GLN A NE2 1 
ATOM   358  N N   . SER A 1 50  ? 27.655  6.313   8.875   1.00 29.30  ? 50  SER A N   1 
ATOM   359  C CA  . SER A 1 50  ? 28.037  6.204   10.275  1.00 29.73  ? 50  SER A CA  1 
ATOM   360  C C   . SER A 1 50  ? 28.808  7.382   10.820  1.00 33.47  ? 50  SER A C   1 
ATOM   361  O O   . SER A 1 50  ? 29.573  8.021   10.105  1.00 35.59  ? 50  SER A O   1 
ATOM   362  C CB  . SER A 1 50  ? 28.876  4.958   10.489  1.00 26.82  ? 50  SER A CB  1 
ATOM   363  O OG  . SER A 1 50  ? 28.195  3.849   9.967   1.00 27.13  ? 50  SER A OG  1 
ATOM   364  N N   . ASP A 1 51  ? 28.580  7.646   12.105  1.00 40.03  ? 51  ASP A N   1 
ATOM   365  C CA  . ASP A 1 51  ? 29.214  8.724   12.855  1.00 42.30  ? 51  ASP A CA  1 
ATOM   366  C C   . ASP A 1 51  ? 28.396  10.052  12.955  1.00 45.37  ? 51  ASP A C   1 
ATOM   367  O O   . ASP A 1 51  ? 28.720  10.916  13.747  1.00 47.52  ? 51  ASP A O   1 
ATOM   368  C CB  . ASP A 1 51  ? 30.637  8.921   12.310  1.00 39.68  ? 51  ASP A CB  1 
ATOM   369  C CG  . ASP A 1 51  ? 31.525  7.678   12.543  1.00 39.65  ? 51  ASP A CG  1 
ATOM   370  O OD1 . ASP A 1 51  ? 31.282  6.985   13.563  1.00 36.61  ? 51  ASP A OD1 1 
ATOM   371  O OD2 . ASP A 1 51  ? 32.452  7.400   11.733  1.00 35.01  ? 51  ASP A OD2 1 
ATOM   372  N N   . THR A 1 52  ? 27.309  10.173  12.194  1.00 52.35  ? 52  THR A N   1 
ATOM   373  C CA  . THR A 1 52  ? 26.402  11.348  12.205  1.00 55.86  ? 52  THR A CA  1 
ATOM   374  C C   . THR A 1 52  ? 25.001  10.889  12.652  1.00 52.41  ? 52  THR A C   1 
ATOM   375  O O   . THR A 1 52  ? 23.990  11.112  11.972  1.00 51.14  ? 52  THR A O   1 
ATOM   376  C CB  . THR A 1 52  ? 26.288  11.980  10.788  1.00 62.91  ? 52  THR A CB  1 
ATOM   377  O OG1 . THR A 1 52  ? 27.274  11.393  9.924   1.00 67.28  ? 52  THR A OG1 1 
ATOM   378  C CG2 . THR A 1 52  ? 26.510  13.501  10.840  1.00 63.32  ? 52  THR A CG2 1 
ATOM   379  N N   . GLY A 1 53  ? 24.983  10.251  13.820  1.00 49.10  ? 53  GLY A N   1 
ATOM   380  C CA  . GLY A 1 53  ? 23.781  9.682   14.398  1.00 44.57  ? 53  GLY A CA  1 
ATOM   381  C C   . GLY A 1 53  ? 24.036  8.177   14.464  1.00 45.25  ? 53  GLY A C   1 
ATOM   382  O O   . GLY A 1 53  ? 23.137  7.376   14.208  1.00 50.63  ? 53  GLY A O   1 
ATOM   383  N N   . ARG A 1 54  ? 25.275  7.809   14.814  1.00 40.25  ? 54  ARG A N   1 
ATOM   384  C CA  . ARG A 1 54  ? 25.754  6.418   14.890  1.00 33.16  ? 54  ARG A CA  1 
ATOM   385  C C   . ARG A 1 54  ? 25.732  5.831   13.492  1.00 26.78  ? 54  ARG A C   1 
ATOM   386  O O   . ARG A 1 54  ? 26.652  6.041   12.711  1.00 24.99  ? 54  ARG A O   1 
ATOM   387  C CB  . ARG A 1 54  ? 24.893  5.567   15.823  1.00 34.24  ? 54  ARG A CB  1 
ATOM   388  C CG  . ARG A 1 54  ? 25.318  5.666   17.278  1.00 26.56  ? 54  ARG A CG  1 
ATOM   389  C CD  . ARG A 1 54  ? 26.816  5.826   17.390  1.00 28.90  ? 54  ARG A CD  1 
ATOM   390  N NE  . ARG A 1 54  ? 27.433  4.600   17.875  1.00 33.95  ? 54  ARG A NE  1 
ATOM   391  C CZ  . ARG A 1 54  ? 28.529  4.041   17.371  1.00 30.55  ? 54  ARG A CZ  1 
ATOM   392  N NH1 . ARG A 1 54  ? 29.159  4.590   16.352  1.00 35.78  ? 54  ARG A NH1 1 
ATOM   393  N NH2 . ARG A 1 54  ? 28.983  2.921   17.894  1.00 36.49  ? 54  ARG A NH2 1 
ATOM   394  N N   . SER A 1 55  ? 24.688  5.083   13.180  1.00 23.19  ? 55  SER A N   1 
ATOM   395  C CA  . SER A 1 55  ? 24.560  4.522   11.837  1.00 26.56  ? 55  SER A CA  1 
ATOM   396  C C   . SER A 1 55  ? 23.106  4.632   11.322  1.00 28.38  ? 55  SER A C   1 
ATOM   397  O O   . SER A 1 55  ? 22.177  4.049   11.912  1.00 27.15  ? 55  SER A O   1 
ATOM   398  C CB  . SER A 1 55  ? 25.014  3.063   11.812  1.00 27.31  ? 55  SER A CB  1 
ATOM   399  O OG  . SER A 1 55  ? 24.938  2.529   10.493  1.00 26.05  ? 55  SER A OG  1 
ATOM   400  N N   . VAL A 1 56  ? 22.925  5.396   10.240  1.00 26.33  ? 56  VAL A N   1 
ATOM   401  C CA  . VAL A 1 56  ? 21.618  5.627   9.615   1.00 27.99  ? 56  VAL A CA  1 
ATOM   402  C C   . VAL A 1 56  ? 21.457  4.739   8.375   1.00 29.59  ? 56  VAL A C   1 
ATOM   403  O O   . VAL A 1 56  ? 22.376  4.609   7.561   1.00 30.51  ? 56  VAL A O   1 
ATOM   404  C CB  . VAL A 1 56  ? 21.447  7.125   9.188   1.00 27.42  ? 56  VAL A CB  1 
ATOM   405  C CG1 . VAL A 1 56  ? 20.062  7.358   8.604   1.00 34.61  ? 56  VAL A CG1 1 
ATOM   406  C CG2 . VAL A 1 56  ? 21.631  8.030   10.377  1.00 25.41  ? 56  VAL A CG2 1 
ATOM   407  N N   . LEU A 1 57  ? 20.286  4.126   8.240   1.00 28.91  ? 57  LEU A N   1 
ATOM   408  C CA  . LEU A 1 57  ? 19.996  3.273   7.106   1.00 23.46  ? 57  LEU A CA  1 
ATOM   409  C C   . LEU A 1 57  ? 19.025  4.092   6.286   1.00 26.79  ? 57  LEU A C   1 
ATOM   410  O O   . LEU A 1 57  ? 17.964  4.475   6.750   1.00 27.86  ? 57  LEU A O   1 
ATOM   411  C CB  . LEU A 1 57  ? 19.364  1.970   7.580   1.00 28.22  ? 57  LEU A CB  1 
ATOM   412  C CG  . LEU A 1 57  ? 19.234  0.784   6.621   1.00 33.73  ? 57  LEU A CG  1 
ATOM   413  C CD1 . LEU A 1 57  ? 17.808  0.768   6.076   1.00 34.09  ? 57  LEU A CD1 1 
ATOM   414  C CD2 . LEU A 1 57  ? 20.247  0.870   5.478   1.00 35.62  ? 57  LEU A CD2 1 
ATOM   415  N N   . THR A 1 58  ? 19.423  4.394   5.061   1.00 29.69  ? 58  THR A N   1 
ATOM   416  C CA  . THR A 1 58  ? 18.599  5.187   4.166   1.00 27.31  ? 58  THR A CA  1 
ATOM   417  C C   . THR A 1 58  ? 18.220  4.404   2.940   1.00 27.41  ? 58  THR A C   1 
ATOM   418  O O   . THR A 1 58  ? 19.062  3.923   2.209   1.00 28.52  ? 58  THR A O   1 
ATOM   419  C CB  . THR A 1 58  ? 19.310  6.469   3.696   1.00 24.83  ? 58  THR A CB  1 
ATOM   420  O OG1 . THR A 1 58  ? 19.806  7.185   4.833   1.00 34.57  ? 58  THR A OG1 1 
ATOM   421  C CG2 . THR A 1 58  ? 18.342  7.350   2.938   1.00 30.66  ? 58  THR A CG2 1 
ATOM   422  N N   . VAL A 1 59  ? 16.920  4.287   2.747   1.00 29.09  ? 59  VAL A N   1 
ATOM   423  C CA  . VAL A 1 59  ? 16.313  3.610   1.622   1.00 28.39  ? 59  VAL A CA  1 
ATOM   424  C C   . VAL A 1 59  ? 15.863  4.769   0.728   1.00 31.84  ? 59  VAL A C   1 
ATOM   425  O O   . VAL A 1 59  ? 15.144  5.656   1.174   1.00 29.78  ? 59  VAL A O   1 
ATOM   426  C CB  . VAL A 1 59  ? 15.080  2.797   2.080   1.00 31.30  ? 59  VAL A CB  1 
ATOM   427  C CG1 . VAL A 1 59  ? 14.192  2.496   0.896   1.00 32.66  ? 59  VAL A CG1 1 
ATOM   428  C CG2 . VAL A 1 59  ? 15.525  1.504   2.760   1.00 29.17  ? 59  VAL A CG2 1 
ATOM   429  N N   . ARG A 1 60  ? 16.312  4.777   -0.524  1.00 34.32  ? 60  ARG A N   1 
ATOM   430  C CA  . ARG A 1 60  ? 15.951  5.837   -1.472  1.00 32.15  ? 60  ARG A CA  1 
ATOM   431  C C   . ARG A 1 60  ? 15.198  5.259   -2.671  1.00 30.87  ? 60  ARG A C   1 
ATOM   432  O O   . ARG A 1 60  ? 15.450  4.123   -3.074  1.00 26.94  ? 60  ARG A O   1 
ATOM   433  C CB  . ARG A 1 60  ? 17.220  6.563   -1.957  1.00 37.62  ? 60  ARG A CB  1 
ATOM   434  C CG  . ARG A 1 60  ? 17.891  7.462   -0.912  1.00 45.89  ? 60  ARG A CG  1 
ATOM   435  C CD  . ARG A 1 60  ? 17.534  8.945   -1.104  1.00 51.69  ? 60  ARG A CD  1 
ATOM   436  N NE  . ARG A 1 60  ? 17.884  9.773   0.051   1.00 54.35  ? 60  ARG A NE  1 
ATOM   437  C CZ  . ARG A 1 60  ? 17.672  11.085  0.116   1.00 58.63  ? 60  ARG A CZ  1 
ATOM   438  N NH1 . ARG A 1 60  ? 17.108  11.712  -0.911  1.00 59.51  ? 60  ARG A NH1 1 
ATOM   439  N NH2 . ARG A 1 60  ? 18.009  11.772  1.204   1.00 61.45  ? 60  ARG A NH2 1 
ATOM   440  N N   . ASN A 1 61  ? 14.270  6.036   -3.229  1.00 36.42  ? 61  ASN A N   1 
ATOM   441  C CA  . ASN A 1 61  ? 13.489  5.598   -4.382  1.00 39.56  ? 61  ASN A CA  1 
ATOM   442  C C   . ASN A 1 61  ? 13.173  4.088   -4.251  1.00 40.25  ? 61  ASN A C   1 
ATOM   443  O O   . ASN A 1 61  ? 13.420  3.295   -5.156  1.00 41.39  ? 61  ASN A O   1 
ATOM   444  C CB  . ASN A 1 61  ? 14.289  5.941   -5.660  1.00 50.30  ? 61  ASN A CB  1 
ATOM   445  C CG  . ASN A 1 61  ? 13.758  5.258   -6.914  1.00 57.21  ? 61  ASN A CG  1 
ATOM   446  O OD1 . ASN A 1 61  ? 12.725  5.647   -7.466  1.00 51.25  ? 61  ASN A OD1 1 
ATOM   447  N ND2 . ASN A 1 61  ? 14.486  4.231   -7.348  1.00 68.20  ? 61  ASN A ND2 1 
ATOM   448  N N   . ALA A 1 62  ? 12.616  3.711   -3.101  1.00 37.40  ? 62  ALA A N   1 
ATOM   449  C CA  . ALA A 1 62  ? 12.273  2.320   -2.791  1.00 33.97  ? 62  ALA A CA  1 
ATOM   450  C C   . ALA A 1 62  ? 11.740  1.472   -3.925  1.00 32.62  ? 62  ALA A C   1 
ATOM   451  O O   . ALA A 1 62  ? 10.997  1.939   -4.781  1.00 26.30  ? 62  ALA A O   1 
ATOM   452  C CB  . ALA A 1 62  ? 11.288  2.262   -1.624  1.00 29.12  ? 62  ALA A CB  1 
ATOM   453  N N   . SER A 1 63  ? 12.145  0.204   -3.895  1.00 32.66  ? 63  SER A N   1 
ATOM   454  C CA  . SER A 1 63  ? 11.737  -0.809  -4.857  1.00 30.09  ? 63  SER A CA  1 
ATOM   455  C C   . SER A 1 63  ? 11.122  -1.941  -4.042  1.00 25.75  ? 63  SER A C   1 
ATOM   456  O O   . SER A 1 63  ? 11.274  -1.972  -2.837  1.00 26.24  ? 63  SER A O   1 
ATOM   457  C CB  . SER A 1 63  ? 12.953  -1.339  -5.614  1.00 31.23  ? 63  SER A CB  1 
ATOM   458  O OG  . SER A 1 63  ? 12.530  -2.178  -6.667  1.00 38.83  ? 63  SER A OG  1 
ATOM   459  N N   . LEU A 1 64  ? 10.449  -2.877  -4.688  1.00 22.35  ? 64  LEU A N   1 
ATOM   460  C CA  . LEU A 1 64  ? 9.847   -3.984  -3.945  1.00 28.02  ? 64  LEU A CA  1 
ATOM   461  C C   . LEU A 1 64  ? 10.921  -4.807  -3.235  1.00 27.25  ? 64  LEU A C   1 
ATOM   462  O O   . LEU A 1 64  ? 10.632  -5.558  -2.295  1.00 28.39  ? 64  LEU A O   1 
ATOM   463  C CB  . LEU A 1 64  ? 9.043   -4.902  -4.881  1.00 31.76  ? 64  LEU A CB  1 
ATOM   464  C CG  . LEU A 1 64  ? 7.774   -4.357  -5.553  1.00 34.17  ? 64  LEU A CG  1 
ATOM   465  C CD1 . LEU A 1 64  ? 7.925   -2.869  -5.825  1.00 43.40  ? 64  LEU A CD1 1 
ATOM   466  C CD2 . LEU A 1 64  ? 7.521   -5.119  -6.850  1.00 22.74  ? 64  LEU A CD2 1 
ATOM   467  N N   . SER A 1 65  ? 12.160  -4.649  -3.706  1.00 29.41  ? 65  SER A N   1 
ATOM   468  C CA  . SER A 1 65  ? 13.346  -5.345  -3.183  1.00 31.48  ? 65  SER A CA  1 
ATOM   469  C C   . SER A 1 65  ? 13.790  -4.761  -1.837  1.00 34.32  ? 65  SER A C   1 
ATOM   470  O O   . SER A 1 65  ? 14.587  -5.346  -1.113  1.00 33.75  ? 65  SER A O   1 
ATOM   471  C CB  . SER A 1 65  ? 14.495  -5.221  -4.181  1.00 31.90  ? 65  SER A CB  1 
ATOM   472  O OG  . SER A 1 65  ? 14.100  -5.697  -5.450  1.00 33.84  ? 65  SER A OG  1 
ATOM   473  N N   . ALA A 1 66  ? 13.268  -3.583  -1.530  1.00 35.13  ? 66  ALA A N   1 
ATOM   474  C CA  . ALA A 1 66  ? 13.543  -2.879  -0.288  1.00 32.50  ? 66  ALA A CA  1 
ATOM   475  C C   . ALA A 1 66  ? 12.881  -3.569  0.900   1.00 33.14  ? 66  ALA A C   1 
ATOM   476  O O   . ALA A 1 66  ? 13.429  -3.605  2.000   1.00 33.63  ? 66  ALA A O   1 
ATOM   477  C CB  . ALA A 1 66  ? 13.020  -1.466  -0.402  1.00 35.80  ? 66  ALA A CB  1 
ATOM   478  N N   . ALA A 1 67  ? 11.685  -4.098  0.663   1.00 33.61  ? 67  ALA A N   1 
ATOM   479  C CA  . ALA A 1 67  ? 10.899  -4.778  1.687   1.00 32.97  ? 67  ALA A CA  1 
ATOM   480  C C   . ALA A 1 67  ? 11.652  -5.918  2.347   1.00 31.80  ? 67  ALA A C   1 
ATOM   481  O O   . ALA A 1 67  ? 12.450  -6.591  1.704   1.00 34.46  ? 67  ALA A O   1 
ATOM   482  C CB  . ALA A 1 67  ? 9.606   -5.300  1.078   1.00 31.02  ? 67  ALA A CB  1 
ATOM   483  N N   . GLY A 1 68  ? 11.382  -6.151  3.624   1.00 26.26  ? 68  GLY A N   1 
ATOM   484  C CA  . GLY A 1 68  ? 12.076  -7.224  4.296   1.00 23.69  ? 68  GLY A CA  1 
ATOM   485  C C   . GLY A 1 68  ? 12.443  -6.772  5.667   1.00 23.42  ? 68  GLY A C   1 
ATOM   486  O O   . GLY A 1 68  ? 12.279  -5.605  5.984   1.00 29.06  ? 68  GLY A O   1 
ATOM   487  N N   . THR A 1 69  ? 12.956  -7.690  6.472   1.00 25.01  ? 69  THR A N   1 
ATOM   488  C CA  . THR A 1 69  ? 13.333  -7.389  7.850   1.00 25.97  ? 69  THR A CA  1 
ATOM   489  C C   . THR A 1 69  ? 14.735  -6.806  7.999   1.00 22.31  ? 69  THR A C   1 
ATOM   490  O O   . THR A 1 69  ? 15.692  -7.332  7.424   1.00 24.57  ? 69  THR A O   1 
ATOM   491  C CB  . THR A 1 69  ? 13.243  -8.659  8.706   1.00 29.27  ? 69  THR A CB  1 
ATOM   492  O OG1 . THR A 1 69  ? 11.908  -9.164  8.648   1.00 32.78  ? 69  THR A OG1 1 
ATOM   493  C CG2 . THR A 1 69  ? 13.628  -8.377  10.146  1.00 26.66  ? 69  THR A CG2 1 
ATOM   494  N N   . ARG A 1 70  ? 14.858  -5.714  8.754   1.00 18.14  ? 70  ARG A N   1 
ATOM   495  C CA  . ARG A 1 70  ? 16.168  -5.108  8.988   1.00 17.48  ? 70  ARG A CA  1 
ATOM   496  C C   . ARG A 1 70  ? 16.485  -5.203  10.459  1.00 23.13  ? 70  ARG A C   1 
ATOM   497  O O   . ARG A 1 70  ? 15.582  -5.040  11.312  1.00 24.17  ? 70  ARG A O   1 
ATOM   498  C CB  . ARG A 1 70  ? 16.205  -3.635  8.612   1.00 15.73  ? 70  ARG A CB  1 
ATOM   499  C CG  . ARG A 1 70  ? 15.627  -3.306  7.259   1.00 23.33  ? 70  ARG A CG  1 
ATOM   500  C CD  . ARG A 1 70  ? 16.480  -3.901  6.189   1.00 25.91  ? 70  ARG A CD  1 
ATOM   501  N NE  . ARG A 1 70  ? 15.850  -3.758  4.889   1.00 31.69  ? 70  ARG A NE  1 
ATOM   502  C CZ  . ARG A 1 70  ? 16.359  -3.000  3.924   1.00 38.06  ? 70  ARG A CZ  1 
ATOM   503  N NH1 . ARG A 1 70  ? 17.501  -2.339  4.133   1.00 37.62  ? 70  ARG A NH1 1 
ATOM   504  N NH2 . ARG A 1 70  ? 15.725  -2.871  2.760   1.00 38.10  ? 70  ARG A NH2 1 
ATOM   505  N N   . VAL A 1 71  ? 17.750  -5.478  10.769  1.00 21.02  ? 71  VAL A N   1 
ATOM   506  C CA  . VAL A 1 71  ? 18.145  -5.568  12.159  1.00 20.56  ? 71  VAL A CA  1 
ATOM   507  C C   . VAL A 1 71  ? 19.349  -4.708  12.504  1.00 22.01  ? 71  VAL A C   1 
ATOM   508  O O   . VAL A 1 71  ? 20.357  -4.700  11.795  1.00 17.40  ? 71  VAL A O   1 
ATOM   509  C CB  . VAL A 1 71  ? 18.500  -6.996  12.572  1.00 22.01  ? 71  VAL A CB  1 
ATOM   510  C CG1 . VAL A 1 71  ? 18.815  -7.034  14.062  1.00 17.41  ? 71  VAL A CG1 1 
ATOM   511  C CG2 . VAL A 1 71  ? 17.371  -7.930  12.234  1.00 25.06  ? 71  VAL A CG2 1 
ATOM   512  N N   . CYS A 1 72  ? 19.223  -3.960  13.593  1.00 21.99  ? 72  CYS A N   1 
ATOM   513  C CA  . CYS A 1 72  ? 20.330  -3.171  14.059  1.00 24.11  ? 72  CYS A CA  1 
ATOM   514  C C   . CYS A 1 72  ? 20.789  -3.857  15.337  1.00 23.30  ? 72  CYS A C   1 
ATOM   515  O O   . CYS A 1 72  ? 20.009  -4.051  16.277  1.00 21.61  ? 72  CYS A O   1 
ATOM   516  C CB  . CYS A 1 72  ? 19.953  -1.711  14.365  1.00 18.83  ? 72  CYS A CB  1 
ATOM   517  S SG  . CYS A 1 72  ? 21.467  -0.783  14.793  1.00 27.13  ? 72  CYS A SG  1 
ATOM   518  N N   . VAL A 1 73  ? 22.059  -4.244  15.346  1.00 26.59  ? 73  VAL A N   1 
ATOM   519  C CA  . VAL A 1 73  ? 22.662  -4.882  16.510  1.00 22.76  ? 73  VAL A CA  1 
ATOM   520  C C   . VAL A 1 73  ? 23.776  -3.974  16.968  1.00 22.48  ? 73  VAL A C   1 
ATOM   521  O O   . VAL A 1 73  ? 24.643  -3.594  16.161  1.00 20.54  ? 73  VAL A O   1 
ATOM   522  C CB  . VAL A 1 73  ? 23.255  -6.255  16.169  1.00 29.85  ? 73  VAL A CB  1 
ATOM   523  C CG1 . VAL A 1 73  ? 23.678  -6.282  14.719  1.00 35.76  ? 73  VAL A CG1 1 
ATOM   524  C CG2 . VAL A 1 73  ? 24.469  -6.543  17.052  1.00 31.61  ? 73  VAL A CG2 1 
ATOM   525  N N   . GLY A 1 74  ? 23.728  -3.614  18.253  1.00 25.10  ? 74  GLY A N   1 
ATOM   526  C CA  . GLY A 1 74  ? 24.729  -2.740  18.830  1.00 27.29  ? 74  GLY A CA  1 
ATOM   527  C C   . GLY A 1 74  ? 25.492  -3.441  19.944  1.00 28.33  ? 74  GLY A C   1 
ATOM   528  O O   . GLY A 1 74  ? 24.907  -4.003  20.870  1.00 32.44  ? 74  GLY A O   1 
ATOM   529  N N   . SER A 1 75  ? 26.813  -3.412  19.854  1.00 26.38  ? 75  SER A N   1 
ATOM   530  C CA  . SER A 1 75  ? 27.649  -4.030  20.853  1.00 27.46  ? 75  SER A CA  1 
ATOM   531  C C   . SER A 1 75  ? 28.335  -2.981  21.694  1.00 28.82  ? 75  SER A C   1 
ATOM   532  O O   . SER A 1 75  ? 28.860  -2.002  21.200  1.00 32.87  ? 75  SER A O   1 
ATOM   533  C CB  . SER A 1 75  ? 28.695  -4.910  20.199  1.00 29.26  ? 75  SER A CB  1 
ATOM   534  O OG  . SER A 1 75  ? 29.464  -5.565  21.200  1.00 46.87  ? 75  SER A OG  1 
ATOM   535  N N   . CYS A 1 76  ? 28.312  -3.184  22.992  1.00 29.98  ? 76  CYS A N   1 
ATOM   536  C CA  . CYS A 1 76  ? 28.952  -2.252  23.881  1.00 32.91  ? 76  CYS A CA  1 
ATOM   537  C C   . CYS A 1 76  ? 29.317  -2.950  25.180  1.00 42.96  ? 76  CYS A C   1 
ATOM   538  O O   . CYS A 1 76  ? 28.462  -3.538  25.843  1.00 47.38  ? 76  CYS A O   1 
ATOM   539  C CB  . CYS A 1 76  ? 28.031  -1.077  24.167  1.00 26.74  ? 76  CYS A CB  1 
ATOM   540  S SG  . CYS A 1 76  ? 28.736  0.070   25.388  1.00 41.37  ? 76  CYS A SG  1 
ATOM   541  N N   . GLY A 1 77  ? 30.599  -2.910  25.523  1.00 47.98  ? 77  GLY A N   1 
ATOM   542  C CA  . GLY A 1 77  ? 31.062  -3.531  26.751  1.00 51.19  ? 77  GLY A CA  1 
ATOM   543  C C   . GLY A 1 77  ? 30.765  -5.014  26.905  1.00 53.17  ? 77  GLY A C   1 
ATOM   544  O O   . GLY A 1 77  ? 30.313  -5.454  27.971  1.00 54.85  ? 77  GLY A O   1 
ATOM   545  N N   . GLY A 1 78  ? 31.029  -5.787  25.854  1.00 52.63  ? 78  GLY A N   1 
ATOM   546  C CA  . GLY A 1 78  ? 30.793  -7.215  25.920  1.00 47.05  ? 78  GLY A CA  1 
ATOM   547  C C   . GLY A 1 78  ? 29.319  -7.504  26.054  1.00 46.74  ? 78  GLY A C   1 
ATOM   548  O O   . GLY A 1 78  ? 28.923  -8.637  26.364  1.00 49.09  ? 78  GLY A O   1 
ATOM   549  N N   . ARG A 1 79  ? 28.503  -6.480  25.830  1.00 41.24  ? 79  ARG A N   1 
ATOM   550  C CA  . ARG A 1 79  ? 27.061  -6.642  25.916  1.00 40.21  ? 79  ARG A CA  1 
ATOM   551  C C   . ARG A 1 79  ? 26.483  -6.293  24.556  1.00 38.45  ? 79  ARG A C   1 
ATOM   552  O O   . ARG A 1 79  ? 26.988  -5.402  23.875  1.00 39.63  ? 79  ARG A O   1 
ATOM   553  C CB  . ARG A 1 79  ? 26.485  -5.705  26.979  1.00 44.96  ? 79  ARG A CB  1 
ATOM   554  C CG  . ARG A 1 79  ? 26.081  -6.380  28.288  1.00 54.43  ? 79  ARG A CG  1 
ATOM   555  C CD  . ARG A 1 79  ? 24.564  -6.553  28.394  1.00 64.97  ? 79  ARG A CD  1 
ATOM   556  N NE  . ARG A 1 79  ? 23.900  -5.638  29.332  1.00 73.43  ? 79  ARG A NE  1 
ATOM   557  C CZ  . ARG A 1 79  ? 24.053  -4.313  29.349  1.00 75.06  ? 79  ARG A CZ  1 
ATOM   558  N NH1 . ARG A 1 79  ? 24.857  -3.716  28.478  1.00 74.71  ? 79  ARG A NH1 1 
ATOM   559  N NH2 . ARG A 1 79  ? 23.380  -3.577  30.228  1.00 73.09  ? 79  ARG A NH2 1 
ATOM   560  N N   . THR A 1 80  ? 25.430  -6.983  24.146  1.00 31.44  ? 80  THR A N   1 
ATOM   561  C CA  . THR A 1 80  ? 24.860  -6.668  22.869  1.00 25.86  ? 80  THR A CA  1 
ATOM   562  C C   . THR A 1 80  ? 23.350  -6.561  22.890  1.00 27.54  ? 80  THR A C   1 
ATOM   563  O O   . THR A 1 80  ? 22.656  -7.393  23.473  1.00 24.14  ? 80  THR A O   1 
ATOM   564  C CB  . THR A 1 80  ? 25.280  -7.681  21.830  1.00 24.24  ? 80  THR A CB  1 
ATOM   565  O OG1 . THR A 1 80  ? 24.219  -8.611  21.639  1.00 35.57  ? 80  THR A OG1 1 
ATOM   566  C CG2 . THR A 1 80  ? 26.525  -8.405  22.251  1.00 27.64  ? 80  THR A CG2 1 
ATOM   567  N N   . PHE A 1 81  ? 22.861  -5.521  22.211  1.00 28.23  ? 81  PHE A N   1 
ATOM   568  C CA  . PHE A 1 81  ? 21.433  -5.202  22.094  1.00 29.94  ? 81  PHE A CA  1 
ATOM   569  C C   . PHE A 1 81  ? 20.964  -5.187  20.648  1.00 25.41  ? 81  PHE A C   1 
ATOM   570  O O   . PHE A 1 81  ? 21.770  -5.095  19.728  1.00 24.64  ? 81  PHE A O   1 
ATOM   571  C CB  . PHE A 1 81  ? 21.163  -3.839  22.733  1.00 28.33  ? 81  PHE A CB  1 
ATOM   572  C CG  . PHE A 1 81  ? 22.097  -3.522  23.852  1.00 27.24  ? 81  PHE A CG  1 
ATOM   573  C CD1 . PHE A 1 81  ? 23.354  -3.000  23.590  1.00 29.41  ? 81  PHE A CD1 1 
ATOM   574  C CD2 . PHE A 1 81  ? 21.735  -3.775  25.167  1.00 30.68  ? 81  PHE A CD2 1 
ATOM   575  C CE1 . PHE A 1 81  ? 24.240  -2.724  24.622  1.00 34.98  ? 81  PHE A CE1 1 
ATOM   576  C CE2 . PHE A 1 81  ? 22.599  -3.510  26.208  1.00 31.44  ? 81  PHE A CE2 1 
ATOM   577  C CZ  . PHE A 1 81  ? 23.864  -2.982  25.937  1.00 36.79  ? 81  PHE A CZ  1 
ATOM   578  N N   . GLN A 1 82  ? 19.656  -5.209  20.454  1.00 24.02  ? 82  GLN A N   1 
ATOM   579  C CA  . GLN A 1 82  ? 19.120  -5.255  19.110  1.00 22.42  ? 82  GLN A CA  1 
ATOM   580  C C   . GLN A 1 82  ? 17.751  -4.583  18.939  1.00 23.82  ? 82  GLN A C   1 
ATOM   581  O O   . GLN A 1 82  ? 17.060  -4.249  19.903  1.00 23.03  ? 82  GLN A O   1 
ATOM   582  C CB  . GLN A 1 82  ? 19.040  -6.735  18.704  1.00 15.21  ? 82  GLN A CB  1 
ATOM   583  C CG  . GLN A 1 82  ? 17.911  -7.136  17.706  1.00 30.63  ? 82  GLN A CG  1 
ATOM   584  C CD  . GLN A 1 82  ? 16.690  -7.760  18.369  1.00 24.59  ? 82  GLN A CD  1 
ATOM   585  O OE1 . GLN A 1 82  ? 15.644  -7.878  17.747  1.00 37.86  ? 82  GLN A OE1 1 
ATOM   586  N NE2 . GLN A 1 82  ? 16.814  -8.142  19.635  1.00 34.70  ? 82  GLN A NE2 1 
ATOM   587  N N   . HIS A 1 83  ? 17.390  -4.364  17.687  1.00 21.18  ? 83  HIS A N   1 
ATOM   588  C CA  . HIS A 1 83  ? 16.102  -3.817  17.367  1.00 20.47  ? 83  HIS A CA  1 
ATOM   589  C C   . HIS A 1 83  ? 15.782  -4.293  15.963  1.00 19.30  ? 83  HIS A C   1 
ATOM   590  O O   . HIS A 1 83  ? 16.545  -4.024  15.030  1.00 23.09  ? 83  HIS A O   1 
ATOM   591  C CB  . HIS A 1 83  ? 16.097  -2.296  17.404  1.00 23.55  ? 83  HIS A CB  1 
ATOM   592  C CG  . HIS A 1 83  ? 14.807  -1.699  16.928  1.00 27.60  ? 83  HIS A CG  1 
ATOM   593  N ND1 . HIS A 1 83  ? 14.527  -1.498  15.584  1.00 27.86  ? 83  HIS A ND1 1 
ATOM   594  C CD2 . HIS A 1 83  ? 13.705  -1.282  17.593  1.00 29.01  ? 83  HIS A CD2 1 
ATOM   595  C CE1 . HIS A 1 83  ? 13.317  -0.985  15.458  1.00 24.77  ? 83  HIS A CE1 1 
ATOM   596  N NE2 . HIS A 1 83  ? 12.798  -0.844  16.667  1.00 24.52  ? 83  HIS A NE2 1 
ATOM   597  N N   . THR A 1 84  ? 14.676  -5.018  15.819  1.00 21.45  ? 84  THR A N   1 
ATOM   598  C CA  . THR A 1 84  ? 14.255  -5.536  14.523  1.00 18.39  ? 84  THR A CA  1 
ATOM   599  C C   . THR A 1 84  ? 13.056  -4.763  13.975  1.00 20.95  ? 84  THR A C   1 
ATOM   600  O O   . THR A 1 84  ? 12.062  -4.580  14.681  1.00 22.52  ? 84  THR A O   1 
ATOM   601  C CB  . THR A 1 84  ? 13.845  -6.990  14.634  1.00 20.45  ? 84  THR A CB  1 
ATOM   602  O OG1 . THR A 1 84  ? 15.002  -7.803  14.836  1.00 24.35  ? 84  THR A OG1 1 
ATOM   603  C CG2 . THR A 1 84  ? 13.135  -7.439  13.348  1.00 18.06  ? 84  THR A CG2 1 
ATOM   604  N N   . VAL A 1 85  ? 13.149  -4.336  12.715  1.00 23.21  ? 85  VAL A N   1 
ATOM   605  C CA  . VAL A 1 85  ? 12.080  -3.589  12.058  1.00 23.09  ? 85  VAL A CA  1 
ATOM   606  C C   . VAL A 1 85  ? 11.812  -4.120  10.650  1.00 23.80  ? 85  VAL A C   1 
ATOM   607  O O   . VAL A 1 85  ? 12.733  -4.460  9.915   1.00 27.89  ? 85  VAL A O   1 
ATOM   608  C CB  . VAL A 1 85  ? 12.410  -2.053  11.989  1.00 25.65  ? 85  VAL A CB  1 
ATOM   609  C CG1 . VAL A 1 85  ? 13.672  -1.806  11.179  1.00 22.04  ? 85  VAL A CG1 1 
ATOM   610  C CG2 . VAL A 1 85  ? 11.241  -1.298  11.370  1.00 25.09  ? 85  VAL A CG2 1 
ATOM   611  N N   . GLN A 1 86  ? 10.538  -4.199  10.288  1.00 26.54  ? 86  GLN A N   1 
ATOM   612  C CA  . GLN A 1 86  ? 10.126  -4.676  8.971   1.00 25.83  ? 86  GLN A CA  1 
ATOM   613  C C   . GLN A 1 86  ? 9.793   -3.545  8.031   1.00 26.53  ? 86  GLN A C   1 
ATOM   614  O O   . GLN A 1 86  ? 8.910   -2.732  8.327   1.00 27.90  ? 86  GLN A O   1 
ATOM   615  C CB  . GLN A 1 86  ? 8.879   -5.523  9.068   1.00 28.60  ? 86  GLN A CB  1 
ATOM   616  C CG  . GLN A 1 86  ? 9.077   -6.841  9.723   1.00 47.54  ? 86  GLN A CG  1 
ATOM   617  C CD  . GLN A 1 86  ? 7.872   -7.704  9.553   1.00 52.52  ? 86  GLN A CD  1 
ATOM   618  O OE1 . GLN A 1 86  ? 6.911   -7.330  8.872   1.00 56.84  ? 86  GLN A OE1 1 
ATOM   619  N NE2 . GLN A 1 86  ? 7.905   -8.875  10.169  1.00 65.48  ? 86  GLN A NE2 1 
ATOM   620  N N   . LEU A 1 87  ? 10.491  -3.491  6.906   1.00 21.95  ? 87  LEU A N   1 
ATOM   621  C CA  . LEU A 1 87  ? 10.206  -2.474  5.913   1.00 24.03  ? 87  LEU A CA  1 
ATOM   622  C C   . LEU A 1 87  ? 9.131   -3.069  5.035   1.00 26.96  ? 87  LEU A C   1 
ATOM   623  O O   . LEU A 1 87  ? 9.292   -4.179  4.501   1.00 24.50  ? 87  LEU A O   1 
ATOM   624  C CB  . LEU A 1 87  ? 11.425  -2.184  5.051   1.00 29.29  ? 87  LEU A CB  1 
ATOM   625  C CG  . LEU A 1 87  ? 12.383  -1.085  5.496   1.00 32.47  ? 87  LEU A CG  1 
ATOM   626  C CD1 . LEU A 1 87  ? 12.647  -0.192  4.309   1.00 32.45  ? 87  LEU A CD1 1 
ATOM   627  C CD2 . LEU A 1 87  ? 11.806  -0.289  6.666   1.00 38.28  ? 87  LEU A CD2 1 
ATOM   628  N N   . LEU A 1 88  ? 8.038   -2.334  4.886   1.00 26.88  ? 88  LEU A N   1 
ATOM   629  C CA  . LEU A 1 88  ? 6.935   -2.785  4.065   1.00 25.82  ? 88  LEU A CA  1 
ATOM   630  C C   . LEU A 1 88  ? 6.811   -1.855  2.856   1.00 29.70  ? 88  LEU A C   1 
ATOM   631  O O   . LEU A 1 88  ? 6.380   -0.701  2.995   1.00 31.50  ? 88  LEU A O   1 
ATOM   632  C CB  . LEU A 1 88  ? 5.646   -2.755  4.893   1.00 31.00  ? 88  LEU A CB  1 
ATOM   633  C CG  . LEU A 1 88  ? 4.383   -3.382  4.302   1.00 34.56  ? 88  LEU A CG  1 
ATOM   634  C CD1 . LEU A 1 88  ? 3.408   -3.780  5.417   1.00 29.33  ? 88  LEU A CD1 1 
ATOM   635  C CD2 . LEU A 1 88  ? 3.737   -2.382  3.349   1.00 37.73  ? 88  LEU A CD2 1 
ATOM   636  N N   . VAL A 1 89  ? 7.196   -2.334  1.673   1.00 26.76  ? 89  VAL A N   1 
ATOM   637  C CA  . VAL A 1 89  ? 7.078   -1.498  0.483   1.00 24.27  ? 89  VAL A CA  1 
ATOM   638  C C   . VAL A 1 89  ? 5.731   -1.781  -0.195  1.00 24.46  ? 89  VAL A C   1 
ATOM   639  O O   . VAL A 1 89  ? 5.344   -2.935  -0.392  1.00 23.16  ? 89  VAL A O   1 
ATOM   640  C CB  . VAL A 1 89  ? 8.241   -1.753  -0.485  1.00 22.05  ? 89  VAL A CB  1 
ATOM   641  C CG1 . VAL A 1 89  ? 8.292   -0.676  -1.556  1.00 27.04  ? 89  VAL A CG1 1 
ATOM   642  C CG2 . VAL A 1 89  ? 9.534   -1.748  0.285   1.00 20.13  ? 89  VAL A CG2 1 
ATOM   643  N N   . TYR A 1 90  ? 5.007   -0.718  -0.533  1.00 21.80  ? 90  TYR A N   1 
ATOM   644  C CA  . TYR A 1 90  ? 3.693   -0.860  -1.144  1.00 18.34  ? 90  TYR A CA  1 
ATOM   645  C C   . TYR A 1 90  ? 3.449   0.105   -2.307  1.00 21.29  ? 90  TYR A C   1 
ATOM   646  O O   . TYR A 1 90  ? 4.148   1.129   -2.453  1.00 21.70  ? 90  TYR A O   1 
ATOM   647  C CB  . TYR A 1 90  ? 2.623   -0.631  -0.084  1.00 18.19  ? 90  TYR A CB  1 
ATOM   648  C CG  . TYR A 1 90  ? 2.513   0.808   0.366   1.00 13.55  ? 90  TYR A CG  1 
ATOM   649  C CD1 . TYR A 1 90  ? 1.742   1.715   -0.353  1.00 15.06  ? 90  TYR A CD1 1 
ATOM   650  C CD2 . TYR A 1 90  ? 3.224   1.275   1.472   1.00 14.11  ? 90  TYR A CD2 1 
ATOM   651  C CE1 . TYR A 1 90  ? 1.686   3.044   0.002   1.00 16.24  ? 90  TYR A CE1 1 
ATOM   652  C CE2 . TYR A 1 90  ? 3.173   2.620   1.839   1.00 18.33  ? 90  TYR A CE2 1 
ATOM   653  C CZ  . TYR A 1 90  ? 2.401   3.503   1.096   1.00 20.09  ? 90  TYR A CZ  1 
ATOM   654  O OH  . TYR A 1 90  ? 2.334   4.841   1.432   1.00 21.95  ? 90  TYR A OH  1 
ATOM   655  N N   . ALA A 1 91  ? 2.455   -0.220  -3.135  1.00 18.32  ? 91  ALA A N   1 
ATOM   656  C CA  . ALA A 1 91  ? 2.099   0.629   -4.272  1.00 18.67  ? 91  ALA A CA  1 
ATOM   657  C C   . ALA A 1 91  ? 0.572   0.790   -4.313  1.00 18.47  ? 91  ALA A C   1 
ATOM   658  O O   . ALA A 1 91  ? -0.144  -0.181  -4.520  1.00 18.31  ? 91  ALA A O   1 
ATOM   659  C CB  . ALA A 1 91  ? 2.602   -0.006  -5.583  1.00 18.93  ? 91  ALA A CB  1 
ATOM   660  N N   . PHE A 1 92  ? 0.073   1.999   -4.079  1.00 20.01  ? 92  PHE A N   1 
ATOM   661  C CA  . PHE A 1 92  ? -1.361  2.232   -4.131  1.00 23.66  ? 92  PHE A CA  1 
ATOM   662  C C   . PHE A 1 92  ? -1.731  2.358   -5.604  1.00 25.12  ? 92  PHE A C   1 
ATOM   663  O O   . PHE A 1 92  ? -0.994  2.975   -6.364  1.00 25.92  ? 92  PHE A O   1 
ATOM   664  C CB  . PHE A 1 92  ? -1.738  3.506   -3.390  1.00 26.60  ? 92  PHE A CB  1 
ATOM   665  C CG  . PHE A 1 92  ? -3.220  3.609   -3.118  1.00 30.65  ? 92  PHE A CG  1 
ATOM   666  C CD1 . PHE A 1 92  ? -3.870  2.626   -2.369  1.00 20.19  ? 92  PHE A CD1 1 
ATOM   667  C CD2 . PHE A 1 92  ? -3.976  4.667   -3.635  1.00 33.21  ? 92  PHE A CD2 1 
ATOM   668  C CE1 . PHE A 1 92  ? -5.232  2.700   -2.138  1.00 23.47  ? 92  PHE A CE1 1 
ATOM   669  C CE2 . PHE A 1 92  ? -5.338  4.746   -3.409  1.00 30.84  ? 92  PHE A CE2 1 
ATOM   670  C CZ  . PHE A 1 92  ? -5.969  3.753   -2.651  1.00 25.32  ? 92  PHE A CZ  1 
ATOM   671  N N   . PRO A 1 93  ? -2.901  1.826   -6.019  1.00 29.20  ? 93  PRO A N   1 
ATOM   672  C CA  . PRO A 1 93  ? -3.274  1.910   -7.439  1.00 26.38  ? 93  PRO A CA  1 
ATOM   673  C C   . PRO A 1 93  ? -3.237  3.329   -7.966  1.00 27.75  ? 93  PRO A C   1 
ATOM   674  O O   . PRO A 1 93  ? -3.721  4.244   -7.290  1.00 24.35  ? 93  PRO A O   1 
ATOM   675  C CB  . PRO A 1 93  ? -4.683  1.308   -7.482  1.00 26.26  ? 93  PRO A CB  1 
ATOM   676  C CG  . PRO A 1 93  ? -5.184  1.403   -6.087  1.00 22.52  ? 93  PRO A CG  1 
ATOM   677  C CD  . PRO A 1 93  ? -3.973  1.219   -5.215  1.00 22.49  ? 93  PRO A CD  1 
ATOM   678  N N   . ASN A 1 94  ? -2.673  3.505   -9.166  1.00 27.67  ? 94  ASN A N   1 
ATOM   679  C CA  . ASN A 1 94  ? -2.569  4.836   -9.775  1.00 30.92  ? 94  ASN A CA  1 
ATOM   680  C C   . ASN A 1 94  ? -3.747  5.172   -10.677 1.00 28.28  ? 94  ASN A C   1 
ATOM   681  O O   . ASN A 1 94  ? -3.877  6.300   -11.160 1.00 31.81  ? 94  ASN A O   1 
ATOM   682  C CB  . ASN A 1 94  ? -1.250  4.987   -10.561 1.00 35.47  ? 94  ASN A CB  1 
ATOM   683  C CG  . ASN A 1 94  ? -1.196  4.128   -11.842 1.00 35.49  ? 94  ASN A CG  1 
ATOM   684  O OD1 . ASN A 1 94  ? -0.255  4.230   -12.624 1.00 39.17  ? 94  ASN A OD1 1 
ATOM   685  N ND2 . ASN A 1 94  ? -2.199  3.296   -12.054 1.00 36.32  ? 94  ASN A ND2 1 
ATOM   686  N N   . GLN A 1 95  ? -4.607  4.181   -10.875 1.00 23.77  ? 95  GLN A N   1 
ATOM   687  C CA  . GLN A 1 95  ? -5.797  4.299   -11.705 1.00 29.25  ? 95  GLN A CA  1 
ATOM   688  C C   . GLN A 1 95  ? -6.784  3.255   -11.242 1.00 23.59  ? 95  GLN A C   1 
ATOM   689  O O   . GLN A 1 95  ? -6.415  2.204   -10.744 1.00 20.14  ? 95  GLN A O   1 
ATOM   690  C CB  . GLN A 1 95  ? -5.466  4.024   -13.176 1.00 30.05  ? 95  GLN A CB  1 
ATOM   691  C CG  . GLN A 1 95  ? -6.032  5.024   -14.131 1.00 41.91  ? 95  GLN A CG  1 
ATOM   692  C CD  . GLN A 1 95  ? -5.284  5.048   -15.435 1.00 47.42  ? 95  GLN A CD  1 
ATOM   693  O OE1 . GLN A 1 95  ? -5.373  4.110   -16.222 1.00 52.54  ? 95  GLN A OE1 1 
ATOM   694  N NE2 . GLN A 1 95  ? -4.547  6.126   -15.679 1.00 46.34  ? 95  GLN A NE2 1 
ATOM   695  N N   . LEU A 1 96  ? -8.055  3.553   -11.403 1.00 23.37  ? 96  LEU A N   1 
ATOM   696  C CA  . LEU A 1 96  ? -9.096  2.616   -11.041 1.00 24.81  ? 96  LEU A CA  1 
ATOM   697  C C   . LEU A 1 96  ? -9.914  2.567   -12.315 1.00 27.83  ? 96  LEU A C   1 
ATOM   698  O O   . LEU A 1 96  ? -10.177 3.604   -12.907 1.00 29.09  ? 96  LEU A O   1 
ATOM   699  C CB  . LEU A 1 96  ? -9.917  3.173   -9.888  1.00 25.17  ? 96  LEU A CB  1 
ATOM   700  C CG  . LEU A 1 96  ? -9.950  2.330   -8.615  1.00 23.68  ? 96  LEU A CG  1 
ATOM   701  C CD1 . LEU A 1 96  ? -8.576  2.284   -7.987  1.00 23.22  ? 96  LEU A CD1 1 
ATOM   702  C CD2 . LEU A 1 96  ? -10.954 2.938   -7.655  1.00 19.51  ? 96  LEU A CD2 1 
ATOM   703  N N   . THR A 1 97  ? -10.287 1.371   -12.756 1.00 34.61  ? 97  THR A N   1 
ATOM   704  C CA  . THR A 1 97  ? -11.065 1.208   -13.990 1.00 32.77  ? 97  THR A CA  1 
ATOM   705  C C   . THR A 1 97  ? -12.423 0.557   -13.722 1.00 26.34  ? 97  THR A C   1 
ATOM   706  O O   . THR A 1 97  ? -12.497 -0.517  -13.128 1.00 28.50  ? 97  THR A O   1 
ATOM   707  C CB  . THR A 1 97  ? -10.252 0.372   -15.036 1.00 36.26  ? 97  THR A CB  1 
ATOM   708  O OG1 . THR A 1 97  ? -9.794  1.241   -16.081 1.00 38.80  ? 97  THR A OG1 1 
ATOM   709  C CG2 . THR A 1 97  ? -11.102 -0.761  -15.641 1.00 46.68  ? 97  THR A CG2 1 
ATOM   710  N N   . VAL A 1 98  ? -13.488 1.214   -14.161 1.00 22.09  ? 98  VAL A N   1 
ATOM   711  C CA  . VAL A 1 98  ? -14.826 0.697   -13.953 1.00 28.61  ? 98  VAL A CA  1 
ATOM   712  C C   . VAL A 1 98  ? -15.516 0.240   -15.243 1.00 31.19  ? 98  VAL A C   1 
ATOM   713  O O   . VAL A 1 98  ? -15.621 1.005   -16.191 1.00 37.51  ? 98  VAL A O   1 
ATOM   714  C CB  . VAL A 1 98  ? -15.693 1.763   -13.282 1.00 28.61  ? 98  VAL A CB  1 
ATOM   715  C CG1 . VAL A 1 98  ? -17.032 1.182   -12.914 1.00 31.70  ? 98  VAL A CG1 1 
ATOM   716  C CG2 . VAL A 1 98  ? -14.980 2.325   -12.057 1.00 25.19  ? 98  VAL A CG2 1 
ATOM   717  N N   . SER A 1 99  ? -15.983 -1.008  -15.269 1.00 33.27  ? 99  SER A N   1 
ATOM   718  C CA  . SER A 1 99  ? -16.685 -1.578  -16.432 1.00 36.16  ? 99  SER A CA  1 
ATOM   719  C C   . SER A 1 99  ? -18.071 -2.046  -15.981 1.00 36.89  ? 99  SER A C   1 
ATOM   720  O O   . SER A 1 99  ? -18.189 -2.918  -15.121 1.00 40.80  ? 99  SER A O   1 
ATOM   721  C CB  . SER A 1 99  ? -15.937 -2.797  -16.998 1.00 35.33  ? 99  SER A CB  1 
ATOM   722  O OG  . SER A 1 99  ? -14.646 -2.465  -17.480 1.00 45.58  ? 99  SER A OG  1 
ATOM   723  N N   . PRO A 1 100 ? -19.143 -1.467  -16.540 1.00 34.57  ? 100 PRO A N   1 
ATOM   724  C CA  . PRO A 1 100 ? -19.203 -0.420  -17.562 1.00 36.68  ? 100 PRO A CA  1 
ATOM   725  C C   . PRO A 1 100 ? -18.797 0.934   -16.993 1.00 38.62  ? 100 PRO A C   1 
ATOM   726  O O   . PRO A 1 100 ? -18.910 1.158   -15.783 1.00 39.44  ? 100 PRO A O   1 
ATOM   727  C CB  . PRO A 1 100 ? -20.668 -0.429  -18.015 1.00 36.09  ? 100 PRO A CB  1 
ATOM   728  C CG  . PRO A 1 100 ? -21.315 -1.575  -17.295 1.00 41.25  ? 100 PRO A CG  1 
ATOM   729  C CD  . PRO A 1 100 ? -20.486 -1.860  -16.096 1.00 35.69  ? 100 PRO A CD  1 
ATOM   730  N N   . ALA A 1 101 ? -18.360 1.839   -17.872 1.00 38.15  ? 101 ALA A N   1 
ATOM   731  C CA  . ALA A 1 101 ? -17.920 3.175   -17.469 1.00 38.61  ? 101 ALA A CA  1 
ATOM   732  C C   . ALA A 1 101 ? -19.075 3.964   -16.908 1.00 35.87  ? 101 ALA A C   1 
ATOM   733  O O   . ALA A 1 101 ? -18.897 4.925   -16.167 1.00 36.08  ? 101 ALA A O   1 
ATOM   734  C CB  . ALA A 1 101 ? -17.319 3.909   -18.651 1.00 46.54  ? 101 ALA A CB  1 
ATOM   735  N N   . ALA A 1 102 ? -20.274 3.559   -17.278 1.00 32.10  ? 102 ALA A N   1 
ATOM   736  C CA  . ALA A 1 102 ? -21.440 4.242   -16.793 1.00 33.05  ? 102 ALA A CA  1 
ATOM   737  C C   . ALA A 1 102 ? -22.515 3.193   -16.670 1.00 33.05  ? 102 ALA A C   1 
ATOM   738  O O   . ALA A 1 102 ? -22.486 2.177   -17.360 1.00 30.24  ? 102 ALA A O   1 
ATOM   739  C CB  . ALA A 1 102 ? -21.839 5.331   -17.756 1.00 36.72  ? 102 ALA A CB  1 
ATOM   740  N N   . LEU A 1 103 ? -23.470 3.440   -15.790 1.00 35.27  ? 103 LEU A N   1 
ATOM   741  C CA  . LEU A 1 103 ? -24.528 2.473   -15.565 1.00 41.18  ? 103 LEU A CA  1 
ATOM   742  C C   . LEU A 1 103 ? -25.920 2.919   -15.979 1.00 44.20  ? 103 LEU A C   1 
ATOM   743  O O   . LEU A 1 103 ? -26.538 3.749   -15.317 1.00 47.74  ? 103 LEU A O   1 
ATOM   744  C CB  . LEU A 1 103 ? -24.594 2.085   -14.084 1.00 32.52  ? 103 LEU A CB  1 
ATOM   745  C CG  . LEU A 1 103 ? -23.629 1.051   -13.517 1.00 32.65  ? 103 LEU A CG  1 
ATOM   746  C CD1 . LEU A 1 103 ? -24.165 0.597   -12.189 1.00 33.62  ? 103 LEU A CD1 1 
ATOM   747  C CD2 . LEU A 1 103 ? -23.482 -0.134  -14.445 1.00 32.46  ? 103 LEU A CD2 1 
ATOM   748  N N   . VAL A 1 104 ? -26.424 2.390   -17.083 1.00 49.70  ? 104 VAL A N   1 
ATOM   749  C CA  . VAL A 1 104 ? -27.798 2.702   -17.445 1.00 51.85  ? 104 VAL A CA  1 
ATOM   750  C C   . VAL A 1 104 ? -28.440 1.818   -16.381 1.00 53.41  ? 104 VAL A C   1 
ATOM   751  O O   . VAL A 1 104 ? -28.009 0.679   -16.177 1.00 49.60  ? 104 VAL A O   1 
ATOM   752  C CB  . VAL A 1 104 ? -28.174 2.196   -18.854 1.00 50.43  ? 104 VAL A CB  1 
ATOM   753  C CG1 . VAL A 1 104 ? -27.420 0.931   -19.165 1.00 55.84  ? 104 VAL A CG1 1 
ATOM   754  C CG2 . VAL A 1 104 ? -29.675 1.953   -18.940 1.00 48.86  ? 104 VAL A CG2 1 
ATOM   755  N N   . PRO A 1 105 ? -29.443 2.334   -15.660 1.00 58.93  ? 105 PRO A N   1 
ATOM   756  C CA  . PRO A 1 105 ? -30.083 1.533   -14.617 1.00 62.35  ? 105 PRO A CA  1 
ATOM   757  C C   . PRO A 1 105 ? -30.468 0.150   -15.076 1.00 66.04  ? 105 PRO A C   1 
ATOM   758  O O   . PRO A 1 105 ? -31.177 -0.564  -14.372 1.00 68.19  ? 105 PRO A O   1 
ATOM   759  C CB  . PRO A 1 105 ? -31.282 2.374   -14.205 1.00 61.74  ? 105 PRO A CB  1 
ATOM   760  C CG  . PRO A 1 105 ? -30.826 3.773   -14.474 1.00 60.94  ? 105 PRO A CG  1 
ATOM   761  C CD  . PRO A 1 105 ? -30.052 3.669   -15.760 1.00 62.27  ? 105 PRO A CD  1 
ATOM   762  N N   . GLY A 1 106 ? -30.008 -0.208  -16.272 1.00 69.82  ? 106 GLY A N   1 
ATOM   763  C CA  . GLY A 1 106 ? -30.263 -1.527  -16.812 1.00 71.12  ? 106 GLY A CA  1 
ATOM   764  C C   . GLY A 1 106 ? -30.200 -2.520  -15.668 1.00 70.68  ? 106 GLY A C   1 
ATOM   765  O O   . GLY A 1 106 ? -31.226 -2.716  -15.017 1.00 70.35  ? 106 GLY A O   1 
ATOM   766  N N   . ASP A 1 107 ? -29.040 -3.121  -15.375 1.00 68.95  ? 107 ASP A N   1 
ATOM   767  C CA  . ASP A 1 107 ? -29.028 -4.076  -14.271 1.00 70.46  ? 107 ASP A CA  1 
ATOM   768  C C   . ASP A 1 107 ? -27.872 -5.052  -13.917 1.00 68.95  ? 107 ASP A C   1 
ATOM   769  O O   . ASP A 1 107 ? -27.492 -5.155  -12.748 1.00 70.94  ? 107 ASP A O   1 
ATOM   770  C CB  . ASP A 1 107 ? -30.315 -4.925  -14.358 1.00 72.52  ? 107 ASP A CB  1 
ATOM   771  C CG  . ASP A 1 107 ? -30.596 -5.463  -15.782 1.00 74.32  ? 107 ASP A CG  1 
ATOM   772  O OD1 . ASP A 1 107 ? -30.269 -4.799  -16.794 1.00 73.62  ? 107 ASP A OD1 1 
ATOM   773  O OD2 . ASP A 1 107 ? -31.166 -6.572  -15.881 1.00 72.46  ? 107 ASP A OD2 1 
ATOM   774  N N   . PRO A 1 108 ? -27.287 -5.750  -14.910 1.00 64.28  ? 108 PRO A N   1 
ATOM   775  C CA  . PRO A 1 108 ? -26.215 -6.730  -14.709 1.00 57.32  ? 108 PRO A CA  1 
ATOM   776  C C   . PRO A 1 108 ? -25.315 -6.593  -13.493 1.00 54.07  ? 108 PRO A C   1 
ATOM   777  O O   . PRO A 1 108 ? -25.705 -6.839  -12.349 1.00 51.11  ? 108 PRO A O   1 
ATOM   778  C CB  . PRO A 1 108 ? -25.428 -6.669  -16.007 1.00 61.64  ? 108 PRO A CB  1 
ATOM   779  C CG  . PRO A 1 108 ? -26.426 -6.309  -17.032 1.00 66.95  ? 108 PRO A CG  1 
ATOM   780  C CD  . PRO A 1 108 ? -27.525 -5.514  -16.346 1.00 69.90  ? 108 PRO A CD  1 
ATOM   781  N N   . GLU A 1 109 ? -24.081 -6.218  -13.765 1.00 47.46  ? 109 GLU A N   1 
ATOM   782  C CA  . GLU A 1 109 ? -23.107 -6.058  -12.723 1.00 42.07  ? 109 GLU A CA  1 
ATOM   783  C C   . GLU A 1 109 ? -22.178 -4.906  -13.038 1.00 37.05  ? 109 GLU A C   1 
ATOM   784  O O   . GLU A 1 109 ? -22.444 -4.088  -13.899 1.00 37.40  ? 109 GLU A O   1 
ATOM   785  C CB  . GLU A 1 109 ? -22.319 -7.354  -12.586 1.00 45.23  ? 109 GLU A CB  1 
ATOM   786  C CG  . GLU A 1 109 ? -21.742 -7.887  -13.860 1.00 40.58  ? 109 GLU A CG  1 
ATOM   787  C CD  . GLU A 1 109 ? -20.740 -8.984  -13.586 1.00 45.19  ? 109 GLU A CD  1 
ATOM   788  O OE1 . GLU A 1 109 ? -19.663 -8.669  -13.033 1.00 47.20  ? 109 GLU A OE1 1 
ATOM   789  O OE2 . GLU A 1 109 ? -21.031 -10.154 -13.912 1.00 46.73  ? 109 GLU A OE2 1 
ATOM   790  N N   . VAL A 1 110 ? -21.088 -4.835  -12.310 1.00 30.56  ? 110 VAL A N   1 
ATOM   791  C CA  . VAL A 1 110 ? -20.124 -3.802  -12.533 1.00 28.59  ? 110 VAL A CA  1 
ATOM   792  C C   . VAL A 1 110 ? -18.818 -4.338  -12.004 1.00 29.12  ? 110 VAL A C   1 
ATOM   793  O O   . VAL A 1 110 ? -18.797 -5.114  -11.056 1.00 26.28  ? 110 VAL A O   1 
ATOM   794  C CB  . VAL A 1 110 ? -20.546 -2.497  -11.811 1.00 34.35  ? 110 VAL A CB  1 
ATOM   795  C CG1 . VAL A 1 110 ? -20.162 -2.521  -10.335 1.00 30.81  ? 110 VAL A CG1 1 
ATOM   796  C CG2 . VAL A 1 110 ? -19.926 -1.300  -12.530 1.00 35.51  ? 110 VAL A CG2 1 
ATOM   797  N N   . ALA A 1 111 ? -17.727 -3.954  -12.645 1.00 29.67  ? 111 ALA A N   1 
ATOM   798  C CA  . ALA A 1 111 ? -16.418 -4.392  -12.201 1.00 25.19  ? 111 ALA A CA  1 
ATOM   799  C C   . ALA A 1 111 ? -15.597 -3.155  -11.935 1.00 22.40  ? 111 ALA A C   1 
ATOM   800  O O   . ALA A 1 111 ? -15.844 -2.092  -12.520 1.00 15.70  ? 111 ALA A O   1 
ATOM   801  C CB  . ALA A 1 111 ? -15.748 -5.257  -13.266 1.00 23.47  ? 111 ALA A CB  1 
ATOM   802  N N   . CYS A 1 112 ? -14.636 -3.297  -11.031 1.00 22.91  ? 112 CYS A N   1 
ATOM   803  C CA  . CYS A 1 112 ? -13.755 -2.208  -10.676 1.00 20.14  ? 112 CYS A CA  1 
ATOM   804  C C   . CYS A 1 112 ? -12.396 -2.819  -10.529 1.00 19.93  ? 112 CYS A C   1 
ATOM   805  O O   . CYS A 1 112 ? -12.224 -3.706  -9.718  1.00 15.35  ? 112 CYS A O   1 
ATOM   806  C CB  . CYS A 1 112 ? -14.196 -1.576  -9.357  1.00 16.92  ? 112 CYS A CB  1 
ATOM   807  S SG  . CYS A 1 112 ? -13.202 -0.132  -8.903  1.00 23.15  ? 112 CYS A SG  1 
ATOM   808  N N   . THR A 1 113 ? -11.433 -2.373  -11.321 1.00 19.06  ? 113 THR A N   1 
ATOM   809  C CA  . THR A 1 113 ? -10.097 -2.940  -11.218 1.00 23.79  ? 113 THR A CA  1 
ATOM   810  C C   . THR A 1 113 ? -9.073  -1.845  -10.846 1.00 26.69  ? 113 THR A C   1 
ATOM   811  O O   . THR A 1 113 ? -9.128  -0.720  -11.359 1.00 26.97  ? 113 THR A O   1 
ATOM   812  C CB  . THR A 1 113 ? -9.729  -3.739  -12.549 1.00 24.14  ? 113 THR A CB  1 
ATOM   813  O OG1 . THR A 1 113 ? -8.385  -3.448  -12.967 1.00 22.71  ? 113 THR A OG1 1 
ATOM   814  C CG2 . THR A 1 113 ? -10.732 -3.444  -13.652 1.00 30.16  ? 113 THR A CG2 1 
ATOM   815  N N   . ALA A 1 114 ? -8.196  -2.167  -9.893  1.00 26.65  ? 114 ALA A N   1 
ATOM   816  C CA  . ALA A 1 114 ? -7.171  -1.252  -9.422  1.00 24.42  ? 114 ALA A CA  1 
ATOM   817  C C   . ALA A 1 114 ? -5.888  -1.622  -10.113 1.00 22.64  ? 114 ALA A C   1 
ATOM   818  O O   . ALA A 1 114 ? -5.521  -2.775  -10.170 1.00 24.53  ? 114 ALA A O   1 
ATOM   819  C CB  . ALA A 1 114 ? -7.018  -1.360  -7.900  1.00 19.81  ? 114 ALA A CB  1 
ATOM   820  N N   . HIS A 1 115 ? -5.199  -0.621  -10.634 1.00 24.87  ? 115 HIS A N   1 
ATOM   821  C CA  . HIS A 1 115 ? -3.960  -0.859  -11.355 1.00 21.52  ? 115 HIS A CA  1 
ATOM   822  C C   . HIS A 1 115 ? -2.712  -0.656  -10.560 1.00 21.48  ? 115 HIS A C   1 
ATOM   823  O O   . HIS A 1 115 ? -2.635  0.236   -9.717  1.00 22.72  ? 115 HIS A O   1 
ATOM   824  C CB  . HIS A 1 115 ? -3.902  0.018   -12.614 1.00 26.35  ? 115 HIS A CB  1 
ATOM   825  C CG  . HIS A 1 115 ? -5.115  -0.108  -13.464 1.00 27.26  ? 115 HIS A CG  1 
ATOM   826  N ND1 . HIS A 1 115 ? -5.197  -1.009  -14.498 1.00 34.65  ? 115 HIS A ND1 1 
ATOM   827  C CD2 . HIS A 1 115 ? -6.323  0.495   -13.387 1.00 31.04  ? 115 HIS A CD2 1 
ATOM   828  C CE1 . HIS A 1 115 ? -6.404  -0.957  -15.028 1.00 35.21  ? 115 HIS A CE1 1 
ATOM   829  N NE2 . HIS A 1 115 ? -7.109  -0.053  -14.374 1.00 32.60  ? 115 HIS A NE2 1 
ATOM   830  N N   . LYS A 1 116 ? -1.717  -1.470  -10.900 1.00 26.03  ? 116 LYS A N   1 
ATOM   831  C CA  . LYS A 1 116 ? -0.415  -1.423  -10.272 1.00 27.17  ? 116 LYS A CA  1 
ATOM   832  C C   . LYS A 1 116 ? -0.528  -1.328  -8.769  1.00 28.23  ? 116 LYS A C   1 
ATOM   833  O O   . LYS A 1 116 ? -0.312  -0.248  -8.203  1.00 21.69  ? 116 LYS A O   1 
ATOM   834  C CB  . LYS A 1 116 ? 0.360   -0.224  -10.790 1.00 32.73  ? 116 LYS A CB  1 
ATOM   835  C CG  . LYS A 1 116 ? 1.183   -0.512  -12.025 1.00 36.75  ? 116 LYS A CG  1 
ATOM   836  C CD  . LYS A 1 116 ? 0.670   0.314   -13.168 1.00 36.19  ? 116 LYS A CD  1 
ATOM   837  C CE  . LYS A 1 116 ? 1.347   1.672   -13.221 1.00 43.66  ? 116 LYS A CE  1 
ATOM   838  N NZ  . LYS A 1 116 ? 0.834   2.466   -14.371 1.00 46.30  ? 116 LYS A NZ  1 
ATOM   839  N N   . VAL A 1 117 ? -0.841  -2.465  -8.137  1.00 32.72  ? 117 VAL A N   1 
ATOM   840  C CA  . VAL A 1 117 ? -1.014  -2.561  -6.681  1.00 38.04  ? 117 VAL A CA  1 
ATOM   841  C C   . VAL A 1 117 ? -0.138  -3.579  -5.947  1.00 37.34  ? 117 VAL A C   1 
ATOM   842  O O   . VAL A 1 117 ? 0.306   -4.574  -6.512  1.00 37.32  ? 117 VAL A O   1 
ATOM   843  C CB  . VAL A 1 117 ? -2.460  -2.923  -6.301  1.00 40.52  ? 117 VAL A CB  1 
ATOM   844  C CG1 . VAL A 1 117 ? -3.056  -1.816  -5.474  1.00 41.91  ? 117 VAL A CG1 1 
ATOM   845  C CG2 . VAL A 1 117 ? -3.276  -3.230  -7.562  1.00 39.94  ? 117 VAL A CG2 1 
ATOM   846  N N   . THR A 1 118 ? 0.036   -3.333  -4.655  1.00 35.75  ? 118 THR A N   1 
ATOM   847  C CA  . THR A 1 118 ? 0.835   -4.168  -3.768  1.00 35.40  ? 118 THR A CA  1 
ATOM   848  C C   . THR A 1 118 ? 0.765   -3.518  -2.370  1.00 31.86  ? 118 THR A C   1 
ATOM   849  O O   . THR A 1 118 ? 1.044   -2.321  -2.218  1.00 34.37  ? 118 THR A O   1 
ATOM   850  C CB  . THR A 1 118 ? 2.323   -4.207  -4.241  1.00 37.08  ? 118 THR A CB  1 
ATOM   851  O OG1 . THR A 1 118 ? 2.575   -5.454  -4.889  1.00 46.63  ? 118 THR A OG1 1 
ATOM   852  C CG2 . THR A 1 118 ? 3.295   -4.034  -3.073  1.00 42.78  ? 118 THR A CG2 1 
ATOM   853  N N   . PRO A 1 119 ? 0.379   -4.287  -1.335  1.00 29.34  ? 119 PRO A N   1 
ATOM   854  C CA  . PRO A 1 119 ? 0.014   -5.701  -1.412  1.00 28.55  ? 119 PRO A CA  1 
ATOM   855  C C   . PRO A 1 119 ? -1.405  -5.878  -1.958  1.00 34.23  ? 119 PRO A C   1 
ATOM   856  O O   . PRO A 1 119 ? -2.194  -4.917  -2.031  1.00 29.27  ? 119 PRO A O   1 
ATOM   857  C CB  . PRO A 1 119 ? 0.155   -6.193  0.028   1.00 30.81  ? 119 PRO A CB  1 
ATOM   858  C CG  . PRO A 1 119 ? 0.592   -4.995  0.853   1.00 25.81  ? 119 PRO A CG  1 
ATOM   859  C CD  . PRO A 1 119 ? 0.324   -3.784  0.049   1.00 20.97  ? 119 PRO A CD  1 
ATOM   860  N N   . VAL A 1 120 ? -1.732  -7.112  -2.341  1.00 36.85  ? 120 VAL A N   1 
ATOM   861  C CA  . VAL A 1 120 ? -3.040  -7.391  -2.922  1.00 39.36  ? 120 VAL A CA  1 
ATOM   862  C C   . VAL A 1 120 ? -3.941  -8.274  -2.073  1.00 39.32  ? 120 VAL A C   1 
ATOM   863  O O   . VAL A 1 120 ? -5.060  -8.586  -2.460  1.00 40.28  ? 120 VAL A O   1 
ATOM   864  C CB  . VAL A 1 120 ? -2.885  -8.042  -4.317  1.00 39.95  ? 120 VAL A CB  1 
ATOM   865  C CG1 . VAL A 1 120 ? -2.213  -7.059  -5.264  1.00 45.60  ? 120 VAL A CG1 1 
ATOM   866  C CG2 . VAL A 1 120 ? -2.064  -9.333  -4.206  1.00 36.69  ? 120 VAL A CG2 1 
ATOM   867  N N   . ASP A 1 121 ? -3.467  -8.677  -0.910  1.00 42.75  ? 121 ASP A N   1 
ATOM   868  C CA  . ASP A 1 121 ? -4.273  -9.543  -0.061  1.00 45.47  ? 121 ASP A CA  1 
ATOM   869  C C   . ASP A 1 121 ? -5.284  -8.738  0.751   1.00 44.25  ? 121 ASP A C   1 
ATOM   870  O O   . ASP A 1 121 ? -5.071  -7.551  1.012   1.00 37.83  ? 121 ASP A O   1 
ATOM   871  C CB  . ASP A 1 121 ? -3.361  -10.325 0.872   1.00 46.97  ? 121 ASP A CB  1 
ATOM   872  C CG  . ASP A 1 121 ? -2.814  -9.469  1.984   1.00 50.60  ? 121 ASP A CG  1 
ATOM   873  O OD1 . ASP A 1 121 ? -1.855  -8.701  1.747   1.00 55.95  ? 121 ASP A OD1 1 
ATOM   874  O OD2 . ASP A 1 121 ? -3.352  -9.559  3.104   1.00 51.22  ? 121 ASP A OD2 1 
ATOM   875  N N   . PRO A 1 122 ? -6.412  -9.369  1.142   1.00 47.21  ? 122 PRO A N   1 
ATOM   876  C CA  . PRO A 1 122 ? -7.419  -8.657  1.935   1.00 48.15  ? 122 PRO A CA  1 
ATOM   877  C C   . PRO A 1 122 ? -6.676  -8.271  3.202   1.00 51.11  ? 122 PRO A C   1 
ATOM   878  O O   . PRO A 1 122 ? -5.512  -8.637  3.355   1.00 58.73  ? 122 PRO A O   1 
ATOM   879  C CB  . PRO A 1 122 ? -8.496  -9.710  2.189   1.00 48.82  ? 122 PRO A CB  1 
ATOM   880  C CG  . PRO A 1 122 ? -8.294  -10.733 1.122   1.00 49.17  ? 122 PRO A CG  1 
ATOM   881  C CD  . PRO A 1 122 ? -6.813  -10.760 0.878   1.00 48.87  ? 122 PRO A CD  1 
ATOM   882  N N   . ASN A 1 123 ? -7.315  -7.546  4.113   1.00 52.21  ? 123 ASN A N   1 
ATOM   883  C CA  . ASN A 1 123 ? -6.642  -7.118  5.357   1.00 49.50  ? 123 ASN A CA  1 
ATOM   884  C C   . ASN A 1 123 ? -5.753  -5.924  5.037   1.00 45.87  ? 123 ASN A C   1 
ATOM   885  O O   . ASN A 1 123 ? -5.322  -5.200  5.947   1.00 50.33  ? 123 ASN A O   1 
ATOM   886  C CB  . ASN A 1 123 ? -5.750  -8.223  5.944   1.00 46.22  ? 123 ASN A CB  1 
ATOM   887  C CG  . ASN A 1 123 ? -6.525  -9.451  6.338   1.00 50.23  ? 123 ASN A CG  1 
ATOM   888  O OD1 . ASN A 1 123 ? -5.961  -10.387 6.891   1.00 50.99  ? 123 ASN A OD1 1 
ATOM   889  N ND2 . ASN A 1 123 ? -7.833  -9.458  6.054   1.00 54.34  ? 123 ASN A ND2 1 
ATOM   890  N N   . ALA A 1 124 ? -5.445  -5.749  3.750   1.00 39.71  ? 124 ALA A N   1 
ATOM   891  C CA  . ALA A 1 124 ? -4.621  -4.628  3.316   1.00 35.13  ? 124 ALA A CA  1 
ATOM   892  C C   . ALA A 1 124 ? -5.128  -3.938  2.055   1.00 29.77  ? 124 ALA A C   1 
ATOM   893  O O   . ALA A 1 124 ? -4.599  -2.914  1.677   1.00 39.91  ? 124 ALA A O   1 
ATOM   894  C CB  . ALA A 1 124 ? -3.178  -5.084  3.126   1.00 34.08  ? 124 ALA A CB  1 
ATOM   895  N N   . LEU A 1 125 ? -6.145  -4.515  1.410   1.00 30.64  ? 125 LEU A N   1 
ATOM   896  C CA  . LEU A 1 125 ? -6.766  -3.996  0.168   1.00 21.62  ? 125 LEU A CA  1 
ATOM   897  C C   . LEU A 1 125 ? -8.235  -4.394  0.088   1.00 22.11  ? 125 LEU A C   1 
ATOM   898  O O   . LEU A 1 125 ? -8.522  -5.571  -0.038  1.00 23.22  ? 125 LEU A O   1 
ATOM   899  C CB  . LEU A 1 125 ? -6.073  -4.578  -1.082  1.00 18.49  ? 125 LEU A CB  1 
ATOM   900  C CG  . LEU A 1 125 ? -5.983  -3.869  -2.454  1.00 8.80   ? 125 LEU A CG  1 
ATOM   901  C CD1 . LEU A 1 125 ? -6.651  -4.673  -3.510  1.00 11.86  ? 125 LEU A CD1 1 
ATOM   902  C CD2 . LEU A 1 125 ? -6.602  -2.500  -2.395  1.00 10.48  ? 125 LEU A CD2 1 
ATOM   903  N N   . SER A 1 126 ? -9.167  -3.451  0.182   1.00 22.45  ? 126 SER A N   1 
ATOM   904  C CA  . SER A 1 126 ? -10.575 -3.822  0.069   1.00 23.96  ? 126 SER A CA  1 
ATOM   905  C C   . SER A 1 126 ? -11.225 -2.920  -0.937  1.00 25.71  ? 126 SER A C   1 
ATOM   906  O O   . SER A 1 126 ? -10.704 -1.845  -1.225  1.00 23.84  ? 126 SER A O   1 
ATOM   907  C CB  . SER A 1 126 ? -11.322 -3.670  1.393   1.00 20.00  ? 126 SER A CB  1 
ATOM   908  O OG  . SER A 1 126 ? -10.434 -3.339  2.437   1.00 36.39  ? 126 SER A OG  1 
ATOM   909  N N   . PHE A 1 127 ? -12.362 -3.374  -1.463  1.00 24.87  ? 127 PHE A N   1 
ATOM   910  C CA  . PHE A 1 127 ? -13.152 -2.626  -2.430  1.00 21.85  ? 127 PHE A CA  1 
ATOM   911  C C   . PHE A 1 127 ? -14.519 -2.416  -1.801  1.00 21.79  ? 127 PHE A C   1 
ATOM   912  O O   . PHE A 1 127 ? -14.933 -3.193  -0.955  1.00 17.32  ? 127 PHE A O   1 
ATOM   913  C CB  . PHE A 1 127 ? -13.306 -3.421  -3.718  1.00 23.66  ? 127 PHE A CB  1 
ATOM   914  C CG  . PHE A 1 127 ? -12.093 -3.388  -4.590  1.00 24.15  ? 127 PHE A CG  1 
ATOM   915  C CD1 . PHE A 1 127 ? -11.002 -4.208  -4.310  1.00 27.41  ? 127 PHE A CD1 1 
ATOM   916  C CD2 . PHE A 1 127 ? -12.031 -2.538  -5.678  1.00 23.23  ? 127 PHE A CD2 1 
ATOM   917  C CE1 . PHE A 1 127 ? -9.873  -4.186  -5.098  1.00 27.51  ? 127 PHE A CE1 1 
ATOM   918  C CE2 . PHE A 1 127 ? -10.900 -2.501  -6.484  1.00 19.40  ? 127 PHE A CE2 1 
ATOM   919  C CZ  . PHE A 1 127 ? -9.820  -3.320  -6.200  1.00 27.81  ? 127 PHE A CZ  1 
ATOM   920  N N   . SER A 1 128 ? -15.205 -1.360  -2.219  1.00 21.32  ? 128 SER A N   1 
ATOM   921  C CA  . SER A 1 128 ? -16.526 -1.023  -1.698  1.00 21.72  ? 128 SER A CA  1 
ATOM   922  C C   . SER A 1 128 ? -17.358 -0.439  -2.829  1.00 22.62  ? 128 SER A C   1 
ATOM   923  O O   . SER A 1 128 ? -16.817 0.304   -3.655  1.00 23.59  ? 128 SER A O   1 
ATOM   924  C CB  . SER A 1 128 ? -16.392 0.048   -0.614  1.00 22.32  ? 128 SER A CB  1 
ATOM   925  O OG  . SER A 1 128 ? -16.865 -0.404  0.632   1.00 28.83  ? 128 SER A OG  1 
ATOM   926  N N   . LEU A 1 129 ? -18.648 -0.783  -2.894  1.00 17.00  ? 129 LEU A N   1 
ATOM   927  C CA  . LEU A 1 129 ? -19.529 -0.201  -3.916  1.00 18.03  ? 129 LEU A CA  1 
ATOM   928  C C   . LEU A 1 129 ? -20.389 0.742   -3.080  1.00 21.44  ? 129 LEU A C   1 
ATOM   929  O O   . LEU A 1 129 ? -21.112 0.288   -2.196  1.00 21.73  ? 129 LEU A O   1 
ATOM   930  C CB  . LEU A 1 129 ? -20.426 -1.262  -4.587  1.00 15.41  ? 129 LEU A CB  1 
ATOM   931  C CG  . LEU A 1 129 ? -20.641 -1.321  -6.127  1.00 21.39  ? 129 LEU A CG  1 
ATOM   932  C CD1 . LEU A 1 129 ? -22.068 -1.728  -6.494  1.00 17.51  ? 129 LEU A CD1 1 
ATOM   933  C CD2 . LEU A 1 129 ? -20.342 0.010   -6.744  1.00 16.67  ? 129 LEU A CD2 1 
ATOM   934  N N   . LEU A 1 130 ? -20.291 2.046   -3.325  1.00 19.96  ? 130 LEU A N   1 
ATOM   935  C CA  . LEU A 1 130 ? -21.068 3.014   -2.559  1.00 28.99  ? 130 LEU A CA  1 
ATOM   936  C C   . LEU A 1 130 ? -22.184 3.706   -3.332  1.00 34.15  ? 130 LEU A C   1 
ATOM   937  O O   . LEU A 1 130 ? -22.111 3.887   -4.555  1.00 35.69  ? 130 LEU A O   1 
ATOM   938  C CB  . LEU A 1 130 ? -20.159 4.110   -2.010  1.00 31.64  ? 130 LEU A CB  1 
ATOM   939  C CG  . LEU A 1 130 ? -18.966 3.710   -1.147  1.00 32.75  ? 130 LEU A CG  1 
ATOM   940  C CD1 . LEU A 1 130 ? -18.004 4.888   -1.028  1.00 33.08  ? 130 LEU A CD1 1 
ATOM   941  C CD2 . LEU A 1 130 ? -19.448 3.259   0.224   1.00 35.70  ? 130 LEU A CD2 1 
ATOM   942  N N   . VAL A 1 131 ? -23.226 4.076   -2.601  1.00 33.19  ? 131 VAL A N   1 
ATOM   943  C CA  . VAL A 1 131 ? -24.337 4.826   -3.170  1.00 34.97  ? 131 VAL A CA  1 
ATOM   944  C C   . VAL A 1 131 ? -24.352 5.954   -2.156  1.00 32.22  ? 131 VAL A C   1 
ATOM   945  O O   . VAL A 1 131 ? -24.619 5.731   -0.983  1.00 35.24  ? 131 VAL A O   1 
ATOM   946  C CB  . VAL A 1 131 ? -25.675 4.058   -3.121  1.00 39.17  ? 131 VAL A CB  1 
ATOM   947  C CG1 . VAL A 1 131 ? -25.795 3.255   -1.825  1.00 34.72  ? 131 VAL A CG1 1 
ATOM   948  C CG2 . VAL A 1 131 ? -26.808 5.037   -3.244  1.00 44.15  ? 131 VAL A CG2 1 
ATOM   949  N N   . GLY A 1 132 ? -24.037 7.163   -2.589  1.00 33.56  ? 132 GLY A N   1 
ATOM   950  C CA  . GLY A 1 132 ? -23.971 8.249   -1.631  1.00 35.04  ? 132 GLY A CA  1 
ATOM   951  C C   . GLY A 1 132 ? -22.745 7.952   -0.770  1.00 36.36  ? 132 GLY A C   1 
ATOM   952  O O   . GLY A 1 132 ? -21.657 7.661   -1.293  1.00 36.70  ? 132 GLY A O   1 
ATOM   953  N N   . GLY A 1 133 ? -22.896 7.995   0.547   1.00 32.35  ? 133 GLY A N   1 
ATOM   954  C CA  . GLY A 1 133 ? -21.750 7.708   1.384   1.00 31.40  ? 133 GLY A CA  1 
ATOM   955  C C   . GLY A 1 133 ? -21.837 6.368   2.075   1.00 30.95  ? 133 GLY A C   1 
ATOM   956  O O   . GLY A 1 133 ? -21.155 6.145   3.069   1.00 35.65  ? 133 GLY A O   1 
ATOM   957  N N   . GLN A 1 134 ? -22.661 5.465   1.545   1.00 27.34  ? 134 GLN A N   1 
ATOM   958  C CA  . GLN A 1 134 ? -22.808 4.145   2.155   1.00 25.09  ? 134 GLN A CA  1 
ATOM   959  C C   . GLN A 1 134 ? -22.757 3.028   1.149   1.00 22.47  ? 134 GLN A C   1 
ATOM   960  O O   . GLN A 1 134 ? -23.058 3.229   -0.048  1.00 21.43  ? 134 GLN A O   1 
ATOM   961  C CB  . GLN A 1 134 ? -24.124 4.095   2.929   1.00 26.67  ? 134 GLN A CB  1 
ATOM   962  C CG  . GLN A 1 134 ? -24.455 5.343   3.746   1.00 40.12  ? 134 GLN A CG  1 
ATOM   963  C CD  . GLN A 1 134 ? -23.430 5.653   4.842   1.00 46.29  ? 134 GLN A CD  1 
ATOM   964  O OE1 . GLN A 1 134 ? -22.955 4.761   5.557   1.00 41.12  ? 134 GLN A OE1 1 
ATOM   965  N NE2 . GLN A 1 134 ? -23.088 6.932   4.975   1.00 49.10  ? 134 GLN A NE2 1 
ATOM   966  N N   . GLU A 1 135 ? -22.371 1.835   1.606   1.00 27.89  ? 135 GLU A N   1 
ATOM   967  C CA  . GLU A 1 135 ? -22.292 0.667   0.768   1.00 29.73  ? 135 GLU A CA  1 
ATOM   968  C C   . GLU A 1 135 ? -23.655 0.190   0.251   1.00 30.38  ? 135 GLU A C   1 
ATOM   969  O O   . GLU A 1 135 ? -24.642 0.081   1.004   1.00 30.20  ? 135 GLU A O   1 
ATOM   970  C CB  . GLU A 1 135 ? -21.616 -0.452  1.555   1.00 31.30  ? 135 GLU A CB  1 
ATOM   971  C CG  . GLU A 1 135 ? -20.157 -0.166  1.877   1.00 35.82  ? 135 GLU A CG  1 
ATOM   972  C CD  . GLU A 1 135 ? -19.534 -1.346  2.566   1.00 42.80  ? 135 GLU A CD  1 
ATOM   973  O OE1 . GLU A 1 135 ? -19.640 -2.476  2.060   1.00 58.88  ? 135 GLU A OE1 1 
ATOM   974  O OE2 . GLU A 1 135 ? -18.944 -1.151  3.631   1.00 62.61  ? 135 GLU A OE2 1 
ATOM   975  N N   . LEU A 1 136 ? -23.720 -0.076  -1.050  1.00 29.43  ? 136 LEU A N   1 
ATOM   976  C CA  . LEU A 1 136 ? -24.928 -0.535  -1.675  1.00 25.35  ? 136 LEU A CA  1 
ATOM   977  C C   . LEU A 1 136 ? -25.328 -1.883  -1.145  1.00 24.37  ? 136 LEU A C   1 
ATOM   978  O O   . LEU A 1 136 ? -24.606 -2.855  -1.336  1.00 25.41  ? 136 LEU A O   1 
ATOM   979  C CB  . LEU A 1 136 ? -24.730 -0.648  -3.178  1.00 25.72  ? 136 LEU A CB  1 
ATOM   980  C CG  . LEU A 1 136 ? -26.006 -0.917  -3.978  1.00 22.43  ? 136 LEU A CG  1 
ATOM   981  C CD1 . LEU A 1 136 ? -26.997 0.192   -3.680  1.00 20.59  ? 136 LEU A CD1 1 
ATOM   982  C CD2 . LEU A 1 136 ? -25.724 -0.952  -5.467  1.00 22.94  ? 136 LEU A CD2 1 
ATOM   983  N N   . GLU A 1 137 ? -26.501 -1.928  -0.511  1.00 26.99  ? 137 GLU A N   1 
ATOM   984  C CA  . GLU A 1 137 ? -27.085 -3.140  0.062   1.00 25.75  ? 137 GLU A CA  1 
ATOM   985  C C   . GLU A 1 137 ? -27.587 -4.061  -1.063  1.00 21.23  ? 137 GLU A C   1 
ATOM   986  O O   . GLU A 1 137 ? -28.284 -3.633  -1.984  1.00 21.31  ? 137 GLU A O   1 
ATOM   987  C CB  . GLU A 1 137 ? -28.231 -2.746  1.003   1.00 21.80  ? 137 GLU A CB  1 
ATOM   988  C CG  . GLU A 1 137 ? -27.774 -1.869  2.166   1.00 29.72  ? 137 GLU A CG  1 
ATOM   989  C CD  . GLU A 1 137 ? -28.863 -1.593  3.190   1.00 31.14  ? 137 GLU A CD  1 
ATOM   990  O OE1 . GLU A 1 137 ? -29.860 -2.343  3.210   1.00 36.57  ? 137 GLU A OE1 1 
ATOM   991  O OE2 . GLU A 1 137 ? -28.713 -0.635  3.987   1.00 35.34  ? 137 GLU A OE2 1 
ATOM   992  N N   . GLY A 1 138 ? -27.210 -5.330  -0.995  1.00 20.88  ? 138 GLY A N   1 
ATOM   993  C CA  . GLY A 1 138 ? -27.620 -6.274  -2.012  1.00 21.41  ? 138 GLY A CA  1 
ATOM   994  C C   . GLY A 1 138 ? -26.568 -6.519  -3.081  1.00 24.15  ? 138 GLY A C   1 
ATOM   995  O O   . GLY A 1 138 ? -26.822 -7.273  -4.045  1.00 27.27  ? 138 GLY A O   1 
ATOM   996  N N   . ALA A 1 139 ? -25.400 -5.891  -2.949  1.00 22.59  ? 139 ALA A N   1 
ATOM   997  C CA  . ALA A 1 139 ? -24.345 -6.109  -3.946  1.00 27.97  ? 139 ALA A CA  1 
ATOM   998  C C   . ALA A 1 139 ? -23.481 -7.340  -3.517  1.00 28.65  ? 139 ALA A C   1 
ATOM   999  O O   . ALA A 1 139 ? -23.143 -7.462  -2.334  1.00 30.07  ? 139 ALA A O   1 
ATOM   1000 C CB  . ALA A 1 139 ? -23.494 -4.826  -4.078  1.00 19.22  ? 139 ALA A CB  1 
ATOM   1001 N N   . GLN A 1 140 ? -23.159 -8.255  -4.450  1.00 32.13  ? 140 GLN A N   1 
ATOM   1002 C CA  . GLN A 1 140 ? -22.359 -9.444  -4.117  1.00 31.83  ? 140 GLN A CA  1 
ATOM   1003 C C   . GLN A 1 140 ? -20.850 -9.268  -4.238  1.00 31.56  ? 140 GLN A C   1 
ATOM   1004 O O   . GLN A 1 140 ? -20.336 -8.321  -3.736  1.00 40.09  ? 140 GLN A O   1 
ATOM   1005 C CB  . GLN A 1 140 ? -22.814 -10.621 -4.966  1.00 34.88  ? 140 GLN A CB  1 
ATOM   1006 C CG  . GLN A 1 140 ? -23.721 -11.577 -4.229  1.00 34.42  ? 140 GLN A CG  1 
ATOM   1007 C CD  . GLN A 1 140 ? -24.046 -12.795 -5.053  1.00 35.58  ? 140 GLN A CD  1 
ATOM   1008 O OE1 . GLN A 1 140 ? -23.633 -13.907 -4.727  1.00 36.07  ? 140 GLN A OE1 1 
ATOM   1009 N NE2 . GLN A 1 140 ? -24.794 -12.594 -6.132  1.00 35.42  ? 140 GLN A NE2 1 
ATOM   1010 N N   . ALA A 1 141 ? -20.134 -10.180 -4.884  1.00 40.79  ? 141 ALA A N   1 
ATOM   1011 C CA  . ALA A 1 141 ? -18.684 -10.031 -5.002  1.00 35.85  ? 141 ALA A CA  1 
ATOM   1012 C C   . ALA A 1 141 ? -17.880 -11.207 -5.561  1.00 36.55  ? 141 ALA A C   1 
ATOM   1013 O O   . ALA A 1 141 ? -18.430 -12.222 -5.898  1.00 38.43  ? 141 ALA A O   1 
ATOM   1014 C CB  . ALA A 1 141 ? -18.121 -9.634  -3.656  1.00 41.80  ? 141 ALA A CB  1 
ATOM   1015 N N   . LEU A 1 142 ? -16.555 -11.037 -5.616  1.00 45.77  ? 142 LEU A N   1 
ATOM   1016 C CA  . LEU A 1 142 ? -15.576 -12.025 -6.109  1.00 44.52  ? 142 LEU A CA  1 
ATOM   1017 C C   . LEU A 1 142 ? -14.339 -11.307 -6.698  1.00 44.69  ? 142 LEU A C   1 
ATOM   1018 O O   . LEU A 1 142 ? -14.408 -10.790 -7.826  1.00 44.09  ? 142 LEU A O   1 
ATOM   1019 C CB  . LEU A 1 142 ? -16.196 -12.891 -7.192  1.00 48.98  ? 142 LEU A CB  1 
ATOM   1020 C CG  . LEU A 1 142 ? -15.172 -13.821 -7.835  1.00 52.48  ? 142 LEU A CG  1 
ATOM   1021 C CD1 . LEU A 1 142 ? -15.200 -15.144 -7.093  1.00 55.39  ? 142 LEU A CD1 1 
ATOM   1022 C CD2 . LEU A 1 142 ? -15.443 -14.008 -9.327  1.00 54.97  ? 142 LEU A CD2 1 
ATOM   1023 N N   . GLY A 1 143 ? -13.216 -11.284 -5.970  1.00 42.73  ? 143 GLY A N   1 
ATOM   1024 C CA  . GLY A 1 143 ? -12.047 -10.556 -6.473  1.00 44.42  ? 143 GLY A CA  1 
ATOM   1025 C C   . GLY A 1 143 ? -10.804 -11.232 -7.040  1.00 43.20  ? 143 GLY A C   1 
ATOM   1026 O O   . GLY A 1 143 ? -10.092 -11.909 -6.304  1.00 47.99  ? 143 GLY A O   1 
ATOM   1027 N N   . PRO A 1 144 ? -10.509 -11.070 -8.349  1.00 41.74  ? 144 PRO A N   1 
ATOM   1028 C CA  . PRO A 1 144 ? -9.341  -11.668 -9.005  1.00 41.49  ? 144 PRO A CA  1 
ATOM   1029 C C   . PRO A 1 144 ? -8.064  -10.822 -9.102  1.00 40.75  ? 144 PRO A C   1 
ATOM   1030 O O   . PRO A 1 144 ? -8.088  -9.662  -9.532  1.00 36.01  ? 144 PRO A O   1 
ATOM   1031 C CB  . PRO A 1 144 ? -9.867  -12.008 -10.390 1.00 43.70  ? 144 PRO A CB  1 
ATOM   1032 C CG  . PRO A 1 144 ? -10.786 -10.852 -10.692 1.00 47.66  ? 144 PRO A CG  1 
ATOM   1033 C CD  . PRO A 1 144 ? -11.345 -10.372 -9.345  1.00 50.11  ? 144 PRO A CD  1 
ATOM   1034 N N   . GLU A 1 145 ? -6.949  -11.445 -8.740  1.00 39.90  ? 145 GLU A N   1 
ATOM   1035 C CA  . GLU A 1 145 ? -5.639  -10.811 -8.785  1.00 45.76  ? 145 GLU A CA  1 
ATOM   1036 C C   . GLU A 1 145 ? -4.974  -11.198 -10.118 1.00 45.36  ? 145 GLU A C   1 
ATOM   1037 O O   . GLU A 1 145 ? -5.177  -12.294 -10.634 1.00 43.00  ? 145 GLU A O   1 
ATOM   1038 C CB  . GLU A 1 145 ? -4.782  -11.292 -7.596  1.00 50.37  ? 145 GLU A CB  1 
ATOM   1039 C CG  . GLU A 1 145 ? -5.578  -11.584 -6.271  1.00 64.90  ? 145 GLU A CG  1 
ATOM   1040 C CD  . GLU A 1 145 ? -5.396  -13.026 -5.686  1.00 71.02  ? 145 GLU A CD  1 
ATOM   1041 O OE1 . GLU A 1 145 ? -4.368  -13.313 -5.014  1.00 70.45  ? 145 GLU A OE1 1 
ATOM   1042 O OE2 . GLU A 1 145 ? -6.305  -13.872 -5.885  1.00 65.74  ? 145 GLU A OE2 1 
ATOM   1043 N N   . VAL A 1 146 ? -4.196  -10.279 -10.678 1.00 51.71  ? 146 VAL A N   1 
ATOM   1044 C CA  . VAL A 1 146 ? -3.494  -10.490 -11.950 1.00 50.45  ? 146 VAL A CA  1 
ATOM   1045 C C   . VAL A 1 146 ? -2.123  -9.816  -11.895 1.00 51.73  ? 146 VAL A C   1 
ATOM   1046 O O   . VAL A 1 146 ? -1.939  -8.838  -11.184 1.00 55.85  ? 146 VAL A O   1 
ATOM   1047 C CB  . VAL A 1 146 ? -4.279  -9.868  -13.128 1.00 51.50  ? 146 VAL A CB  1 
ATOM   1048 C CG1 . VAL A 1 146 ? -3.919  -10.553 -14.436 1.00 49.46  ? 146 VAL A CG1 1 
ATOM   1049 C CG2 . VAL A 1 146 ? -5.762  -9.989  -12.876 1.00 53.25  ? 146 VAL A CG2 1 
ATOM   1050 N N   . GLN A 1 147 ? -1.159  -10.352 -12.629 1.00 53.54  ? 147 GLN A N   1 
ATOM   1051 C CA  . GLN A 1 147 ? 0.179   -9.779  -12.669 1.00 59.85  ? 147 GLN A CA  1 
ATOM   1052 C C   . GLN A 1 147 ? 0.298   -9.011  -13.987 1.00 65.36  ? 147 GLN A C   1 
ATOM   1053 O O   . GLN A 1 147 ? -0.270  -9.438  -14.978 1.00 73.33  ? 147 GLN A O   1 
ATOM   1054 C CB  . GLN A 1 147 ? 1.220   -10.907 -12.583 1.00 60.37  ? 147 GLN A CB  1 
ATOM   1055 C CG  . GLN A 1 147 ? 0.784   -12.075 -11.676 1.00 68.11  ? 147 GLN A CG  1 
ATOM   1056 C CD  . GLN A 1 147 ? 1.920   -13.027 -11.295 1.00 74.42  ? 147 GLN A CD  1 
ATOM   1057 O OE1 . GLN A 1 147 ? 2.707   -13.456 -12.143 1.00 73.74  ? 147 GLN A OE1 1 
ATOM   1058 N NE2 . GLN A 1 147 ? 2.002   -13.365 -10.009 1.00 73.37  ? 147 GLN A NE2 1 
ATOM   1059 N N   . GLU A 1 148 ? 0.997   -7.875  -14.012 1.00 71.79  ? 148 GLU A N   1 
ATOM   1060 C CA  . GLU A 1 148 ? 1.147   -7.104  -15.264 1.00 77.74  ? 148 GLU A CA  1 
ATOM   1061 C C   . GLU A 1 148 ? 2.610   -7.043  -15.762 1.00 83.29  ? 148 GLU A C   1 
ATOM   1062 O O   . GLU A 1 148 ? 3.532   -6.873  -14.957 1.00 80.77  ? 148 GLU A O   1 
ATOM   1063 C CB  . GLU A 1 148 ? 0.630   -5.662  -15.099 1.00 75.97  ? 148 GLU A CB  1 
ATOM   1064 C CG  . GLU A 1 148 ? -0.388  -5.408  -13.980 1.00 73.57  ? 148 GLU A CG  1 
ATOM   1065 C CD  . GLU A 1 148 ? -0.808  -3.936  -13.895 1.00 68.58  ? 148 GLU A CD  1 
ATOM   1066 O OE1 . GLU A 1 148 ? 0.061   -3.063  -14.085 1.00 68.27  ? 148 GLU A OE1 1 
ATOM   1067 O OE2 . GLU A 1 148 ? -2.000  -3.649  -13.648 1.00 63.93  ? 148 GLU A OE2 1 
ATOM   1068 N N   . GLU A 1 149 ? 2.831   -7.189  -17.074 1.00 89.97  ? 149 GLU A N   1 
ATOM   1069 C CA  . GLU A 1 149 ? 4.198   -7.131  -17.619 1.00 94.90  ? 149 GLU A CA  1 
ATOM   1070 C C   . GLU A 1 149 ? 4.466   -5.914  -18.508 1.00 96.46  ? 149 GLU A C   1 
ATOM   1071 O O   . GLU A 1 149 ? 3.880   -5.781  -19.587 1.00 97.93  ? 149 GLU A O   1 
ATOM   1072 C CB  . GLU A 1 149 ? 4.547   -8.395  -18.417 1.00 96.36  ? 149 GLU A CB  1 
ATOM   1073 C CG  . GLU A 1 149 ? 6.017   -8.398  -18.858 1.00 99.75  ? 149 GLU A CG  1 
ATOM   1074 C CD  . GLU A 1 149 ? 6.546   -9.772  -19.240 1.00 100.00 ? 149 GLU A CD  1 
ATOM   1075 O OE1 . GLU A 1 149 ? 5.735   -10.667 -19.570 1.00 100.00 ? 149 GLU A OE1 1 
ATOM   1076 O OE2 . GLU A 1 149 ? 7.785   -9.953  -19.214 1.00 100.00 ? 149 GLU A OE2 1 
ATOM   1077 N N   . GLU A 1 150 ? 5.375   -5.046  -18.065 1.00 98.46  ? 150 GLU A N   1 
ATOM   1078 C CA  . GLU A 1 150 ? 5.706   -3.838  -18.817 1.00 100.00 ? 150 GLU A CA  1 
ATOM   1079 C C   . GLU A 1 150 ? 7.151   -3.341  -18.676 1.00 100.00 ? 150 GLU A C   1 
ATOM   1080 O O   . GLU A 1 150 ? 7.886   -3.744  -17.767 1.00 100.00 ? 150 GLU A O   1 
ATOM   1081 C CB  . GLU A 1 150 ? 4.750   -2.703  -18.426 1.00 100.00 ? 150 GLU A CB  1 
ATOM   1082 C CG  . GLU A 1 150 ? 5.123   -1.345  -19.021 1.00 100.00 ? 150 GLU A CG  1 
ATOM   1083 C CD  . GLU A 1 150 ? 3.939   -0.413  -19.173 1.00 100.00 ? 150 GLU A CD  1 
ATOM   1084 O OE1 . GLU A 1 150 ? 3.104   -0.345  -18.246 1.00 100.00 ? 150 GLU A OE1 1 
ATOM   1085 O OE2 . GLU A 1 150 ? 3.846   0.254   -20.222 1.00 100.00 ? 150 GLU A OE2 1 
ATOM   1086 N N   . GLU A 1 151 ? 7.521   -2.453  -19.600 1.00 100.00 ? 151 GLU A N   1 
ATOM   1087 C CA  . GLU A 1 151 ? 8.836   -1.818  -19.685 1.00 99.29  ? 151 GLU A CA  1 
ATOM   1088 C C   . GLU A 1 151 ? 9.013   -1.311  -21.107 1.00 100.00 ? 151 GLU A C   1 
ATOM   1089 O O   . GLU A 1 151 ? 9.623   -1.984  -21.945 1.00 99.74  ? 151 GLU A O   1 
ATOM   1090 C CB  . GLU A 1 151 ? 9.955   -2.810  -19.390 1.00 97.78  ? 151 GLU A CB  1 
ATOM   1091 C CG  . GLU A 1 151 ? 10.646  -2.575  -18.066 1.00 96.58  ? 151 GLU A CG  1 
ATOM   1092 C CD  . GLU A 1 151 ? 11.364  -3.811  -17.557 1.00 96.15  ? 151 GLU A CD  1 
ATOM   1093 O OE1 . GLU A 1 151 ? 10.685  -4.741  -17.069 1.00 93.11  ? 151 GLU A OE1 1 
ATOM   1094 O OE2 . GLU A 1 151 ? 12.608  -3.855  -17.644 1.00 99.98  ? 151 GLU A OE2 1 
ATOM   1095 N N   . GLU A 1 152 ? 8.462   -0.136  -21.390 1.00 100.00 ? 152 GLU A N   1 
ATOM   1096 C CA  . GLU A 1 152 ? 8.588   0.438   -22.725 1.00 100.00 ? 152 GLU A CA  1 
ATOM   1097 C C   . GLU A 1 152 ? 9.741   1.463   -22.659 1.00 100.00 ? 152 GLU A C   1 
ATOM   1098 O O   . GLU A 1 152 ? 9.944   2.108   -21.628 1.00 100.00 ? 152 GLU A O   1 
ATOM   1099 C CB  . GLU A 1 152 ? 7.216   0.978   -23.167 1.00 100.00 ? 152 GLU A CB  1 
ATOM   1100 C CG  . GLU A 1 152 ? 6.228   -0.221  -23.295 1.00 100.00 ? 152 GLU A CG  1 
ATOM   1101 C CD  . GLU A 1 152 ? 4.859   0.096   -23.905 1.00 100.00 ? 152 GLU A CD  1 
ATOM   1102 O OE1 . GLU A 1 152 ? 4.634   1.229   -24.396 1.00 100.00 ? 152 GLU A OE1 1 
ATOM   1103 O OE2 . GLU A 1 152 ? 3.994   -0.814  -23.897 1.00 100.00 ? 152 GLU A OE2 1 
ATOM   1104 N N   . PRO A 1 153 ? 10.526  1.589   -23.752 1.00 100.00 ? 153 PRO A N   1 
ATOM   1105 C CA  . PRO A 1 153 ? 11.709  2.448   -23.969 1.00 99.09  ? 153 PRO A CA  1 
ATOM   1106 C C   . PRO A 1 153 ? 11.917  3.889   -23.483 1.00 100.00 ? 153 PRO A C   1 
ATOM   1107 O O   . PRO A 1 153 ? 11.016  4.741   -23.483 1.00 100.00 ? 153 PRO A O   1 
ATOM   1108 C CB  . PRO A 1 153 ? 11.955  2.375   -25.468 1.00 99.26  ? 153 PRO A CB  1 
ATOM   1109 C CG  . PRO A 1 153 ? 11.212  1.222   -25.954 1.00 99.68  ? 153 PRO A CG  1 
ATOM   1110 C CD  . PRO A 1 153 ? 10.177  0.818   -24.956 1.00 99.92  ? 153 PRO A CD  1 
ATOM   1111 N N   . GLN A 1 154 ? 13.187  4.115   -23.154 1.00 100.00 ? 154 GLN A N   1 
ATOM   1112 C CA  . GLN A 1 154 ? 13.843  5.333   -22.645 1.00 99.91  ? 154 GLN A CA  1 
ATOM   1113 C C   . GLN A 1 154 ? 13.527  5.901   -21.261 1.00 98.51  ? 154 GLN A C   1 
ATOM   1114 O O   . GLN A 1 154 ? 13.385  7.105   -21.087 1.00 97.00  ? 154 GLN A O   1 
ATOM   1115 C CB  . GLN A 1 154 ? 13.822  6.442   -23.713 1.00 99.86  ? 154 GLN A CB  1 
ATOM   1116 C CG  . GLN A 1 154 ? 15.024  6.314   -24.666 1.00 100.00 ? 154 GLN A CG  1 
ATOM   1117 C CD  . GLN A 1 154 ? 15.662  7.640   -25.061 1.00 100.00 ? 154 GLN A CD  1 
ATOM   1118 O OE1 . GLN A 1 154 ? 15.383  8.683   -24.468 1.00 100.00 ? 154 GLN A OE1 1 
ATOM   1119 N NE2 . GLN A 1 154 ? 16.517  7.604   -26.081 1.00 100.00 ? 154 GLN A NE2 1 
ATOM   1120 N N   . GLY A 1 155 ? 13.462  5.018   -20.266 1.00 99.71  ? 155 GLY A N   1 
ATOM   1121 C CA  . GLY A 1 155 ? 13.197  5.450   -18.904 1.00 99.68  ? 155 GLY A CA  1 
ATOM   1122 C C   . GLY A 1 155 ? 13.304  4.392   -17.807 1.00 100.00 ? 155 GLY A C   1 
ATOM   1123 O O   . GLY A 1 155 ? 14.358  4.264   -17.155 1.00 99.56  ? 155 GLY A O   1 
ATOM   1124 N N   . ASP A 1 156 ? 12.233  3.608   -17.622 1.00 100.00 ? 156 ASP A N   1 
ATOM   1125 C CA  . ASP A 1 156 ? 12.195  2.629   -16.535 1.00 100.00 ? 156 ASP A CA  1 
ATOM   1126 C C   . ASP A 1 156 ? 11.920  1.125   -16.653 1.00 100.00 ? 156 ASP A C   1 
ATOM   1127 O O   . ASP A 1 156 ? 11.777  0.561   -17.751 1.00 100.00 ? 156 ASP A O   1 
ATOM   1128 C CB  . ASP A 1 156 ? 11.282  3.171   -15.462 1.00 100.00 ? 156 ASP A CB  1 
ATOM   1129 C CG  . ASP A 1 156 ? 12.042  3.947   -14.426 1.00 100.00 ? 156 ASP A CG  1 
ATOM   1130 O OD1 . ASP A 1 156 ? 13.241  3.631   -14.213 1.00 100.00 ? 156 ASP A OD1 1 
ATOM   1131 O OD2 . ASP A 1 156 ? 11.453  4.876   -13.835 1.00 100.00 ? 156 ASP A OD2 1 
ATOM   1132 N N   . GLU A 1 157 ? 11.815  0.503   -15.468 1.00 100.00 ? 157 GLU A N   1 
ATOM   1133 C CA  . GLU A 1 157 ? 11.629  -0.951  -15.323 1.00 100.00 ? 157 GLU A CA  1 
ATOM   1134 C C   . GLU A 1 157 ? 10.818  -1.546  -14.143 1.00 99.44  ? 157 GLU A C   1 
ATOM   1135 O O   . GLU A 1 157 ? 10.919  -1.053  -13.010 1.00 100.00 ? 157 GLU A O   1 
ATOM   1136 C CB  . GLU A 1 157 ? 13.012  -1.606  -15.249 1.00 98.64  ? 157 GLU A CB  1 
ATOM   1137 C CG  . GLU A 1 157 ? 13.703  -1.365  -13.900 1.00 97.11  ? 157 GLU A CG  1 
ATOM   1138 C CD  . GLU A 1 157 ? 15.209  -1.510  -13.984 1.00 99.89  ? 157 GLU A CD  1 
ATOM   1139 O OE1 . GLU A 1 157 ? 15.677  -2.634  -14.264 1.00 100.00 ? 157 GLU A OE1 1 
ATOM   1140 O OE2 . GLU A 1 157 ? 15.924  -0.503  -13.773 1.00 100.00 ? 157 GLU A OE2 1 
ATOM   1141 N N   . ASP A 1 158 ? 10.054  -2.616  -14.437 1.00 95.53  ? 158 ASP A N   1 
ATOM   1142 C CA  . ASP A 1 158 ? 9.285   -3.423  -13.462 1.00 90.27  ? 158 ASP A CA  1 
ATOM   1143 C C   . ASP A 1 158 ? 7.886   -4.028  -13.667 1.00 86.40  ? 158 ASP A C   1 
ATOM   1144 O O   . ASP A 1 158 ? 7.252   -3.867  -14.717 1.00 86.82  ? 158 ASP A O   1 
ATOM   1145 C CB  . ASP A 1 158 ? 9.317   -2.790  -12.080 1.00 92.15  ? 158 ASP A CB  1 
ATOM   1146 C CG  . ASP A 1 158 ? 10.217  -3.560  -11.142 1.00 95.64  ? 158 ASP A CG  1 
ATOM   1147 O OD1 . ASP A 1 158 ? 11.426  -3.251  -11.103 1.00 98.00  ? 158 ASP A OD1 1 
ATOM   1148 O OD2 . ASP A 1 158 ? 9.725   -4.489  -10.467 1.00 96.94  ? 158 ASP A OD2 1 
ATOM   1149 N N   . VAL A 1 159 ? 7.447   -4.740  -12.613 1.00 80.72  ? 159 VAL A N   1 
ATOM   1150 C CA  . VAL A 1 159 ? 6.187   -5.523  -12.538 1.00 74.69  ? 159 VAL A CA  1 
ATOM   1151 C C   . VAL A 1 159 ? 5.378   -5.471  -11.199 1.00 70.01  ? 159 VAL A C   1 
ATOM   1152 O O   . VAL A 1 159 ? 5.953   -5.609  -10.112 1.00 73.81  ? 159 VAL A O   1 
ATOM   1153 C CB  . VAL A 1 159 ? 6.520   -7.019  -12.795 1.00 73.95  ? 159 VAL A CB  1 
ATOM   1154 C CG1 . VAL A 1 159 ? 5.367   -7.908  -12.371 1.00 71.15  ? 159 VAL A CG1 1 
ATOM   1155 C CG2 . VAL A 1 159 ? 6.893   -7.227  -14.251 1.00 71.22  ? 159 VAL A CG2 1 
ATOM   1156 N N   . LEU A 1 160 ? 4.048   -5.334  -11.301 1.00 60.40  ? 160 LEU A N   1 
ATOM   1157 C CA  . LEU A 1 160 ? 3.127   -5.265  -10.149 1.00 45.48  ? 160 LEU A CA  1 
ATOM   1158 C C   . LEU A 1 160 ? 1.857   -6.076  -10.409 1.00 41.21  ? 160 LEU A C   1 
ATOM   1159 O O   . LEU A 1 160 ? 1.864   -6.998  -11.214 1.00 44.36  ? 160 LEU A O   1 
ATOM   1160 C CB  . LEU A 1 160 ? 2.703   -3.827  -9.890  1.00 38.29  ? 160 LEU A CB  1 
ATOM   1161 C CG  . LEU A 1 160 ? 3.704   -2.966  -9.146  1.00 35.11  ? 160 LEU A CG  1 
ATOM   1162 C CD1 . LEU A 1 160 ? 3.700   -1.586  -9.758  1.00 31.12  ? 160 LEU A CD1 1 
ATOM   1163 C CD2 . LEU A 1 160 ? 3.337   -2.920  -7.672  1.00 33.64  ? 160 LEU A CD2 1 
ATOM   1164 N N   . PHE A 1 161 ? 0.758   -5.717  -9.741  1.00 37.86  ? 161 PHE A N   1 
ATOM   1165 C CA  . PHE A 1 161 ? -0.523  -6.423  -9.924  1.00 32.47  ? 161 PHE A CA  1 
ATOM   1166 C C   . PHE A 1 161 ? -1.738  -5.538  -10.245 1.00 33.23  ? 161 PHE A C   1 
ATOM   1167 O O   . PHE A 1 161 ? -1.776  -4.347  -9.907  1.00 29.52  ? 161 PHE A O   1 
ATOM   1168 C CB  . PHE A 1 161 ? -0.876  -7.264  -8.693  1.00 26.65  ? 161 PHE A CB  1 
ATOM   1169 C CG  . PHE A 1 161 ? 0.134   -8.310  -8.365  1.00 33.53  ? 161 PHE A CG  1 
ATOM   1170 C CD1 . PHE A 1 161 ? 0.042   -9.586  -8.927  1.00 34.56  ? 161 PHE A CD1 1 
ATOM   1171 C CD2 . PHE A 1 161 ? 1.173   -8.039  -7.472  1.00 37.09  ? 161 PHE A CD2 1 
ATOM   1172 C CE1 . PHE A 1 161 ? 0.973   -10.581 -8.601  1.00 31.93  ? 161 PHE A CE1 1 
ATOM   1173 C CE2 . PHE A 1 161 ? 2.110   -9.034  -7.138  1.00 33.38  ? 161 PHE A CE2 1 
ATOM   1174 C CZ  . PHE A 1 161 ? 2.007   -10.296 -7.703  1.00 36.64  ? 161 PHE A CZ  1 
ATOM   1175 N N   . ARG A 1 162 ? -2.723  -6.165  -10.897 1.00 35.56  ? 162 ARG A N   1 
ATOM   1176 C CA  . ARG A 1 162 ? -4.004  -5.558  -11.306 1.00 38.34  ? 162 ARG A CA  1 
ATOM   1177 C C   . ARG A 1 162 ? -5.127  -6.397  -10.666 1.00 38.78  ? 162 ARG A C   1 
ATOM   1178 O O   . ARG A 1 162 ? -5.381  -7.535  -11.094 1.00 43.43  ? 162 ARG A O   1 
ATOM   1179 C CB  . ARG A 1 162 ? -4.158  -5.606  -12.837 1.00 38.39  ? 162 ARG A CB  1 
ATOM   1180 C CG  . ARG A 1 162 ? -5.539  -5.213  -13.357 1.00 45.07  ? 162 ARG A CG  1 
ATOM   1181 C CD  . ARG A 1 162 ? -5.503  -4.843  -14.839 1.00 55.77  ? 162 ARG A CD  1 
ATOM   1182 N NE  . ARG A 1 162 ? -4.382  -5.471  -15.544 1.00 62.79  ? 162 ARG A NE  1 
ATOM   1183 C CZ  . ARG A 1 162 ? -4.455  -6.013  -16.763 1.00 65.26  ? 162 ARG A CZ  1 
ATOM   1184 N NH1 . ARG A 1 162 ? -5.606  -6.012  -17.435 1.00 65.29  ? 162 ARG A NH1 1 
ATOM   1185 N NH2 . ARG A 1 162 ? -3.375  -6.567  -17.315 1.00 57.27  ? 162 ARG A NH2 1 
ATOM   1186 N N   . VAL A 1 163 ? -5.802  -5.841  -9.662  1.00 32.99  ? 163 VAL A N   1 
ATOM   1187 C CA  . VAL A 1 163 ? -6.867  -6.567  -8.977  1.00 30.31  ? 163 VAL A CA  1 
ATOM   1188 C C   . VAL A 1 163 ? -8.243  -6.071  -9.394  1.00 28.20  ? 163 VAL A C   1 
ATOM   1189 O O   . VAL A 1 163 ? -8.493  -4.871  -9.396  1.00 30.62  ? 163 VAL A O   1 
ATOM   1190 C CB  . VAL A 1 163 ? -6.743  -6.418  -7.442  1.00 23.82  ? 163 VAL A CB  1 
ATOM   1191 C CG1 . VAL A 1 163 ? -7.834  -7.249  -6.750  1.00 24.59  ? 163 VAL A CG1 1 
ATOM   1192 C CG2 . VAL A 1 163 ? -5.385  -6.871  -6.988  1.00 28.27  ? 163 VAL A CG2 1 
ATOM   1193 N N   . THR A 1 164 ? -9.143  -6.988  -9.731  1.00 27.19  ? 164 THR A N   1 
ATOM   1194 C CA  . THR A 1 164 ? -10.482 -6.566  -10.131 1.00 29.07  ? 164 THR A CA  1 
ATOM   1195 C C   . THR A 1 164 ? -11.485 -7.099  -9.134  1.00 23.87  ? 164 THR A C   1 
ATOM   1196 O O   . THR A 1 164 ? -11.275 -8.134  -8.550  1.00 26.43  ? 164 THR A O   1 
ATOM   1197 C CB  . THR A 1 164 ? -10.886 -7.103  -11.559 1.00 29.75  ? 164 THR A CB  1 
ATOM   1198 O OG1 . THR A 1 164 ? -10.040 -6.539  -12.567 1.00 37.50  ? 164 THR A OG1 1 
ATOM   1199 C CG2 . THR A 1 164 ? -12.289 -6.676  -11.916 1.00 35.45  ? 164 THR A CG2 1 
ATOM   1200 N N   . GLU A 1 165 ? -12.570 -6.374  -8.938  1.00 24.03  ? 165 GLU A N   1 
ATOM   1201 C CA  . GLU A 1 165 ? -13.618 -6.824  -8.041  1.00 24.59  ? 165 GLU A CA  1 
ATOM   1202 C C   . GLU A 1 165 ? -14.925 -6.640  -8.809  1.00 27.85  ? 165 GLU A C   1 
ATOM   1203 O O   . GLU A 1 165 ? -15.192 -5.564  -9.359  1.00 32.05  ? 165 GLU A O   1 
ATOM   1204 C CB  . GLU A 1 165 ? -13.615 -6.000  -6.758  1.00 20.45  ? 165 GLU A CB  1 
ATOM   1205 C CG  . GLU A 1 165 ? -14.815 -6.231  -5.881  1.00 29.77  ? 165 GLU A CG  1 
ATOM   1206 C CD  . GLU A 1 165 ? -14.787 -7.574  -5.167  1.00 32.62  ? 165 GLU A CD  1 
ATOM   1207 O OE1 . GLU A 1 165 ? -14.994 -8.612  -5.835  1.00 29.66  ? 165 GLU A OE1 1 
ATOM   1208 O OE2 . GLU A 1 165 ? -14.561 -7.588  -3.937  1.00 42.03  ? 165 GLU A OE2 1 
ATOM   1209 N N   . ARG A 1 166 ? -15.733 -7.689  -8.872  1.00 26.20  ? 166 ARG A N   1 
ATOM   1210 C CA  . ARG A 1 166 ? -16.984 -7.599  -9.588  1.00 29.12  ? 166 ARG A CA  1 
ATOM   1211 C C   . ARG A 1 166 ? -18.126 -7.624  -8.597  1.00 26.09  ? 166 ARG A C   1 
ATOM   1212 O O   . ARG A 1 166 ? -17.966 -8.120  -7.489  1.00 26.03  ? 166 ARG A O   1 
ATOM   1213 C CB  . ARG A 1 166 ? -17.086 -8.761  -10.585 1.00 37.43  ? 166 ARG A CB  1 
ATOM   1214 C CG  . ARG A 1 166 ? -15.792 -9.090  -11.320 1.00 42.73  ? 166 ARG A CG  1 
ATOM   1215 C CD  . ARG A 1 166 ? -15.792 -10.517 -11.816 1.00 49.21  ? 166 ARG A CD  1 
ATOM   1216 N NE  . ARG A 1 166 ? -16.829 -10.720 -12.822 1.00 60.94  ? 166 ARG A NE  1 
ATOM   1217 C CZ  . ARG A 1 166 ? -17.992 -11.333 -12.592 1.00 67.25  ? 166 ARG A CZ  1 
ATOM   1218 N NH1 . ARG A 1 166 ? -18.276 -11.814 -11.376 1.00 65.40  ? 166 ARG A NH1 1 
ATOM   1219 N NH2 . ARG A 1 166 ? -18.879 -11.471 -13.582 1.00 66.07  ? 166 ARG A NH2 1 
ATOM   1220 N N   . TRP A 1 167 ? -19.271 -7.088  -9.007  1.00 26.19  ? 167 TRP A N   1 
ATOM   1221 C CA  . TRP A 1 167 ? -20.458 -7.029  -8.157  1.00 27.51  ? 167 TRP A CA  1 
ATOM   1222 C C   . TRP A 1 167 ? -21.720 -7.294  -8.970  1.00 30.73  ? 167 TRP A C   1 
ATOM   1223 O O   . TRP A 1 167 ? -21.959 -6.596  -9.952  1.00 29.59  ? 167 TRP A O   1 
ATOM   1224 C CB  . TRP A 1 167 ? -20.615 -5.640  -7.534  1.00 24.45  ? 167 TRP A CB  1 
ATOM   1225 C CG  . TRP A 1 167 ? -19.733 -5.330  -6.385  1.00 24.98  ? 167 TRP A CG  1 
ATOM   1226 C CD1 . TRP A 1 167 ? -19.916 -5.705  -5.096  1.00 19.73  ? 167 TRP A CD1 1 
ATOM   1227 C CD2 . TRP A 1 167 ? -18.564 -4.497  -6.401  1.00 25.69  ? 167 TRP A CD2 1 
ATOM   1228 N NE1 . TRP A 1 167 ? -18.942 -5.156  -4.296  1.00 22.08  ? 167 TRP A NE1 1 
ATOM   1229 C CE2 . TRP A 1 167 ? -18.096 -4.410  -5.072  1.00 23.64  ? 167 TRP A CE2 1 
ATOM   1230 C CE3 . TRP A 1 167 ? -17.871 -3.813  -7.411  1.00 23.50  ? 167 TRP A CE3 1 
ATOM   1231 C CZ2 . TRP A 1 167 ? -16.965 -3.667  -4.715  1.00 14.78  ? 167 TRP A CZ2 1 
ATOM   1232 C CZ3 . TRP A 1 167 ? -16.744 -3.070  -7.059  1.00 22.94  ? 167 TRP A CZ3 1 
ATOM   1233 C CH2 . TRP A 1 167 ? -16.304 -3.005  -5.715  1.00 20.16  ? 167 TRP A CH2 1 
ATOM   1234 N N   . ARG A 1 168 ? -22.517 -8.286  -8.576  1.00 30.65  ? 168 ARG A N   1 
ATOM   1235 C CA  . ARG A 1 168 ? -23.775 -8.549  -9.273  1.00 35.35  ? 168 ARG A CA  1 
ATOM   1236 C C   . ARG A 1 168 ? -24.673 -7.530  -8.615  1.00 35.58  ? 168 ARG A C   1 
ATOM   1237 O O   . ARG A 1 168 ? -24.799 -7.501  -7.385  1.00 34.92  ? 168 ARG A O   1 
ATOM   1238 C CB  . ARG A 1 168 ? -24.290 -9.950  -8.999  1.00 38.03  ? 168 ARG A CB  1 
ATOM   1239 C CG  . ARG A 1 168 ? -24.363 -10.787 -10.257 1.00 49.48  ? 168 ARG A CG  1 
ATOM   1240 C CD  . ARG A 1 168 ? -25.103 -12.085 -10.001 1.00 60.89  ? 168 ARG A CD  1 
ATOM   1241 N NE  . ARG A 1 168 ? -24.192 -13.225 -9.944  1.00 64.45  ? 168 ARG A NE  1 
ATOM   1242 C CZ  . ARG A 1 168 ? -23.584 -13.745 -11.005 1.00 67.27  ? 168 ARG A CZ  1 
ATOM   1243 N NH1 . ARG A 1 168 ? -23.793 -13.221 -12.209 1.00 68.81  ? 168 ARG A NH1 1 
ATOM   1244 N NH2 . ARG A 1 168 ? -22.776 -14.792 -10.867 1.00 63.61  ? 168 ARG A NH2 1 
ATOM   1245 N N   . LEU A 1 169 ? -25.294 -6.694  -9.431  1.00 32.15  ? 169 LEU A N   1 
ATOM   1246 C CA  . LEU A 1 169 ? -26.099 -5.617  -8.909  1.00 33.00  ? 169 LEU A CA  1 
ATOM   1247 C C   . LEU A 1 169 ? -27.529 -5.864  -8.494  1.00 35.35  ? 169 LEU A C   1 
ATOM   1248 O O   . LEU A 1 169 ? -28.269 -6.576  -9.169  1.00 36.81  ? 169 LEU A O   1 
ATOM   1249 C CB  . LEU A 1 169 ? -26.069 -4.470  -9.912  1.00 30.23  ? 169 LEU A CB  1 
ATOM   1250 C CG  . LEU A 1 169 ? -24.744 -3.707  -9.900  1.00 31.77  ? 169 LEU A CG  1 
ATOM   1251 C CD1 . LEU A 1 169 ? -24.352 -3.333  -11.311 1.00 33.11  ? 169 LEU A CD1 1 
ATOM   1252 C CD2 . LEU A 1 169 ? -24.892 -2.464  -9.050  1.00 35.95  ? 169 LEU A CD2 1 
ATOM   1253 N N   . PRO A 1 170 ? -27.931 -5.287  -7.344  1.00 41.61  ? 170 PRO A N   1 
ATOM   1254 C CA  . PRO A 1 170 ? -29.299 -5.431  -6.848  1.00 44.71  ? 170 PRO A CA  1 
ATOM   1255 C C   . PRO A 1 170 ? -30.170 -4.533  -7.728  1.00 52.10  ? 170 PRO A C   1 
ATOM   1256 O O   . PRO A 1 170 ? -29.651 -3.782  -8.567  1.00 48.19  ? 170 PRO A O   1 
ATOM   1257 C CB  . PRO A 1 170 ? -29.220 -4.906  -5.419  1.00 40.91  ? 170 PRO A CB  1 
ATOM   1258 C CG  . PRO A 1 170 ? -28.156 -3.884  -5.487  1.00 40.76  ? 170 PRO A CG  1 
ATOM   1259 C CD  . PRO A 1 170 ? -27.113 -4.505  -6.400  1.00 40.70  ? 170 PRO A CD  1 
ATOM   1260 N N   . PRO A 1 171 ? -31.499 -4.581  -7.539  1.00 58.76  ? 171 PRO A N   1 
ATOM   1261 C CA  . PRO A 1 171 ? -32.420 -3.763  -8.337  1.00 62.28  ? 171 PRO A CA  1 
ATOM   1262 C C   . PRO A 1 171 ? -31.968 -2.317  -8.552  1.00 65.41  ? 171 PRO A C   1 
ATOM   1263 O O   . PRO A 1 171 ? -32.221 -1.735  -9.613  1.00 68.99  ? 171 PRO A O   1 
ATOM   1264 C CB  . PRO A 1 171 ? -33.741 -3.838  -7.566  1.00 56.78  ? 171 PRO A CB  1 
ATOM   1265 C CG  . PRO A 1 171 ? -33.655 -5.089  -6.778  1.00 57.64  ? 171 PRO A CG  1 
ATOM   1266 C CD  . PRO A 1 171 ? -32.207 -5.398  -6.536  1.00 60.62  ? 171 PRO A CD  1 
ATOM   1267 N N   . LEU A 1 172 ? -31.286 -1.769  -7.547  1.00 64.39  ? 172 LEU A N   1 
ATOM   1268 C CA  . LEU A 1 172 ? -30.812 -0.384  -7.524  1.00 66.80  ? 172 LEU A CA  1 
ATOM   1269 C C   . LEU A 1 172 ? -31.883 0.295   -6.687  1.00 71.74  ? 172 LEU A C   1 
ATOM   1270 O O   . LEU A 1 172 ? -31.911 0.114   -5.467  1.00 77.44  ? 172 LEU A O   1 
ATOM   1271 C CB  . LEU A 1 172 ? -30.742 0.243   -8.926  1.00 60.50  ? 172 LEU A CB  1 
ATOM   1272 C CG  . LEU A 1 172 ? -29.410 0.916   -9.284  1.00 49.68  ? 172 LEU A CG  1 
ATOM   1273 C CD1 . LEU A 1 172 ? -28.434 -0.127  -9.799  1.00 50.73  ? 172 LEU A CD1 1 
ATOM   1274 C CD2 . LEU A 1 172 ? -29.629 1.984   -10.328 1.00 48.19  ? 172 LEU A CD2 1 
ATOM   1275 N N   . GLY A 1 173 ? -32.783 1.052   -7.311  1.00 72.20  ? 173 GLY A N   1 
ATOM   1276 C CA  . GLY A 1 173 ? -33.819 1.669   -6.511  1.00 70.83  ? 173 GLY A CA  1 
ATOM   1277 C C   . GLY A 1 173 ? -34.448 2.943   -7.013  1.00 71.48  ? 173 GLY A C   1 
ATOM   1278 O O   . GLY A 1 173 ? -33.981 3.560   -7.964  1.00 68.45  ? 173 GLY A O   1 
ATOM   1279 N N   . THR A 1 174 ? -35.528 3.321   -6.337  1.00 74.69  ? 174 THR A N   1 
ATOM   1280 C CA  . THR A 1 174 ? -36.296 4.523   -6.634  1.00 79.02  ? 174 THR A CA  1 
ATOM   1281 C C   . THR A 1 174 ? -36.123 5.532   -5.492  1.00 81.04  ? 174 THR A C   1 
ATOM   1282 O O   . THR A 1 174 ? -36.394 5.213   -4.336  1.00 83.42  ? 174 THR A O   1 
ATOM   1283 C CB  . THR A 1 174 ? -37.796 4.194   -6.745  1.00 81.24  ? 174 THR A CB  1 
ATOM   1284 O OG1 . THR A 1 174 ? -38.080 3.690   -8.055  1.00 86.56  ? 174 THR A OG1 1 
ATOM   1285 C CG2 . THR A 1 174 ? -38.638 5.434   -6.475  1.00 80.51  ? 174 THR A CG2 1 
ATOM   1286 N N   . PRO A 1 175 ? -35.666 6.762   -5.799  1.00 81.92  ? 175 PRO A N   1 
ATOM   1287 C CA  . PRO A 1 175 ? -35.307 7.253   -7.138  1.00 80.85  ? 175 PRO A CA  1 
ATOM   1288 C C   . PRO A 1 175 ? -33.867 6.877   -7.499  1.00 77.83  ? 175 PRO A C   1 
ATOM   1289 O O   . PRO A 1 175 ? -32.950 7.082   -6.703  1.00 77.96  ? 175 PRO A O   1 
ATOM   1290 C CB  . PRO A 1 175 ? -35.499 8.771   -7.034  1.00 79.33  ? 175 PRO A CB  1 
ATOM   1291 C CG  . PRO A 1 175 ? -35.551 9.088   -5.555  1.00 78.91  ? 175 PRO A CG  1 
ATOM   1292 C CD  . PRO A 1 175 ? -35.469 7.799   -4.771  1.00 81.60  ? 175 PRO A CD  1 
ATOM   1293 N N   . VAL A 1 176 ? -33.671 6.323   -8.692  1.00 71.66  ? 176 VAL A N   1 
ATOM   1294 C CA  . VAL A 1 176 ? -32.339 5.917   -9.119  1.00 66.52  ? 176 VAL A CA  1 
ATOM   1295 C C   . VAL A 1 176 ? -31.263 6.941   -8.688  1.00 62.70  ? 176 VAL A C   1 
ATOM   1296 O O   . VAL A 1 176 ? -31.456 8.149   -8.853  1.00 65.16  ? 176 VAL A O   1 
ATOM   1297 C CB  . VAL A 1 176 ? -32.328 5.709   -10.658 1.00 61.92  ? 176 VAL A CB  1 
ATOM   1298 C CG1 . VAL A 1 176 ? -32.194 7.042   -11.381 1.00 60.86  ? 176 VAL A CG1 1 
ATOM   1299 C CG2 . VAL A 1 176 ? -31.215 4.762   -11.033 1.00 62.66  ? 176 VAL A CG2 1 
ATOM   1300 N N   . PRO A 1 177 ? -30.141 6.476   -8.086  1.00 55.69  ? 177 PRO A N   1 
ATOM   1301 C CA  . PRO A 1 177 ? -29.079 7.408   -7.660  1.00 50.60  ? 177 PRO A CA  1 
ATOM   1302 C C   . PRO A 1 177 ? -28.280 7.998   -8.847  1.00 47.55  ? 177 PRO A C   1 
ATOM   1303 O O   . PRO A 1 177 ? -28.027 7.299   -9.828  1.00 45.75  ? 177 PRO A O   1 
ATOM   1304 C CB  . PRO A 1 177 ? -28.212 6.550   -6.741  1.00 48.81  ? 177 PRO A CB  1 
ATOM   1305 C CG  . PRO A 1 177 ? -28.382 5.158   -7.278  1.00 49.30  ? 177 PRO A CG  1 
ATOM   1306 C CD  . PRO A 1 177 ? -29.819 5.079   -7.727  1.00 50.78  ? 177 PRO A CD  1 
ATOM   1307 N N   . PRO A 1 178 ? -27.856 9.281   -8.758  1.00 41.62  ? 178 PRO A N   1 
ATOM   1308 C CA  . PRO A 1 178 ? -27.097 9.925   -9.842  1.00 40.82  ? 178 PRO A CA  1 
ATOM   1309 C C   . PRO A 1 178 ? -25.804 9.204   -10.233 1.00 41.25  ? 178 PRO A C   1 
ATOM   1310 O O   . PRO A 1 178 ? -25.400 9.249   -11.405 1.00 40.88  ? 178 PRO A O   1 
ATOM   1311 C CB  . PRO A 1 178 ? -26.819 11.331  -9.306  1.00 33.28  ? 178 PRO A CB  1 
ATOM   1312 C CG  . PRO A 1 178 ? -26.907 11.188  -7.831  1.00 33.68  ? 178 PRO A CG  1 
ATOM   1313 C CD  . PRO A 1 178 ? -28.009 10.191  -7.610  1.00 37.55  ? 178 PRO A CD  1 
ATOM   1314 N N   . ALA A 1 179 ? -25.167 8.559   -9.246  1.00 35.23  ? 179 ALA A N   1 
ATOM   1315 C CA  . ALA A 1 179 ? -23.928 7.817   -9.458  1.00 33.08  ? 179 ALA A CA  1 
ATOM   1316 C C   . ALA A 1 179 ? -23.620 6.838   -8.339  1.00 31.00  ? 179 ALA A C   1 
ATOM   1317 O O   . ALA A 1 179 ? -24.047 7.008   -7.206  1.00 34.65  ? 179 ALA A O   1 
ATOM   1318 C CB  . ALA A 1 179 ? -22.767 8.784   -9.609  1.00 29.12  ? 179 ALA A CB  1 
ATOM   1319 N N   . LEU A 1 180 ? -22.864 5.804   -8.657  1.00 29.52  ? 180 LEU A N   1 
ATOM   1320 C CA  . LEU A 1 180 ? -22.468 4.846   -7.647  1.00 24.92  ? 180 LEU A CA  1 
ATOM   1321 C C   . LEU A 1 180 ? -20.985 5.142   -7.549  1.00 28.30  ? 180 LEU A C   1 
ATOM   1322 O O   . LEU A 1 180 ? -20.481 5.870   -8.394  1.00 32.88  ? 180 LEU A O   1 
ATOM   1323 C CB  . LEU A 1 180 ? -22.691 3.428   -8.154  1.00 28.52  ? 180 LEU A CB  1 
ATOM   1324 C CG  . LEU A 1 180 ? -24.140 2.980   -8.313  1.00 29.95  ? 180 LEU A CG  1 
ATOM   1325 C CD1 . LEU A 1 180 ? -24.160 1.497   -8.657  1.00 22.53  ? 180 LEU A CD1 1 
ATOM   1326 C CD2 . LEU A 1 180 ? -24.903 3.255   -7.025  1.00 29.51  ? 180 LEU A CD2 1 
ATOM   1327 N N   . TYR A 1 181 ? -20.289 4.609   -6.542  1.00 24.43  ? 181 TYR A N   1 
ATOM   1328 C CA  . TYR A 1 181 ? -18.849 4.838   -6.419  1.00 23.89  ? 181 TYR A CA  1 
ATOM   1329 C C   . TYR A 1 181 ? -18.057 3.572   -6.066  1.00 21.89  ? 181 TYR A C   1 
ATOM   1330 O O   . TYR A 1 181 ? -18.510 2.760   -5.274  1.00 26.53  ? 181 TYR A O   1 
ATOM   1331 C CB  . TYR A 1 181 ? -18.579 5.903   -5.355  1.00 28.44  ? 181 TYR A CB  1 
ATOM   1332 C CG  . TYR A 1 181 ? -19.342 7.181   -5.586  1.00 35.02  ? 181 TYR A CG  1 
ATOM   1333 C CD1 . TYR A 1 181 ? -20.682 7.291   -5.204  1.00 38.36  ? 181 TYR A CD1 1 
ATOM   1334 C CD2 . TYR A 1 181 ? -18.744 8.267   -6.228  1.00 31.61  ? 181 TYR A CD2 1 
ATOM   1335 C CE1 . TYR A 1 181 ? -21.404 8.446   -5.457  1.00 37.50  ? 181 TYR A CE1 1 
ATOM   1336 C CE2 . TYR A 1 181 ? -19.455 9.425   -6.487  1.00 34.76  ? 181 TYR A CE2 1 
ATOM   1337 C CZ  . TYR A 1 181 ? -20.781 9.512   -6.102  1.00 39.71  ? 181 TYR A CZ  1 
ATOM   1338 O OH  . TYR A 1 181 ? -21.472 10.676  -6.355  1.00 40.91  ? 181 TYR A OH  1 
ATOM   1339 N N   . CYS A 1 182 ? -16.892 3.379   -6.682  1.00 21.98  ? 182 CYS A N   1 
ATOM   1340 C CA  . CYS A 1 182 ? -16.046 2.226   -6.337  1.00 22.44  ? 182 CYS A CA  1 
ATOM   1341 C C   . CYS A 1 182 ? -14.949 2.827   -5.511  1.00 18.68  ? 182 CYS A C   1 
ATOM   1342 O O   . CYS A 1 182 ? -14.414 3.902   -5.831  1.00 16.19  ? 182 CYS A O   1 
ATOM   1343 C CB  . CYS A 1 182 ? -15.407 1.517   -7.548  1.00 25.77  ? 182 CYS A CB  1 
ATOM   1344 S SG  . CYS A 1 182 ? -13.960 0.468   -7.114  1.00 28.37  ? 182 CYS A SG  1 
ATOM   1345 N N   . GLN A 1 183 ? -14.631 2.148   -4.426  1.00 19.06  ? 183 GLN A N   1 
ATOM   1346 C CA  . GLN A 1 183 ? -13.596 2.639   -3.543  1.00 21.24  ? 183 GLN A CA  1 
ATOM   1347 C C   . GLN A 1 183 ? -12.635 1.504   -3.253  1.00 21.48  ? 183 GLN A C   1 
ATOM   1348 O O   . GLN A 1 183 ? -13.037 0.367   -2.978  1.00 22.29  ? 183 GLN A O   1 
ATOM   1349 C CB  . GLN A 1 183 ? -14.220 3.156   -2.251  1.00 23.51  ? 183 GLN A CB  1 
ATOM   1350 C CG  . GLN A 1 183 ? -13.251 3.630   -1.215  1.00 25.89  ? 183 GLN A CG  1 
ATOM   1351 C CD  . GLN A 1 183 ? -13.914 3.744   0.124   1.00 33.23  ? 183 GLN A CD  1 
ATOM   1352 O OE1 . GLN A 1 183 ? -14.409 2.758   0.668   1.00 44.26  ? 183 GLN A OE1 1 
ATOM   1353 N NE2 . GLN A 1 183 ? -13.946 4.950   0.665   1.00 32.71  ? 183 GLN A NE2 1 
ATOM   1354 N N   . ALA A 1 184 ? -11.361 1.817   -3.376  1.00 17.23  ? 184 ALA A N   1 
ATOM   1355 C CA  . ALA A 1 184 ? -10.318 0.874   -3.096  1.00 18.99  ? 184 ALA A CA  1 
ATOM   1356 C C   . ALA A 1 184 ? -9.602  1.463   -1.896  1.00 16.83  ? 184 ALA A C   1 
ATOM   1357 O O   . ALA A 1 184 ? -9.132  2.607   -1.936  1.00 18.74  ? 184 ALA A O   1 
ATOM   1358 C CB  . ALA A 1 184 ? -9.389  0.769   -4.294  1.00 22.65  ? 184 ALA A CB  1 
ATOM   1359 N N   . THR A 1 185 ? -9.542  0.694   -0.817  1.00 17.64  ? 185 THR A N   1 
ATOM   1360 C CA  . THR A 1 185 ? -8.874  1.151   0.376   1.00 13.48  ? 185 THR A CA  1 
ATOM   1361 C C   . THR A 1 185 ? -7.736  0.208   0.705   1.00 17.93  ? 185 THR A C   1 
ATOM   1362 O O   . THR A 1 185 ? -7.869  -1.014  0.575   1.00 19.85  ? 185 THR A O   1 
ATOM   1363 C CB  . THR A 1 185 ? -9.849  1.233   1.582   1.00 12.86  ? 185 THR A CB  1 
ATOM   1364 O OG1 . THR A 1 185 ? -10.935 2.106   1.262   1.00 19.45  ? 185 THR A OG1 1 
ATOM   1365 C CG2 . THR A 1 185 ? -9.135  1.810   2.804   1.00 14.85  ? 185 THR A CG2 1 
ATOM   1366 N N   . MET A 1 186 ? -6.615  0.800   1.095   1.00 18.36  ? 186 MET A N   1 
ATOM   1367 C CA  . MET A 1 186 ? -5.440  0.068   1.508   1.00 20.02  ? 186 MET A CA  1 
ATOM   1368 C C   . MET A 1 186 ? -5.152  0.511   2.924   1.00 20.66  ? 186 MET A C   1 
ATOM   1369 O O   . MET A 1 186 ? -4.989  1.707   3.170   1.00 21.05  ? 186 MET A O   1 
ATOM   1370 C CB  . MET A 1 186 ? -4.237  0.406   0.635   1.00 21.83  ? 186 MET A CB  1 
ATOM   1371 C CG  . MET A 1 186 ? -3.031  -0.515  0.935   1.00 28.43  ? 186 MET A CG  1 
ATOM   1372 S SD  . MET A 1 186 ? -1.674  -0.380  -0.250  1.00 33.57  ? 186 MET A SD  1 
ATOM   1373 C CE  . MET A 1 186 ? -2.329  -1.278  -1.676  1.00 27.13  ? 186 MET A CE  1 
ATOM   1374 N N   . ARG A 1 187 ? -5.090  -0.451  3.839   1.00 17.96  ? 187 ARG A N   1 
ATOM   1375 C CA  . ARG A 1 187 ? -4.814  -0.165  5.226   1.00 21.95  ? 187 ARG A CA  1 
ATOM   1376 C C   . ARG A 1 187 ? -3.544  -0.849  5.676   1.00 28.06  ? 187 ARG A C   1 
ATOM   1377 O O   . ARG A 1 187 ? -3.491  -2.064  5.783   1.00 33.04  ? 187 ARG A O   1 
ATOM   1378 C CB  . ARG A 1 187 ? -5.984  -0.616  6.079   1.00 25.75  ? 187 ARG A CB  1 
ATOM   1379 C CG  . ARG A 1 187 ? -7.223  0.169   5.780   1.00 40.38  ? 187 ARG A CG  1 
ATOM   1380 C CD  . ARG A 1 187 ? -8.373  -0.254  6.637   1.00 54.03  ? 187 ARG A CD  1 
ATOM   1381 N NE  . ARG A 1 187 ? -9.553  -0.496  5.815   1.00 69.10  ? 187 ARG A NE  1 
ATOM   1382 C CZ  . ARG A 1 187 ? -10.773 -0.697  6.303   1.00 75.36  ? 187 ARG A CZ  1 
ATOM   1383 N NH1 . ARG A 1 187 ? -10.978 -0.685  7.619   1.00 77.91  ? 187 ARG A NH1 1 
ATOM   1384 N NH2 . ARG A 1 187 ? -11.792 -0.908  5.477   1.00 79.21  ? 187 ARG A NH2 1 
ATOM   1385 N N   . LEU A 1 188 ? -2.526  -0.044  5.944   1.00 27.64  ? 188 LEU A N   1 
ATOM   1386 C CA  . LEU A 1 188 ? -1.227  -0.522  6.382   1.00 28.17  ? 188 LEU A CA  1 
ATOM   1387 C C   . LEU A 1 188 ? -0.972  0.017   7.784   1.00 27.60  ? 188 LEU A C   1 
ATOM   1388 O O   . LEU A 1 188 ? -1.744  0.830   8.283   1.00 27.70  ? 188 LEU A O   1 
ATOM   1389 C CB  . LEU A 1 188 ? -0.133  -0.008  5.422   1.00 30.59  ? 188 LEU A CB  1 
ATOM   1390 C CG  . LEU A 1 188 ? 0.266   -0.805  4.166   1.00 36.05  ? 188 LEU A CG  1 
ATOM   1391 C CD1 . LEU A 1 188 ? -0.811  -1.796  3.791   1.00 32.48  ? 188 LEU A CD1 1 
ATOM   1392 C CD2 . LEU A 1 188 ? 0.511   0.164   3.020   1.00 30.03  ? 188 LEU A CD2 1 
ATOM   1393 N N   . PRO A 1 189 ? 0.091   -0.461  8.457   1.00 28.17  ? 189 PRO A N   1 
ATOM   1394 C CA  . PRO A 1 189 ? 0.409   0.019   9.803   1.00 26.17  ? 189 PRO A CA  1 
ATOM   1395 C C   . PRO A 1 189 ? 0.624   1.545   9.848   1.00 26.23  ? 189 PRO A C   1 
ATOM   1396 O O   . PRO A 1 189 ? 1.603   2.054   9.311   1.00 31.10  ? 189 PRO A O   1 
ATOM   1397 C CB  . PRO A 1 189 ? 1.678   -0.767  10.159  1.00 26.07  ? 189 PRO A CB  1 
ATOM   1398 C CG  . PRO A 1 189 ? 1.558   -2.025  9.349   1.00 21.91  ? 189 PRO A CG  1 
ATOM   1399 C CD  . PRO A 1 189 ? 1.011   -1.540  8.046   1.00 22.39  ? 189 PRO A CD  1 
ATOM   1400 N N   . GLY A 1 190 ? -0.295  2.270   10.480  1.00 24.18  ? 190 GLY A N   1 
ATOM   1401 C CA  . GLY A 1 190 ? -0.155  3.715   10.567  1.00 22.85  ? 190 GLY A CA  1 
ATOM   1402 C C   . GLY A 1 190 ? -0.826  4.519   9.469   1.00 24.32  ? 190 GLY A C   1 
ATOM   1403 O O   . GLY A 1 190 ? -0.958  5.726   9.571   1.00 25.96  ? 190 GLY A O   1 
ATOM   1404 N N   . LEU A 1 191 ? -1.241  3.865   8.398   1.00 27.55  ? 191 LEU A N   1 
ATOM   1405 C CA  . LEU A 1 191 ? -1.872  4.613   7.331   1.00 26.70  ? 191 LEU A CA  1 
ATOM   1406 C C   . LEU A 1 191 ? -3.017  3.937   6.614   1.00 26.96  ? 191 LEU A C   1 
ATOM   1407 O O   . LEU A 1 191 ? -3.192  2.719   6.660   1.00 24.29  ? 191 LEU A O   1 
ATOM   1408 C CB  . LEU A 1 191 ? -0.834  5.064   6.300   1.00 31.85  ? 191 LEU A CB  1 
ATOM   1409 C CG  . LEU A 1 191 ? 0.327   4.159   5.893   1.00 32.88  ? 191 LEU A CG  1 
ATOM   1410 C CD1 . LEU A 1 191 ? 0.090   3.618   4.511   1.00 34.70  ? 191 LEU A CD1 1 
ATOM   1411 C CD2 . LEU A 1 191 ? 1.615   4.955   5.895   1.00 28.34  ? 191 LEU A CD2 1 
ATOM   1412 N N   . GLU A 1 192 ? -3.805  4.772   5.954   1.00 26.09  ? 192 GLU A N   1 
ATOM   1413 C CA  . GLU A 1 192 ? -4.960  4.338   5.192   1.00 26.01  ? 192 GLU A CA  1 
ATOM   1414 C C   . GLU A 1 192 ? -5.090  5.190   3.931   1.00 17.80  ? 192 GLU A C   1 
ATOM   1415 O O   . GLU A 1 192 ? -5.310  6.401   3.993   1.00 14.76  ? 192 GLU A O   1 
ATOM   1416 C CB  . GLU A 1 192 ? -6.222  4.455   6.045   1.00 24.34  ? 192 GLU A CB  1 
ATOM   1417 C CG  . GLU A 1 192 ? -7.256  3.427   5.695   1.00 30.97  ? 192 GLU A CG  1 
ATOM   1418 C CD  . GLU A 1 192 ? -8.436  3.462   6.631   1.00 43.31  ? 192 GLU A CD  1 
ATOM   1419 O OE1 . GLU A 1 192 ? -9.358  4.280   6.398   1.00 42.83  ? 192 GLU A OE1 1 
ATOM   1420 O OE2 . GLU A 1 192 ? -8.439  2.673   7.605   1.00 46.88  ? 192 GLU A OE2 1 
ATOM   1421 N N   . LEU A 1 193 ? -4.936  4.559   2.783   1.00 20.33  ? 193 LEU A N   1 
ATOM   1422 C CA  . LEU A 1 193 ? -5.039  5.285   1.534   1.00 18.63  ? 193 LEU A CA  1 
ATOM   1423 C C   . LEU A 1 193 ? -6.336  4.854   0.881   1.00 23.19  ? 193 LEU A C   1 
ATOM   1424 O O   . LEU A 1 193 ? -6.774  3.709   1.056   1.00 27.32  ? 193 LEU A O   1 
ATOM   1425 C CB  . LEU A 1 193 ? -3.851  4.955   0.647   1.00 15.63  ? 193 LEU A CB  1 
ATOM   1426 C CG  . LEU A 1 193 ? -2.502  4.886   1.365   1.00 16.29  ? 193 LEU A CG  1 
ATOM   1427 C CD1 . LEU A 1 193 ? -1.624  3.825   0.730   1.00 26.19  ? 193 LEU A CD1 1 
ATOM   1428 C CD2 . LEU A 1 193 ? -1.827  6.218   1.294   1.00 24.05  ? 193 LEU A CD2 1 
ATOM   1429 N N   . SER A 1 194 ? -6.970  5.772   0.155   1.00 21.88  ? 194 SER A N   1 
ATOM   1430 C CA  . SER A 1 194 ? -8.240  5.467   -0.500  1.00 23.29  ? 194 SER A CA  1 
ATOM   1431 C C   . SER A 1 194 ? -8.428  6.129   -1.849  1.00 22.72  ? 194 SER A C   1 
ATOM   1432 O O   . SER A 1 194 ? -7.967  7.238   -2.095  1.00 24.99  ? 194 SER A O   1 
ATOM   1433 C CB  . SER A 1 194 ? -9.418  5.860   0.385   1.00 20.52  ? 194 SER A CB  1 
ATOM   1434 O OG  . SER A 1 194 ? -10.612 5.317   -0.135  1.00 30.92  ? 194 SER A OG  1 
ATOM   1435 N N   . HIS A 1 195 ? -9.140  5.433   -2.717  1.00 23.61  ? 195 HIS A N   1 
ATOM   1436 C CA  . HIS A 1 195 ? -9.416  5.922   -4.056  1.00 21.30  ? 195 HIS A CA  1 
ATOM   1437 C C   . HIS A 1 195 ? -10.899 5.722   -4.374  1.00 17.66  ? 195 HIS A C   1 
ATOM   1438 O O   . HIS A 1 195 ? -11.351 4.605   -4.468  1.00 16.13  ? 195 HIS A O   1 
ATOM   1439 C CB  . HIS A 1 195 ? -8.570  5.143   -5.060  1.00 25.30  ? 195 HIS A CB  1 
ATOM   1440 C CG  . HIS A 1 195 ? -8.605  5.714   -6.441  1.00 30.29  ? 195 HIS A CG  1 
ATOM   1441 N ND1 . HIS A 1 195 ? -7.496  5.768   -7.253  1.00 29.03  ? 195 HIS A ND1 1 
ATOM   1442 C CD2 . HIS A 1 195 ? -9.608  6.300   -7.132  1.00 25.02  ? 195 HIS A CD2 1 
ATOM   1443 C CE1 . HIS A 1 195 ? -7.812  6.364   -8.384  1.00 25.87  ? 195 HIS A CE1 1 
ATOM   1444 N NE2 . HIS A 1 195 ? -9.089  6.698   -8.337  1.00 29.65  ? 195 HIS A NE2 1 
ATOM   1445 N N   . ARG A 1 196 ? -11.645 6.811   -4.515  1.00 20.34  ? 196 ARG A N   1 
ATOM   1446 C CA  . ARG A 1 196 ? -13.075 6.775   -4.834  1.00 22.46  ? 196 ARG A CA  1 
ATOM   1447 C C   . ARG A 1 196 ? -13.241 7.136   -6.288  1.00 19.47  ? 196 ARG A C   1 
ATOM   1448 O O   . ARG A 1 196 ? -12.891 8.221   -6.673  1.00 18.59  ? 196 ARG A O   1 
ATOM   1449 C CB  . ARG A 1 196 ? -13.832 7.811   -4.008  1.00 28.29  ? 196 ARG A CB  1 
ATOM   1450 C CG  . ARG A 1 196 ? -14.845 7.276   -3.038  1.00 31.28  ? 196 ARG A CG  1 
ATOM   1451 C CD  . ARG A 1 196 ? -14.566 7.858   -1.661  1.00 43.62  ? 196 ARG A CD  1 
ATOM   1452 N NE  . ARG A 1 196 ? -13.159 7.701   -1.288  1.00 49.33  ? 196 ARG A NE  1 
ATOM   1453 C CZ  . ARG A 1 196 ? -12.435 8.615   -0.634  1.00 45.14  ? 196 ARG A CZ  1 
ATOM   1454 N NH1 . ARG A 1 196 ? -12.969 9.783   -0.265  1.00 42.67  ? 196 ARG A NH1 1 
ATOM   1455 N NH2 . ARG A 1 196 ? -11.166 8.360   -0.352  1.00 36.25  ? 196 ARG A NH2 1 
ATOM   1456 N N   . GLN A 1 197 ? -13.828 6.249   -7.076  1.00 21.96  ? 197 GLN A N   1 
ATOM   1457 C CA  . GLN A 1 197 ? -14.018 6.477   -8.521  1.00 22.81  ? 197 GLN A CA  1 
ATOM   1458 C C   . GLN A 1 197 ? -15.508 6.508   -8.937  1.00 25.17  ? 197 GLN A C   1 
ATOM   1459 O O   . GLN A 1 197 ? -16.207 5.501   -8.840  1.00 21.03  ? 197 GLN A O   1 
ATOM   1460 C CB  . GLN A 1 197 ? -13.295 5.364   -9.289  1.00 24.68  ? 197 GLN A CB  1 
ATOM   1461 C CG  . GLN A 1 197 ? -13.345 5.482   -10.813 1.00 28.35  ? 197 GLN A CG  1 
ATOM   1462 C CD  . GLN A 1 197 ? -12.433 6.572   -11.343 1.00 30.27  ? 197 GLN A CD  1 
ATOM   1463 O OE1 . GLN A 1 197 ? -12.874 7.421   -12.109 1.00 35.68  ? 197 GLN A OE1 1 
ATOM   1464 N NE2 . GLN A 1 197 ? -11.157 6.557   -10.936 1.00 31.53  ? 197 GLN A NE2 1 
ATOM   1465 N N   . ALA A 1 198 ? -15.989 7.654   -9.406  1.00 25.15  ? 198 ALA A N   1 
ATOM   1466 C CA  . ALA A 1 198 ? -17.395 7.793   -9.792  1.00 25.57  ? 198 ALA A CA  1 
ATOM   1467 C C   . ALA A 1 198 ? -17.797 6.928   -10.981 1.00 29.08  ? 198 ALA A C   1 
ATOM   1468 O O   . ALA A 1 198 ? -17.026 6.735   -11.919 1.00 26.21  ? 198 ALA A O   1 
ATOM   1469 C CB  . ALA A 1 198 ? -17.719 9.268   -10.086 1.00 25.12  ? 198 ALA A CB  1 
ATOM   1470 N N   . ILE A 1 199 ? -19.013 6.387   -10.910 1.00 32.77  ? 199 ILE A N   1 
ATOM   1471 C CA  . ILE A 1 199 ? -19.595 5.567   -11.971 1.00 31.97  ? 199 ILE A CA  1 
ATOM   1472 C C   . ILE A 1 199 ? -21.025 6.112   -12.101 1.00 38.36  ? 199 ILE A C   1 
ATOM   1473 O O   . ILE A 1 199 ? -21.937 5.774   -11.333 1.00 36.73  ? 199 ILE A O   1 
ATOM   1474 C CB  . ILE A 1 199 ? -19.579 4.022   -11.646 1.00 34.50  ? 199 ILE A CB  1 
ATOM   1475 C CG1 . ILE A 1 199 ? -20.858 3.366   -12.143 1.00 31.64  ? 199 ILE A CG1 1 
ATOM   1476 C CG2 . ILE A 1 199 ? -19.369 3.761   -10.188 1.00 28.55  ? 199 ILE A CG2 1 
ATOM   1477 C CD1 . ILE A 1 199 ? -20.806 3.073   -13.593 1.00 34.32  ? 199 ILE A CD1 1 
ATOM   1478 N N   . PRO A 1 200 ? -21.229 6.978   -13.098 1.00 41.59  ? 200 PRO A N   1 
ATOM   1479 C CA  . PRO A 1 200 ? -22.496 7.635   -13.399 1.00 42.76  ? 200 PRO A CA  1 
ATOM   1480 C C   . PRO A 1 200 ? -23.630 6.692   -13.664 1.00 41.48  ? 200 PRO A C   1 
ATOM   1481 O O   . PRO A 1 200 ? -23.485 5.748   -14.443 1.00 42.59  ? 200 PRO A O   1 
ATOM   1482 C CB  . PRO A 1 200 ? -22.182 8.501   -14.621 1.00 45.04  ? 200 PRO A CB  1 
ATOM   1483 C CG  . PRO A 1 200 ? -20.696 8.599   -14.662 1.00 39.45  ? 200 PRO A CG  1 
ATOM   1484 C CD  . PRO A 1 200 ? -20.190 7.337   -14.076 1.00 41.91  ? 200 PRO A CD  1 
ATOM   1485 N N   . VAL A 1 201 ? -24.756 6.963   -13.009 1.00 47.07  ? 201 VAL A N   1 
ATOM   1486 C CA  . VAL A 1 201 ? -25.978 6.180   -13.177 1.00 50.89  ? 201 VAL A CA  1 
ATOM   1487 C C   . VAL A 1 201 ? -26.898 6.966   -14.146 1.00 55.25  ? 201 VAL A C   1 
ATOM   1488 O O   . VAL A 1 201 ? -27.401 8.053   -13.807 1.00 55.76  ? 201 VAL A O   1 
ATOM   1489 C CB  . VAL A 1 201 ? -26.712 5.959   -11.815 1.00 49.38  ? 201 VAL A CB  1 
ATOM   1490 C CG1 . VAL A 1 201 ? -27.852 4.979   -11.997 1.00 51.59  ? 201 VAL A CG1 1 
ATOM   1491 C CG2 . VAL A 1 201 ? -25.741 5.422   -10.752 1.00 42.58  ? 201 VAL A CG2 1 
ATOM   1492 N N   . LEU A 1 202 ? -27.093 6.428   -15.352 1.00 59.03  ? 202 LEU A N   1 
ATOM   1493 C CA  . LEU A 1 202 ? -27.917 7.070   -16.378 1.00 64.24  ? 202 LEU A CA  1 
ATOM   1494 C C   . LEU A 1 202 ? -29.405 7.238   -16.043 1.00 65.34  ? 202 LEU A C   1 
ATOM   1495 O O   . LEU A 1 202 ? -30.160 6.282   -15.918 1.00 59.71  ? 202 LEU A O   1 
ATOM   1496 C CB  . LEU A 1 202 ? -27.764 6.325   -17.709 1.00 62.82  ? 202 LEU A CB  1 
ATOM   1497 C CG  . LEU A 1 202 ? -26.436 6.444   -18.473 1.00 62.86  ? 202 LEU A CG  1 
ATOM   1498 C CD1 . LEU A 1 202 ? -25.929 7.884   -18.405 1.00 62.57  ? 202 LEU A CD1 1 
ATOM   1499 C CD2 . LEU A 1 202 ? -25.405 5.476   -17.893 1.00 63.56  ? 202 LEU A CD2 1 
ATOM   1500 N N   . HIS A 1 203 ? -29.806 8.491   -15.910 1.00 74.99  ? 203 HIS A N   1 
ATOM   1501 C CA  . HIS A 1 203 ? -31.174 8.890   -15.603 1.00 83.57  ? 203 HIS A CA  1 
ATOM   1502 C C   . HIS A 1 203 ? -32.042 8.560   -16.815 1.00 86.67  ? 203 HIS A C   1 
ATOM   1503 O O   . HIS A 1 203 ? -32.515 9.453   -17.529 1.00 86.41  ? 203 HIS A O   1 
ATOM   1504 C CB  . HIS A 1 203 ? -31.145 10.388  -15.329 1.00 90.02  ? 203 HIS A CB  1 
ATOM   1505 C CG  . HIS A 1 203 ? -29.752 10.946  -15.320 1.00 98.99  ? 203 HIS A CG  1 
ATOM   1506 N ND1 . HIS A 1 203 ? -28.862 10.710  -14.291 1.00 99.00  ? 203 HIS A ND1 1 
ATOM   1507 C CD2 . HIS A 1 203 ? -29.067 11.644  -16.257 1.00 100.00 ? 203 HIS A CD2 1 
ATOM   1508 C CE1 . HIS A 1 203 ? -27.691 11.236  -14.594 1.00 99.18  ? 203 HIS A CE1 1 
ATOM   1509 N NE2 . HIS A 1 203 ? -27.784 11.808  -15.781 1.00 100.00 ? 203 HIS A NE2 1 
ATOM   1510 N N   . SER A 1 204 ? -32.241 7.261   -17.030 1.00 88.41  ? 204 SER A N   1 
ATOM   1511 C CA  . SER A 1 204 ? -33.016 6.771   -18.160 1.00 90.48  ? 204 SER A CA  1 
ATOM   1512 C C   . SER A 1 204 ? -34.335 6.100   -17.813 1.00 94.53  ? 204 SER A C   1 
ATOM   1513 O O   . SER A 1 204 ? -35.302 6.224   -18.560 1.00 98.17  ? 204 SER A O   1 
ATOM   1514 C CB  . SER A 1 204 ? -32.184 5.797   -18.985 1.00 86.90  ? 204 SER A CB  1 
ATOM   1515 O OG  . SER A 1 204 ? -30.970 5.514   -18.334 1.00 86.03  ? 204 SER A OG  1 
ATOM   1516 N N   . PRO A 1 205 ? -34.390 5.341   -16.707 1.00 96.06  ? 205 PRO A N   1 
ATOM   1517 C CA  . PRO A 1 205 ? -35.686 4.721   -16.420 1.00 97.58  ? 205 PRO A CA  1 
ATOM   1518 C C   . PRO A 1 205 ? -36.798 5.768   -16.358 1.00 99.91  ? 205 PRO A C   1 
ATOM   1519 O O   . PRO A 1 205 ? -37.055 6.375   -15.311 1.00 100.00 ? 205 PRO A O   1 
ATOM   1520 C CB  . PRO A 1 205 ? -35.458 4.008   -15.089 1.00 96.33  ? 205 PRO A CB  1 
ATOM   1521 C CG  . PRO A 1 205 ? -34.001 3.747   -15.073 1.00 95.05  ? 205 PRO A CG  1 
ATOM   1522 C CD  . PRO A 1 205 ? -33.381 4.963   -15.709 1.00 95.89  ? 205 PRO A CD  1 
ATOM   1523 N N   . THR A 1 206 ? -37.434 5.963   -17.514 1.00 100.00 ? 206 THR A N   1 
ATOM   1524 C CA  . THR A 1 206 ? -38.523 6.918   -17.722 1.00 100.00 ? 206 THR A CA  1 
ATOM   1525 C C   . THR A 1 206 ? -39.831 6.148   -17.968 1.00 100.00 ? 206 THR A C   1 
ATOM   1526 O O   . THR A 1 206 ? -39.967 5.001   -17.537 1.00 100.00 ? 206 THR A O   1 
ATOM   1527 C CB  . THR A 1 206 ? -38.247 7.789   -18.975 1.00 100.00 ? 206 THR A CB  1 
ATOM   1528 O OG1 . THR A 1 206 ? -38.168 6.944   -20.134 1.00 100.00 ? 206 THR A OG1 1 
ATOM   1529 C CG2 . THR A 1 206 ? -36.933 8.564   -18.828 1.00 100.00 ? 206 THR A CG2 1 
ATOM   1530 N N   . SER A 1 207 ? -40.792 6.802   -18.632 1.00 99.53  ? 207 SER A N   1 
ATOM   1531 C CA  . SER A 1 207 ? -42.088 6.214   -19.006 1.00 98.55  ? 207 SER A CA  1 
ATOM   1532 C C   . SER A 1 207 ? -43.336 6.228   -18.102 1.00 98.96  ? 207 SER A C   1 
ATOM   1533 O O   . SER A 1 207 ? -44.452 6.203   -18.623 1.00 99.68  ? 207 SER A O   1 
ATOM   1534 C CB  . SER A 1 207 ? -41.878 4.774   -19.491 1.00 99.28  ? 207 SER A CB  1 
ATOM   1535 O OG  . SER A 1 207 ? -41.848 3.860   -18.406 1.00 100.00 ? 207 SER A OG  1 
ATOM   1536 N N   . PRO A 1 208 ? -43.188 6.283   -16.762 1.00 100.00 ? 208 PRO A N   1 
ATOM   1537 C CA  . PRO A 1 208 ? -44.412 6.281   -15.953 1.00 100.00 ? 208 PRO A CA  1 
ATOM   1538 C C   . PRO A 1 208 ? -44.932 7.663   -15.544 1.00 100.00 ? 208 PRO A C   1 
ATOM   1539 O O   . PRO A 1 208 ? -44.807 8.645   -16.284 1.00 100.00 ? 208 PRO A O   1 
ATOM   1540 C CB  . PRO A 1 208 ? -44.005 5.468   -14.730 1.00 99.76  ? 208 PRO A CB  1 
ATOM   1541 C CG  . PRO A 1 208 ? -42.545 5.869   -14.528 1.00 100.00 ? 208 PRO A CG  1 
ATOM   1542 C CD  . PRO A 1 208 ? -42.002 6.340   -15.889 1.00 100.00 ? 208 PRO A CD  1 
ATOM   1543 N N   . GLU A 1 209 ? -45.537 7.691   -14.357 1.00 100.00 ? 209 GLU A N   1 
ATOM   1544 C CA  . GLU A 1 209 ? -46.069 8.898   -13.739 1.00 100.00 ? 209 GLU A CA  1 
ATOM   1545 C C   . GLU A 1 209 ? -45.022 9.989   -13.960 1.00 100.00 ? 209 GLU A C   1 
ATOM   1546 O O   . GLU A 1 209 ? -43.967 9.884   -13.290 1.00 100.00 ? 209 GLU A O   1 
ATOM   1547 C CB  . GLU A 1 209 ? -46.184 8.672   -12.242 1.00 100.00 ? 209 GLU A CB  1 
ATOM   1548 C CG  . GLU A 1 209 ? -47.558 8.514   -11.649 1.00 99.84  ? 209 GLU A CG  1 
ATOM   1549 C CD  . GLU A 1 209 ? -47.433 8.370   -10.148 1.00 100.00 ? 209 GLU A CD  1 
ATOM   1550 O OE1 . GLU A 1 209 ? -46.425 8.883   -9.601  1.00 100.00 ? 209 GLU A OE1 1 
ATOM   1551 O OE2 . GLU A 1 209 ? -48.312 7.742   -9.518  1.00 100.00 ? 209 GLU A OE2 1 
ATOM   1552 O OXT . GLU A 1 209 ? -45.247 10.921  -14.766 1.00 100.00 ? 209 GLU A OXT 1 
HETATM 1553 C C1  . NAG B 2 .   ? 14.874  4.057   -8.742  1.00 82.53  ? 401 NAG A C1  1 
HETATM 1554 C C2  . NAG B 2 .   ? 15.315  5.344   -9.466  1.00 87.29  ? 401 NAG A C2  1 
HETATM 1555 C C3  . NAG B 2 .   ? 14.114  6.227   -9.787  1.00 88.27  ? 401 NAG A C3  1 
HETATM 1556 C C4  . NAG B 2 .   ? 13.090  5.415   -10.566 1.00 91.37  ? 401 NAG A C4  1 
HETATM 1557 C C5  . NAG B 2 .   ? 12.709  4.133   -9.785  1.00 93.63  ? 401 NAG A C5  1 
HETATM 1558 C C6  . NAG B 2 .   ? 11.749  3.218   -10.542 1.00 96.39  ? 401 NAG A C6  1 
HETATM 1559 C C7  . NAG B 2 .   ? 17.553  6.162   -9.180  1.00 93.87  ? 401 NAG A C7  1 
HETATM 1560 C C8  . NAG B 2 .   ? 18.554  6.925   -8.330  1.00 92.75  ? 401 NAG A C8  1 
HETATM 1561 N N2  . NAG B 2 .   ? 16.313  6.067   -8.703  1.00 91.78  ? 401 NAG A N2  1 
HETATM 1562 O O3  . NAG B 2 .   ? 14.522  7.338   -10.567 1.00 85.99  ? 401 NAG A O3  1 
HETATM 1563 O O4  . NAG B 2 .   ? 11.940  6.220   -10.782 1.00 92.41  ? 401 NAG A O4  1 
HETATM 1564 O O5  . NAG B 2 .   ? 13.886  3.345   -9.496  1.00 89.44  ? 401 NAG A O5  1 
HETATM 1565 O O6  . NAG B 2 .   ? 12.439  2.140   -11.168 1.00 99.48  ? 401 NAG A O6  1 
HETATM 1566 O O7  . NAG B 2 .   ? 17.892  5.669   -10.261 1.00 96.40  ? 401 NAG A O7  1 
HETATM 1567 O O   . HOH C 3 .   ? -1.480  -3.096  11.451  1.00 61.30  ? 251 HOH A O   1 
HETATM 1568 O O   . HOH C 3 .   ? 22.094  6.631   5.244   1.00 46.26  ? 252 HOH A O   1 
HETATM 1569 O O   . HOH C 3 .   ? 35.308  -4.850  27.932  1.00 56.99  ? 253 HOH A O   1 
HETATM 1570 O O   . HOH C 3 .   ? 0.826   2.037   -8.409  1.00 37.22  ? 254 HOH A O   1 
HETATM 1571 O O   . HOH C 3 .   ? -12.978 0.160   0.393   1.00 33.07  ? 255 HOH A O   1 
HETATM 1572 O O   . HOH C 3 .   ? 4.933   3.376   8.813   1.00 44.96  ? 256 HOH A O   1 
HETATM 1573 O O   . HOH C 3 .   ? -18.879 -12.383 -16.155 1.00 43.23  ? 257 HOH A O   1 
HETATM 1574 O O   . HOH C 3 .   ? 6.598   -5.162  0.529   1.00 22.85  ? 258 HOH A O   1 
HETATM 1575 O O   . HOH C 3 .   ? -2.148  -11.145 6.196   1.00 48.13  ? 259 HOH A O   1 
HETATM 1576 O O   . HOH C 3 .   ? 6.162   6.599   1.899   1.00 24.92  ? 260 HOH A O   1 
HETATM 1577 O O   . HOH C 3 .   ? -7.875  6.031   9.526   1.00 47.86  ? 261 HOH A O   1 
HETATM 1578 O O   . HOH C 3 .   ? -4.804  6.257   -6.268  1.00 41.44  ? 262 HOH A O   1 
HETATM 1579 O O   . HOH C 3 .   ? 9.757   -10.544 6.664   1.00 55.11  ? 263 HOH A O   1 
HETATM 1580 O O   . HOH C 3 .   ? -20.507 -11.162 -1.783  1.00 25.42  ? 264 HOH A O   1 
HETATM 1581 O O   . HOH C 3 .   ? 7.179   -15.334 10.676  1.00 60.00  ? 265 HOH A O   1 
HETATM 1582 O O   . HOH C 3 .   ? -19.593 -12.446 -8.111  1.00 35.01  ? 266 HOH A O   1 
HETATM 1583 O O   . HOH C 3 .   ? -4.337  5.797   9.808   1.00 32.09  ? 267 HOH A O   1 
HETATM 1584 O O   . HOH C 3 .   ? -25.750 -1.425  -16.954 1.00 35.54  ? 268 HOH A O   1 
HETATM 1585 O O   . HOH C 3 .   ? -22.194 -5.074  -16.868 1.00 49.38  ? 269 HOH A O   1 
HETATM 1586 O O   . HOH C 3 .   ? -16.215 8.105   -15.205 1.00 28.17  ? 270 HOH A O   1 
HETATM 1587 O O   . HOH C 3 .   ? -13.774 -6.793  -1.198  1.00 48.87  ? 271 HOH A O   1 
HETATM 1588 O O   . HOH C 3 .   ? 37.964  -2.839  27.804  1.00 87.41  ? 272 HOH A O   1 
HETATM 1589 O O   . HOH C 3 .   ? -20.279 -2.434  -1.095  1.00 43.80  ? 273 HOH A O   1 
HETATM 1590 O O   . HOH C 3 .   ? 31.064  -2.092  30.359  1.00 44.90  ? 274 HOH A O   1 
HETATM 1591 O O   . HOH C 3 .   ? -0.472  -14.713 8.489   1.00 55.05  ? 275 HOH A O   1 
HETATM 1592 O O   . HOH C 3 .   ? -28.323 0.510   -0.494  1.00 50.85  ? 276 HOH A O   1 
HETATM 1593 O O   . HOH C 3 .   ? -34.569 -3.071  -15.634 1.00 40.72  ? 277 HOH A O   1 
HETATM 1594 O O   . HOH C 3 .   ? 23.400  14.912  -0.651  1.00 41.00  ? 278 HOH A O   1 
HETATM 1595 O O   . HOH C 3 .   ? -4.401  1.947   9.009   1.00 40.02  ? 279 HOH A O   1 
HETATM 1596 O O   . HOH C 3 .   ? 6.553   4.346   15.098  1.00 44.55  ? 280 HOH A O   1 
HETATM 1597 O O   . HOH C 3 .   ? 28.682  6.829   33.062  1.00 81.82  ? 281 HOH A O   1 
HETATM 1598 O O   . HOH C 3 .   ? 22.231  3.277   -2.593  1.00 33.37  ? 282 HOH A O   1 
HETATM 1599 O O   . HOH C 3 .   ? -6.867  1.765   9.746   1.00 35.19  ? 283 HOH A O   1 
HETATM 1600 O O   . HOH C 3 .   ? 18.673  14.744  -0.741  1.00 48.70  ? 284 HOH A O   1 
HETATM 1601 O O   . HOH C 3 .   ? 28.609  2.887   7.298   1.00 28.59  ? 285 HOH A O   1 
HETATM 1602 O O   . HOH C 3 .   ? -16.713 1.971   2.501   1.00 58.48  ? 286 HOH A O   1 
HETATM 1603 O O   . HOH C 3 .   ? 16.781  15.159  4.275   1.00 45.34  ? 287 HOH A O   1 
HETATM 1604 O O   . HOH C 3 .   ? 23.541  18.852  0.137   1.00 81.73  ? 288 HOH A O   1 
HETATM 1605 O O   . HOH C 3 .   ? 39.230  -3.924  25.686  1.00 52.00  ? 289 HOH A O   1 
HETATM 1606 O O   . HOH C 3 .   ? 15.453  -11.908 9.365   1.00 53.03  ? 290 HOH A O   1 
HETATM 1607 O O   . HOH C 3 .   ? 13.879  17.797  10.347  1.00 42.56  ? 291 HOH A O   1 
HETATM 1608 O O   . HOH C 3 .   ? -13.760 -11.530 -16.647 1.00 72.42  ? 292 HOH A O   1 
HETATM 1609 O O   . HOH C 3 .   ? 51.019  10.579  20.507  1.00 59.18  ? 293 HOH A O   1 
HETATM 1610 O O   . HOH C 3 .   ? 27.672  -4.537  16.302  1.00 47.12  ? 294 HOH A O   1 
HETATM 1611 O O   . HOH C 3 .   ? 7.561   4.432   11.823  1.00 48.48  ? 295 HOH A O   1 
HETATM 1612 O O   . HOH C 3 .   ? -17.760 8.983   -0.041  1.00 48.00  ? 296 HOH A O   1 
HETATM 1613 O O   . HOH C 3 .   ? 15.621  15.666  1.599   1.00 59.17  ? 297 HOH A O   1 
HETATM 1614 O O   . HOH C 3 .   ? 1.634   -5.001  -19.237 1.00 78.21  ? 298 HOH A O   1 
HETATM 1615 O O   . HOH C 3 .   ? 1.234   1.400   13.942  1.00 47.49  ? 299 HOH A O   1 
HETATM 1616 O O   . HOH C 3 .   ? 17.543  -14.824 10.009  1.00 41.90  ? 300 HOH A O   1 
HETATM 1617 O O   . HOH C 3 .   ? 26.213  9.291   24.153  1.00 83.16  ? 301 HOH A O   1 
HETATM 1618 O O   . HOH C 3 .   ? -3.121  0.926   13.906  1.00 95.17  ? 302 HOH A O   1 
HETATM 1619 O O   . HOH C 3 .   ? -13.275 -0.976  2.804   1.00 32.05  ? 303 HOH A O   1 
HETATM 1620 O O   . HOH C 3 .   ? -17.712 -15.286 -18.241 1.00 43.75  ? 304 HOH A O   1 
HETATM 1621 O O   . HOH C 3 .   ? -26.820 4.214   -21.472 1.00 59.55  ? 305 HOH A O   1 
HETATM 1622 O O   . HOH C 3 .   ? -12.174 -10.084 -1.072  1.00 59.98  ? 306 HOH A O   1 
HETATM 1623 O O   . HOH C 3 .   ? 17.628  -9.899  8.505   1.00 37.45  ? 307 HOH A O   1 
HETATM 1624 O O   . HOH C 3 .   ? 13.004  -10.209 5.602   1.00 46.86  ? 308 HOH A O   1 
HETATM 1625 O O   . HOH C 3 .   ? 16.608  16.944  8.139   1.00 57.68  ? 309 HOH A O   1 
HETATM 1626 O O   . HOH C 3 .   ? 9.329   -13.390 8.714   1.00 67.08  ? 310 HOH A O   1 
HETATM 1627 O O   . HOH C 3 .   ? 14.121  15.615  8.614   1.00 50.87  ? 311 HOH A O   1 
HETATM 1628 O O   . HOH C 3 .   ? -0.211  -5.363  12.187  1.00 77.99  ? 312 HOH A O   1 
HETATM 1629 O O   . HOH C 3 .   ? 17.903  -12.404 9.289   1.00 51.58  ? 313 HOH A O   1 
HETATM 1630 O O   . HOH C 3 .   ? 5.978   -1.203  -13.440 1.00 69.01  ? 314 HOH A O   1 
HETATM 1631 O O   . HOH C 3 .   ? 0.190   -7.365  3.984   1.00 42.04  ? 315 HOH A O   1 
HETATM 1632 O O   . HOH C 3 .   ? 1.779   -8.994  5.322   1.00 37.95  ? 316 HOH A O   1 
HETATM 1633 O O   . HOH C 3 .   ? 5.016   -8.850  5.007   1.00 44.90  ? 317 HOH A O   1 
HETATM 1634 O O   . HOH C 3 .   ? -21.370 -8.778  -0.503  1.00 37.21  ? 318 HOH A O   1 
HETATM 1635 O O   . HOH C 3 .   ? 13.990  -4.682  -14.807 1.00 53.91  ? 319 HOH A O   1 
HETATM 1636 O O   . HOH C 3 .   ? 10.760  -3.136  -8.439  1.00 37.24  ? 320 HOH A O   1 
HETATM 1637 O O   . HOH C 3 .   ? -0.826  -5.752  -18.135 1.00 62.01  ? 321 HOH A O   1 
HETATM 1638 O O   . HOH C 3 .   ? 24.344  9.172   32.788  1.00 45.25  ? 322 HOH A O   1 
HETATM 1639 O O   . HOH C 3 .   ? 22.409  14.465  -5.528  1.00 45.98  ? 323 HOH A O   1 
HETATM 1640 O O   . HOH C 3 .   ? 22.259  5.117   32.543  1.00 48.29  ? 324 HOH A O   1 
HETATM 1641 O O   . HOH C 3 .   ? 22.931  11.888  25.821  1.00 61.35  ? 325 HOH A O   1 
HETATM 1642 O O   . HOH C 3 .   ? 23.607  10.576  37.042  1.00 46.94  ? 326 HOH A O   1 
HETATM 1643 O O   . HOH C 3 .   ? 29.383  4.808   13.987  1.00 45.67  ? 327 HOH A O   1 
HETATM 1644 O O   . HOH C 3 .   ? -12.269 -5.500  -17.417 1.00 60.64  ? 328 HOH A O   1 
HETATM 1645 O O   . HOH C 3 .   ? -7.641  -8.076  -12.803 1.00 44.28  ? 329 HOH A O   1 
# 
